data_1CZT
# 
_entry.id   1CZT 
# 
_audit_conform.dict_name       mmcif_pdbx.dic 
_audit_conform.dict_version    5.398 
_audit_conform.dict_location   http://mmcif.pdb.org/dictionaries/ascii/mmcif_pdbx.dic 
# 
loop_
_database_2.database_id 
_database_2.database_code 
_database_2.pdbx_database_accession 
_database_2.pdbx_DOI 
PDB   1CZT         pdb_00001czt 10.2210/pdb1czt/pdb 
RCSB  RCSB009656   ?            ?                   
WWPDB D_1000009656 ?            ?                   
# 
loop_
_pdbx_audit_revision_history.ordinal 
_pdbx_audit_revision_history.data_content_type 
_pdbx_audit_revision_history.major_revision 
_pdbx_audit_revision_history.minor_revision 
_pdbx_audit_revision_history.revision_date 
1 'Structure model' 1 0 1999-11-26 
2 'Structure model' 1 1 2008-04-27 
3 'Structure model' 1 2 2011-07-13 
4 'Structure model' 1 3 2023-08-09 
5 'Structure model' 1 4 2024-11-13 
# 
_pdbx_audit_revision_details.ordinal             1 
_pdbx_audit_revision_details.revision_ordinal    1 
_pdbx_audit_revision_details.data_content_type   'Structure model' 
_pdbx_audit_revision_details.provider            repository 
_pdbx_audit_revision_details.type                'Initial release' 
_pdbx_audit_revision_details.description         ? 
_pdbx_audit_revision_details.details             ? 
# 
loop_
_pdbx_audit_revision_group.ordinal 
_pdbx_audit_revision_group.revision_ordinal 
_pdbx_audit_revision_group.data_content_type 
_pdbx_audit_revision_group.group 
1 2 'Structure model' 'Version format compliance' 
2 3 'Structure model' 'Version format compliance' 
3 4 'Structure model' 'Data collection'           
4 4 'Structure model' 'Database references'       
5 4 'Structure model' 'Refinement description'    
6 5 'Structure model' 'Structure summary'         
# 
loop_
_pdbx_audit_revision_category.ordinal 
_pdbx_audit_revision_category.revision_ordinal 
_pdbx_audit_revision_category.data_content_type 
_pdbx_audit_revision_category.category 
1 4 'Structure model' chem_comp_atom                
2 4 'Structure model' chem_comp_bond                
3 4 'Structure model' database_2                    
4 4 'Structure model' pdbx_initial_refinement_model 
5 5 'Structure model' pdbx_entry_details            
6 5 'Structure model' pdbx_modification_feature     
# 
loop_
_pdbx_audit_revision_item.ordinal 
_pdbx_audit_revision_item.revision_ordinal 
_pdbx_audit_revision_item.data_content_type 
_pdbx_audit_revision_item.item 
1 4 'Structure model' '_database_2.pdbx_DOI'                
2 4 'Structure model' '_database_2.pdbx_database_accession' 
# 
_pdbx_database_status.status_code                     REL 
_pdbx_database_status.entry_id                        1CZT 
_pdbx_database_status.recvd_initial_deposition_date   1999-09-07 
_pdbx_database_status.deposit_site                    RCSB 
_pdbx_database_status.process_site                    RCSB 
_pdbx_database_status.SG_entry                        . 
_pdbx_database_status.pdb_format_compatible           Y 
_pdbx_database_status.status_code_mr                  ? 
_pdbx_database_status.status_code_sf                  ? 
_pdbx_database_status.status_code_cs                  ? 
_pdbx_database_status.status_code_nmr_data            ? 
_pdbx_database_status.methods_development_category    ? 
# 
loop_
_pdbx_database_related.db_name 
_pdbx_database_related.db_id 
_pdbx_database_related.details 
_pdbx_database_related.content_type 
PDB 1CZS . unspecified 
PDB 1CZV . unspecified 
# 
loop_
_audit_author.name 
_audit_author.pdbx_ordinal 
'Macedo-Ribeiro, S.' 1 
'Bode, W.'           2 
'Huber, R.'          3 
'Kane, W.H.'         4 
'Fuentes-Prior, P.'  5 
# 
_citation.id                        primary 
_citation.title                     'Crystal structures of the membrane-binding C2 domain of human coagulation factor V.' 
_citation.journal_abbrev            Nature 
_citation.journal_volume            402 
_citation.page_first                434 
_citation.page_last                 439 
_citation.year                      1999 
_citation.journal_id_ASTM           NATUAS 
_citation.country                   UK 
_citation.journal_id_ISSN           0028-0836 
_citation.journal_id_CSD            0006 
_citation.book_publisher            ? 
_citation.pdbx_database_id_PubMed   10586886 
_citation.pdbx_database_id_DOI      10.1038/46594 
# 
loop_
_citation_author.citation_id 
_citation_author.name 
_citation_author.ordinal 
_citation_author.identifier_ORCID 
primary 'Macedo-Ribeiro, S.' 1  ? 
primary 'Bode, W.'           2  ? 
primary 'Huber, R.'          3  ? 
primary 'Quinn-Allen, M.A.'  4  ? 
primary 'Kim, S.W.'          5  ? 
primary 'Ortel, T.L.'        6  ? 
primary 'Bourenkov, G.P.'    7  ? 
primary 'Bartunik, H.D.'     8  ? 
primary 'Stubbs, M.T.'       9  ? 
primary 'Kane, W.H.'         10 ? 
primary 'Fuentes-Prior, P.'  11 ? 
# 
loop_
_entity.id 
_entity.type 
_entity.src_method 
_entity.pdbx_description 
_entity.formula_weight 
_entity.pdbx_number_of_molecules 
_entity.pdbx_ec 
_entity.pdbx_mutation 
_entity.pdbx_fragment 
_entity.details 
1 polymer man 'PROTEIN (COAGULATION FACTOR V)' 18611.420 1  ? ? 'C2 DISCOIDIN-LIKE DOMAIN' ? 
2 water   nat water                            18.015    90 ? ? ?                          ? 
# 
_entity_name_com.entity_id   1 
_entity_name_com.name        'ACTIVATED PROTEIN C COFACTOR' 
# 
_entity_poly.entity_id                      1 
_entity_poly.type                           'polypeptide(L)' 
_entity_poly.nstd_linkage                   no 
_entity_poly.nstd_monomer                   no 
_entity_poly.pdbx_seq_one_letter_code       
;GCSTPLGMENGKIENKQITASSFKKSWWGDYWEPFRARLNAQGRVNAWQAKANNNKQWLEIDLLKIKKITAIITQGCKSL
SSEMYVKSYTIHYSEQGVEWKPYRLKSSMVDKIFEGNTNTKGHVKNFFNPPIISRFIRVIPKTWNQSITLRLELFGCDIY
;
_entity_poly.pdbx_seq_one_letter_code_can   
;GCSTPLGMENGKIENKQITASSFKKSWWGDYWEPFRARLNAQGRVNAWQAKANNNKQWLEIDLLKIKKITAIITQGCKSL
SSEMYVKSYTIHYSEQGVEWKPYRLKSSMVDKIFEGNTNTKGHVKNFFNPPIISRFIRVIPKTWNQSITLRLELFGCDIY
;
_entity_poly.pdbx_strand_id                 A 
_entity_poly.pdbx_target_identifier         ? 
# 
_pdbx_entity_nonpoly.entity_id   2 
_pdbx_entity_nonpoly.name        water 
_pdbx_entity_nonpoly.comp_id     HOH 
# 
loop_
_entity_poly_seq.entity_id 
_entity_poly_seq.num 
_entity_poly_seq.mon_id 
_entity_poly_seq.hetero 
1 1   GLY n 
1 2   CYS n 
1 3   SER n 
1 4   THR n 
1 5   PRO n 
1 6   LEU n 
1 7   GLY n 
1 8   MET n 
1 9   GLU n 
1 10  ASN n 
1 11  GLY n 
1 12  LYS n 
1 13  ILE n 
1 14  GLU n 
1 15  ASN n 
1 16  LYS n 
1 17  GLN n 
1 18  ILE n 
1 19  THR n 
1 20  ALA n 
1 21  SER n 
1 22  SER n 
1 23  PHE n 
1 24  LYS n 
1 25  LYS n 
1 26  SER n 
1 27  TRP n 
1 28  TRP n 
1 29  GLY n 
1 30  ASP n 
1 31  TYR n 
1 32  TRP n 
1 33  GLU n 
1 34  PRO n 
1 35  PHE n 
1 36  ARG n 
1 37  ALA n 
1 38  ARG n 
1 39  LEU n 
1 40  ASN n 
1 41  ALA n 
1 42  GLN n 
1 43  GLY n 
1 44  ARG n 
1 45  VAL n 
1 46  ASN n 
1 47  ALA n 
1 48  TRP n 
1 49  GLN n 
1 50  ALA n 
1 51  LYS n 
1 52  ALA n 
1 53  ASN n 
1 54  ASN n 
1 55  ASN n 
1 56  LYS n 
1 57  GLN n 
1 58  TRP n 
1 59  LEU n 
1 60  GLU n 
1 61  ILE n 
1 62  ASP n 
1 63  LEU n 
1 64  LEU n 
1 65  LYS n 
1 66  ILE n 
1 67  LYS n 
1 68  LYS n 
1 69  ILE n 
1 70  THR n 
1 71  ALA n 
1 72  ILE n 
1 73  ILE n 
1 74  THR n 
1 75  GLN n 
1 76  GLY n 
1 77  CYS n 
1 78  LYS n 
1 79  SER n 
1 80  LEU n 
1 81  SER n 
1 82  SER n 
1 83  GLU n 
1 84  MET n 
1 85  TYR n 
1 86  VAL n 
1 87  LYS n 
1 88  SER n 
1 89  TYR n 
1 90  THR n 
1 91  ILE n 
1 92  HIS n 
1 93  TYR n 
1 94  SER n 
1 95  GLU n 
1 96  GLN n 
1 97  GLY n 
1 98  VAL n 
1 99  GLU n 
1 100 TRP n 
1 101 LYS n 
1 102 PRO n 
1 103 TYR n 
1 104 ARG n 
1 105 LEU n 
1 106 LYS n 
1 107 SER n 
1 108 SER n 
1 109 MET n 
1 110 VAL n 
1 111 ASP n 
1 112 LYS n 
1 113 ILE n 
1 114 PHE n 
1 115 GLU n 
1 116 GLY n 
1 117 ASN n 
1 118 THR n 
1 119 ASN n 
1 120 THR n 
1 121 LYS n 
1 122 GLY n 
1 123 HIS n 
1 124 VAL n 
1 125 LYS n 
1 126 ASN n 
1 127 PHE n 
1 128 PHE n 
1 129 ASN n 
1 130 PRO n 
1 131 PRO n 
1 132 ILE n 
1 133 ILE n 
1 134 SER n 
1 135 ARG n 
1 136 PHE n 
1 137 ILE n 
1 138 ARG n 
1 139 VAL n 
1 140 ILE n 
1 141 PRO n 
1 142 LYS n 
1 143 THR n 
1 144 TRP n 
1 145 ASN n 
1 146 GLN n 
1 147 SER n 
1 148 ILE n 
1 149 THR n 
1 150 LEU n 
1 151 ARG n 
1 152 LEU n 
1 153 GLU n 
1 154 LEU n 
1 155 PHE n 
1 156 GLY n 
1 157 CYS n 
1 158 ASP n 
1 159 ILE n 
1 160 TYR n 
# 
_entity_src_gen.entity_id                          1 
_entity_src_gen.pdbx_src_id                        1 
_entity_src_gen.pdbx_alt_source_flag               sample 
_entity_src_gen.pdbx_seq_type                      ? 
_entity_src_gen.pdbx_beg_seq_num                   ? 
_entity_src_gen.pdbx_end_seq_num                   ? 
_entity_src_gen.gene_src_common_name               human 
_entity_src_gen.gene_src_genus                     Homo 
_entity_src_gen.pdbx_gene_src_gene                 ? 
_entity_src_gen.gene_src_species                   ? 
_entity_src_gen.gene_src_strain                    ? 
_entity_src_gen.gene_src_tissue                    BLOOD 
_entity_src_gen.gene_src_tissue_fraction           ? 
_entity_src_gen.gene_src_details                   ? 
_entity_src_gen.pdbx_gene_src_fragment             ? 
_entity_src_gen.pdbx_gene_src_scientific_name      'Homo sapiens' 
_entity_src_gen.pdbx_gene_src_ncbi_taxonomy_id     9606 
_entity_src_gen.pdbx_gene_src_variant              ? 
_entity_src_gen.pdbx_gene_src_cell_line            ? 
_entity_src_gen.pdbx_gene_src_atcc                 ? 
_entity_src_gen.pdbx_gene_src_organ                ? 
_entity_src_gen.pdbx_gene_src_organelle            ? 
_entity_src_gen.pdbx_gene_src_cell                 ? 
_entity_src_gen.pdbx_gene_src_cellular_location    ? 
_entity_src_gen.host_org_common_name               'BACULOVIRUS-DRIVEN INSECT CELL SYSTEM' 
_entity_src_gen.pdbx_host_org_scientific_name      ? 
_entity_src_gen.pdbx_host_org_ncbi_taxonomy_id     ? 
_entity_src_gen.host_org_genus                     ? 
_entity_src_gen.pdbx_host_org_gene                 ? 
_entity_src_gen.pdbx_host_org_organ                ? 
_entity_src_gen.host_org_species                   ? 
_entity_src_gen.pdbx_host_org_tissue               ? 
_entity_src_gen.pdbx_host_org_tissue_fraction      ? 
_entity_src_gen.pdbx_host_org_strain               ? 
_entity_src_gen.pdbx_host_org_variant              ? 
_entity_src_gen.pdbx_host_org_cell_line            ? 
_entity_src_gen.pdbx_host_org_atcc                 ? 
_entity_src_gen.pdbx_host_org_culture_collection   ? 
_entity_src_gen.pdbx_host_org_cell                 ? 
_entity_src_gen.pdbx_host_org_organelle            ? 
_entity_src_gen.pdbx_host_org_cellular_location    ? 
_entity_src_gen.pdbx_host_org_vector_type          ? 
_entity_src_gen.pdbx_host_org_vector               ? 
_entity_src_gen.host_org_details                   ? 
_entity_src_gen.expression_system_id               ? 
_entity_src_gen.plasmid_name                       ? 
_entity_src_gen.plasmid_details                    ? 
_entity_src_gen.pdbx_description                   ? 
# 
loop_
_chem_comp.id 
_chem_comp.type 
_chem_comp.mon_nstd_flag 
_chem_comp.name 
_chem_comp.pdbx_synonyms 
_chem_comp.formula 
_chem_comp.formula_weight 
ALA 'L-peptide linking' y ALANINE         ? 'C3 H7 N O2'     89.093  
ARG 'L-peptide linking' y ARGININE        ? 'C6 H15 N4 O2 1' 175.209 
ASN 'L-peptide linking' y ASPARAGINE      ? 'C4 H8 N2 O3'    132.118 
ASP 'L-peptide linking' y 'ASPARTIC ACID' ? 'C4 H7 N O4'     133.103 
CYS 'L-peptide linking' y CYSTEINE        ? 'C3 H7 N O2 S'   121.158 
GLN 'L-peptide linking' y GLUTAMINE       ? 'C5 H10 N2 O3'   146.144 
GLU 'L-peptide linking' y 'GLUTAMIC ACID' ? 'C5 H9 N O4'     147.129 
GLY 'peptide linking'   y GLYCINE         ? 'C2 H5 N O2'     75.067  
HIS 'L-peptide linking' y HISTIDINE       ? 'C6 H10 N3 O2 1' 156.162 
HOH non-polymer         . WATER           ? 'H2 O'           18.015  
ILE 'L-peptide linking' y ISOLEUCINE      ? 'C6 H13 N O2'    131.173 
LEU 'L-peptide linking' y LEUCINE         ? 'C6 H13 N O2'    131.173 
LYS 'L-peptide linking' y LYSINE          ? 'C6 H15 N2 O2 1' 147.195 
MET 'L-peptide linking' y METHIONINE      ? 'C5 H11 N O2 S'  149.211 
PHE 'L-peptide linking' y PHENYLALANINE   ? 'C9 H11 N O2'    165.189 
PRO 'L-peptide linking' y PROLINE         ? 'C5 H9 N O2'     115.130 
SER 'L-peptide linking' y SERINE          ? 'C3 H7 N O3'     105.093 
THR 'L-peptide linking' y THREONINE       ? 'C4 H9 N O3'     119.119 
TRP 'L-peptide linking' y TRYPTOPHAN      ? 'C11 H12 N2 O2'  204.225 
TYR 'L-peptide linking' y TYROSINE        ? 'C9 H11 N O3'    181.189 
VAL 'L-peptide linking' y VALINE          ? 'C5 H11 N O2'    117.146 
# 
loop_
_pdbx_poly_seq_scheme.asym_id 
_pdbx_poly_seq_scheme.entity_id 
_pdbx_poly_seq_scheme.seq_id 
_pdbx_poly_seq_scheme.mon_id 
_pdbx_poly_seq_scheme.ndb_seq_num 
_pdbx_poly_seq_scheme.pdb_seq_num 
_pdbx_poly_seq_scheme.auth_seq_num 
_pdbx_poly_seq_scheme.pdb_mon_id 
_pdbx_poly_seq_scheme.auth_mon_id 
_pdbx_poly_seq_scheme.pdb_strand_id 
_pdbx_poly_seq_scheme.pdb_ins_code 
_pdbx_poly_seq_scheme.hetero 
A 1 1   GLY 1   0   0   GLY GLY A . n 
A 1 2   CYS 2   1   1   CYS CYS A . n 
A 1 3   SER 3   2   2   SER SER A . n 
A 1 4   THR 4   3   3   THR THR A . n 
A 1 5   PRO 5   4   4   PRO PRO A . n 
A 1 6   LEU 6   5   5   LEU LEU A . n 
A 1 7   GLY 7   6   6   GLY GLY A . n 
A 1 8   MET 8   7   7   MET MET A . n 
A 1 9   GLU 9   8   8   GLU GLU A . n 
A 1 10  ASN 10  9   9   ASN ASN A . n 
A 1 11  GLY 11  10  10  GLY GLY A . n 
A 1 12  LYS 12  11  11  LYS LYS A . n 
A 1 13  ILE 13  12  12  ILE ILE A . n 
A 1 14  GLU 14  13  13  GLU GLU A . n 
A 1 15  ASN 15  14  14  ASN ASN A . n 
A 1 16  LYS 16  15  15  LYS LYS A . n 
A 1 17  GLN 17  16  16  GLN GLN A . n 
A 1 18  ILE 18  17  17  ILE ILE A . n 
A 1 19  THR 19  18  18  THR THR A . n 
A 1 20  ALA 20  19  19  ALA ALA A . n 
A 1 21  SER 21  20  20  SER SER A . n 
A 1 22  SER 22  21  21  SER SER A . n 
A 1 23  PHE 23  22  22  PHE PHE A . n 
A 1 24  LYS 24  23  23  LYS LYS A . n 
A 1 25  LYS 25  24  24  LYS LYS A . n 
A 1 26  SER 26  25  25  SER SER A . n 
A 1 27  TRP 27  26  26  TRP TRP A . n 
A 1 28  TRP 28  27  27  TRP TRP A . n 
A 1 29  GLY 29  28  28  GLY GLY A . n 
A 1 30  ASP 30  29  29  ASP ASP A . n 
A 1 31  TYR 31  30  30  TYR TYR A . n 
A 1 32  TRP 32  31  31  TRP TRP A . n 
A 1 33  GLU 33  32  32  GLU GLU A . n 
A 1 34  PRO 34  33  33  PRO PRO A . n 
A 1 35  PHE 35  34  34  PHE PHE A . n 
A 1 36  ARG 36  35  35  ARG ARG A . n 
A 1 37  ALA 37  36  36  ALA ALA A . n 
A 1 38  ARG 38  37  37  ARG ARG A . n 
A 1 39  LEU 39  38  38  LEU LEU A . n 
A 1 40  ASN 40  39  39  ASN ASN A . n 
A 1 41  ALA 41  40  40  ALA ALA A . n 
A 1 42  GLN 42  41  41  GLN GLN A . n 
A 1 43  GLY 43  42  42  GLY GLY A . n 
A 1 44  ARG 44  43  43  ARG ARG A . n 
A 1 45  VAL 45  44  44  VAL VAL A . n 
A 1 46  ASN 46  45  45  ASN ASN A . n 
A 1 47  ALA 47  46  46  ALA ALA A . n 
A 1 48  TRP 48  47  47  TRP TRP A . n 
A 1 49  GLN 49  48  48  GLN GLN A . n 
A 1 50  ALA 50  49  49  ALA ALA A . n 
A 1 51  LYS 51  50  50  LYS LYS A . n 
A 1 52  ALA 52  51  51  ALA ALA A . n 
A 1 53  ASN 53  52  52  ASN ASN A . n 
A 1 54  ASN 54  53  53  ASN ASN A . n 
A 1 55  ASN 55  54  54  ASN ASN A . n 
A 1 56  LYS 56  55  55  LYS LYS A . n 
A 1 57  GLN 57  56  56  GLN GLN A . n 
A 1 58  TRP 58  57  57  TRP TRP A . n 
A 1 59  LEU 59  58  58  LEU LEU A . n 
A 1 60  GLU 60  59  59  GLU GLU A . n 
A 1 61  ILE 61  60  60  ILE ILE A . n 
A 1 62  ASP 62  61  61  ASP ASP A . n 
A 1 63  LEU 63  62  62  LEU LEU A . n 
A 1 64  LEU 64  63  63  LEU LEU A . n 
A 1 65  LYS 65  64  64  LYS LYS A . n 
A 1 66  ILE 66  65  65  ILE ILE A . n 
A 1 67  LYS 67  66  66  LYS LYS A . n 
A 1 68  LYS 68  67  67  LYS LYS A . n 
A 1 69  ILE 69  68  68  ILE ILE A . n 
A 1 70  THR 70  69  69  THR THR A . n 
A 1 71  ALA 71  70  70  ALA ALA A . n 
A 1 72  ILE 72  71  71  ILE ILE A . n 
A 1 73  ILE 73  72  72  ILE ILE A . n 
A 1 74  THR 74  73  73  THR THR A . n 
A 1 75  GLN 75  74  74  GLN GLN A . n 
A 1 76  GLY 76  75  75  GLY GLY A . n 
A 1 77  CYS 77  76  76  CYS CYS A . n 
A 1 78  LYS 78  77  77  LYS LYS A . n 
A 1 79  SER 79  78  78  SER SER A . n 
A 1 80  LEU 80  79  79  LEU LEU A . n 
A 1 81  SER 81  80  80  SER SER A . n 
A 1 82  SER 82  81  81  SER SER A . n 
A 1 83  GLU 83  82  82  GLU GLU A . n 
A 1 84  MET 84  83  83  MET MET A . n 
A 1 85  TYR 85  84  84  TYR TYR A . n 
A 1 86  VAL 86  85  85  VAL VAL A . n 
A 1 87  LYS 87  86  86  LYS LYS A . n 
A 1 88  SER 88  87  87  SER SER A . n 
A 1 89  TYR 89  88  88  TYR TYR A . n 
A 1 90  THR 90  89  89  THR THR A . n 
A 1 91  ILE 91  90  90  ILE ILE A . n 
A 1 92  HIS 92  91  91  HIS HIS A . n 
A 1 93  TYR 93  92  92  TYR TYR A . n 
A 1 94  SER 94  93  93  SER SER A . n 
A 1 95  GLU 95  94  94  GLU GLU A . n 
A 1 96  GLN 96  95  95  GLN GLN A . n 
A 1 97  GLY 97  96  96  GLY GLY A . n 
A 1 98  VAL 98  97  97  VAL VAL A . n 
A 1 99  GLU 99  98  98  GLU GLU A . n 
A 1 100 TRP 100 99  99  TRP TRP A . n 
A 1 101 LYS 101 100 100 LYS LYS A . n 
A 1 102 PRO 102 101 101 PRO PRO A . n 
A 1 103 TYR 103 102 102 TYR TYR A . n 
A 1 104 ARG 104 103 103 ARG ARG A . n 
A 1 105 LEU 105 104 104 LEU LEU A . n 
A 1 106 LYS 106 105 105 LYS LYS A . n 
A 1 107 SER 107 106 106 SER SER A . n 
A 1 108 SER 108 107 107 SER SER A . n 
A 1 109 MET 109 108 108 MET MET A . n 
A 1 110 VAL 110 109 109 VAL VAL A . n 
A 1 111 ASP 111 110 110 ASP ASP A . n 
A 1 112 LYS 112 111 111 LYS LYS A . n 
A 1 113 ILE 113 112 112 ILE ILE A . n 
A 1 114 PHE 114 113 113 PHE PHE A . n 
A 1 115 GLU 115 114 114 GLU GLU A . n 
A 1 116 GLY 116 115 115 GLY GLY A . n 
A 1 117 ASN 117 116 116 ASN ASN A . n 
A 1 118 THR 118 117 117 THR THR A . n 
A 1 119 ASN 119 118 118 ASN ASN A . n 
A 1 120 THR 120 119 119 THR THR A . n 
A 1 121 LYS 121 120 120 LYS LYS A . n 
A 1 122 GLY 122 121 121 GLY GLY A . n 
A 1 123 HIS 123 122 122 HIS HIS A . n 
A 1 124 VAL 124 123 123 VAL VAL A . n 
A 1 125 LYS 125 124 124 LYS LYS A . n 
A 1 126 ASN 126 125 125 ASN ASN A . n 
A 1 127 PHE 127 126 126 PHE PHE A . n 
A 1 128 PHE 128 127 127 PHE PHE A . n 
A 1 129 ASN 129 128 128 ASN ASN A . n 
A 1 130 PRO 130 129 129 PRO PRO A . n 
A 1 131 PRO 131 130 130 PRO PRO A . n 
A 1 132 ILE 132 131 131 ILE ILE A . n 
A 1 133 ILE 133 132 132 ILE ILE A . n 
A 1 134 SER 134 133 133 SER SER A . n 
A 1 135 ARG 135 134 134 ARG ARG A . n 
A 1 136 PHE 136 135 135 PHE PHE A . n 
A 1 137 ILE 137 136 136 ILE ILE A . n 
A 1 138 ARG 138 137 137 ARG ARG A . n 
A 1 139 VAL 139 138 138 VAL VAL A . n 
A 1 140 ILE 140 139 139 ILE ILE A . n 
A 1 141 PRO 141 140 140 PRO PRO A . n 
A 1 142 LYS 142 141 141 LYS LYS A . n 
A 1 143 THR 143 142 142 THR THR A . n 
A 1 144 TRP 144 143 143 TRP TRP A . n 
A 1 145 ASN 145 144 144 ASN ASN A . n 
A 1 146 GLN 146 145 145 GLN GLN A . n 
A 1 147 SER 147 146 146 SER SER A . n 
A 1 148 ILE 148 147 147 ILE ILE A . n 
A 1 149 THR 149 148 148 THR THR A . n 
A 1 150 LEU 150 149 149 LEU LEU A . n 
A 1 151 ARG 151 150 150 ARG ARG A . n 
A 1 152 LEU 152 151 151 LEU LEU A . n 
A 1 153 GLU 153 152 152 GLU GLU A . n 
A 1 154 LEU 154 153 153 LEU LEU A . n 
A 1 155 PHE 155 154 154 PHE PHE A . n 
A 1 156 GLY 156 155 155 GLY GLY A . n 
A 1 157 CYS 157 156 156 CYS CYS A . n 
A 1 158 ASP 158 157 157 ASP ASP A . n 
A 1 159 ILE 159 158 158 ILE ILE A . n 
A 1 160 TYR 160 159 159 TYR TYR A . n 
# 
loop_
_pdbx_nonpoly_scheme.asym_id 
_pdbx_nonpoly_scheme.entity_id 
_pdbx_nonpoly_scheme.mon_id 
_pdbx_nonpoly_scheme.ndb_seq_num 
_pdbx_nonpoly_scheme.pdb_seq_num 
_pdbx_nonpoly_scheme.auth_seq_num 
_pdbx_nonpoly_scheme.pdb_mon_id 
_pdbx_nonpoly_scheme.auth_mon_id 
_pdbx_nonpoly_scheme.pdb_strand_id 
_pdbx_nonpoly_scheme.pdb_ins_code 
B 2 HOH 1  160 160 HOH HOH A . 
B 2 HOH 2  161 161 HOH HOH A . 
B 2 HOH 3  162 162 HOH HOH A . 
B 2 HOH 4  163 163 HOH HOH A . 
B 2 HOH 5  164 164 HOH HOH A . 
B 2 HOH 6  165 165 HOH HOH A . 
B 2 HOH 7  166 166 HOH HOH A . 
B 2 HOH 8  167 167 HOH HOH A . 
B 2 HOH 9  168 168 HOH HOH A . 
B 2 HOH 10 169 169 HOH HOH A . 
B 2 HOH 11 170 170 HOH HOH A . 
B 2 HOH 12 171 171 HOH HOH A . 
B 2 HOH 13 172 172 HOH HOH A . 
B 2 HOH 14 173 173 HOH HOH A . 
B 2 HOH 15 174 174 HOH HOH A . 
B 2 HOH 16 175 175 HOH HOH A . 
B 2 HOH 17 176 176 HOH HOH A . 
B 2 HOH 18 177 177 HOH HOH A . 
B 2 HOH 19 178 178 HOH HOH A . 
B 2 HOH 20 179 179 HOH HOH A . 
B 2 HOH 21 180 180 HOH HOH A . 
B 2 HOH 22 181 181 HOH HOH A . 
B 2 HOH 23 182 182 HOH HOH A . 
B 2 HOH 24 183 183 HOH HOH A . 
B 2 HOH 25 184 184 HOH HOH A . 
B 2 HOH 26 185 185 HOH HOH A . 
B 2 HOH 27 186 186 HOH HOH A . 
B 2 HOH 28 187 187 HOH HOH A . 
B 2 HOH 29 188 188 HOH HOH A . 
B 2 HOH 30 189 189 HOH HOH A . 
B 2 HOH 31 190 190 HOH HOH A . 
B 2 HOH 32 191 191 HOH HOH A . 
B 2 HOH 33 192 192 HOH HOH A . 
B 2 HOH 34 193 193 HOH HOH A . 
B 2 HOH 35 194 194 HOH HOH A . 
B 2 HOH 36 195 195 HOH HOH A . 
B 2 HOH 37 196 196 HOH HOH A . 
B 2 HOH 38 197 197 HOH HOH A . 
B 2 HOH 39 198 198 HOH HOH A . 
B 2 HOH 40 199 199 HOH HOH A . 
B 2 HOH 41 200 200 HOH HOH A . 
B 2 HOH 42 201 201 HOH HOH A . 
B 2 HOH 43 202 202 HOH HOH A . 
B 2 HOH 44 203 203 HOH HOH A . 
B 2 HOH 45 204 204 HOH HOH A . 
B 2 HOH 46 205 205 HOH HOH A . 
B 2 HOH 47 206 206 HOH HOH A . 
B 2 HOH 48 207 207 HOH HOH A . 
B 2 HOH 49 208 208 HOH HOH A . 
B 2 HOH 50 209 209 HOH HOH A . 
B 2 HOH 51 210 210 HOH HOH A . 
B 2 HOH 52 212 212 HOH HOH A . 
B 2 HOH 53 213 213 HOH HOH A . 
B 2 HOH 54 214 214 HOH HOH A . 
B 2 HOH 55 215 215 HOH HOH A . 
B 2 HOH 56 216 216 HOH HOH A . 
B 2 HOH 57 217 217 HOH HOH A . 
B 2 HOH 58 218 218 HOH HOH A . 
B 2 HOH 59 219 219 HOH HOH A . 
B 2 HOH 60 220 220 HOH HOH A . 
B 2 HOH 61 221 221 HOH HOH A . 
B 2 HOH 62 222 222 HOH HOH A . 
B 2 HOH 63 223 223 HOH HOH A . 
B 2 HOH 64 224 224 HOH HOH A . 
B 2 HOH 65 225 225 HOH HOH A . 
B 2 HOH 66 226 226 HOH HOH A . 
B 2 HOH 67 227 227 HOH HOH A . 
B 2 HOH 68 228 228 HOH HOH A . 
B 2 HOH 69 229 229 HOH HOH A . 
B 2 HOH 70 230 230 HOH HOH A . 
B 2 HOH 71 231 231 HOH HOH A . 
B 2 HOH 72 232 232 HOH HOH A . 
B 2 HOH 73 233 233 HOH HOH A . 
B 2 HOH 74 234 234 HOH HOH A . 
B 2 HOH 75 235 235 HOH HOH A . 
B 2 HOH 76 236 236 HOH HOH A . 
B 2 HOH 77 237 237 HOH HOH A . 
B 2 HOH 78 238 238 HOH HOH A . 
B 2 HOH 79 239 239 HOH HOH A . 
B 2 HOH 80 240 240 HOH HOH A . 
B 2 HOH 81 241 241 HOH HOH A . 
B 2 HOH 82 242 242 HOH HOH A . 
B 2 HOH 83 243 243 HOH HOH A . 
B 2 HOH 84 244 244 HOH HOH A . 
B 2 HOH 85 245 245 HOH HOH A . 
B 2 HOH 86 246 246 HOH HOH A . 
B 2 HOH 87 247 247 HOH HOH A . 
B 2 HOH 88 248 248 HOH HOH A . 
B 2 HOH 89 249 249 HOH HOH A . 
B 2 HOH 90 250 250 HOH HOH A . 
# 
loop_
_pdbx_unobs_or_zero_occ_atoms.id 
_pdbx_unobs_or_zero_occ_atoms.PDB_model_num 
_pdbx_unobs_or_zero_occ_atoms.polymer_flag 
_pdbx_unobs_or_zero_occ_atoms.occupancy_flag 
_pdbx_unobs_or_zero_occ_atoms.auth_asym_id 
_pdbx_unobs_or_zero_occ_atoms.auth_comp_id 
_pdbx_unobs_or_zero_occ_atoms.auth_seq_id 
_pdbx_unobs_or_zero_occ_atoms.PDB_ins_code 
_pdbx_unobs_or_zero_occ_atoms.auth_atom_id 
_pdbx_unobs_or_zero_occ_atoms.label_alt_id 
_pdbx_unobs_or_zero_occ_atoms.label_asym_id 
_pdbx_unobs_or_zero_occ_atoms.label_comp_id 
_pdbx_unobs_or_zero_occ_atoms.label_seq_id 
_pdbx_unobs_or_zero_occ_atoms.label_atom_id 
1  1 Y 0 A LYS 11  ? CD  ? A LYS 12  CD  
2  1 Y 0 A LYS 11  ? CE  ? A LYS 12  CE  
3  1 Y 0 A LYS 11  ? NZ  ? A LYS 12  NZ  
4  1 Y 0 A LYS 15  ? CD  ? A LYS 16  CD  
5  1 Y 0 A LYS 15  ? CE  ? A LYS 16  CE  
6  1 Y 0 A LYS 15  ? NZ  ? A LYS 16  NZ  
7  1 Y 0 A LYS 24  ? CG  ? A LYS 25  CG  
8  1 Y 0 A LYS 24  ? CD  ? A LYS 25  CD  
9  1 Y 0 A LYS 24  ? CE  ? A LYS 25  CE  
10 1 Y 0 A LYS 24  ? NZ  ? A LYS 25  NZ  
11 1 Y 0 A LYS 55  ? CD  ? A LYS 56  CD  
12 1 Y 0 A LYS 55  ? CE  ? A LYS 56  CE  
13 1 Y 0 A LYS 55  ? NZ  ? A LYS 56  NZ  
14 1 Y 0 A LYS 64  ? CE  ? A LYS 65  CE  
15 1 Y 0 A LYS 64  ? NZ  ? A LYS 65  NZ  
16 1 Y 0 A LYS 77  ? CE  ? A LYS 78  CE  
17 1 Y 0 A LYS 77  ? NZ  ? A LYS 78  NZ  
18 1 Y 0 A LEU 79  ? O   ? A LEU 80  O   
19 1 Y 0 A LEU 79  ? CB  ? A LEU 80  CB  
20 1 Y 0 A LEU 79  ? CG  ? A LEU 80  CG  
21 1 Y 0 A LEU 79  ? CD1 ? A LEU 80  CD1 
22 1 Y 0 A LEU 79  ? CD2 ? A LEU 80  CD2 
23 1 Y 0 A GLN 95  ? CD  ? A GLN 96  CD  
24 1 Y 0 A GLN 95  ? OE1 ? A GLN 96  OE1 
25 1 Y 0 A GLN 95  ? NE2 ? A GLN 96  NE2 
26 1 Y 0 A LYS 105 ? CB  ? A LYS 106 CB  
27 1 Y 0 A LYS 105 ? CG  ? A LYS 106 CG  
28 1 Y 0 A LYS 105 ? CD  ? A LYS 106 CD  
29 1 Y 0 A LYS 105 ? CE  ? A LYS 106 CE  
30 1 Y 0 A LYS 105 ? NZ  ? A LYS 106 NZ  
31 1 Y 0 A MET 108 ? CB  ? A MET 109 CB  
32 1 Y 0 A MET 108 ? CG  ? A MET 109 CG  
33 1 Y 0 A MET 108 ? SD  ? A MET 109 SD  
34 1 Y 0 A MET 108 ? CE  ? A MET 109 CE  
# 
loop_
_software.name 
_software.classification 
_software.version 
_software.citation_id 
_software.pdbx_ordinal 
MOSFLM 'data reduction' .         ? 1 
SCALA  'data scaling'   .         ? 2 
AMoRE  phasing          .         ? 3 
X-PLOR refinement       3.851     ? 4 
CCP4   'data scaling'   '(SCALA)' ? 5 
# 
_cell.entry_id           1CZT 
_cell.length_a           46.890 
_cell.length_b           53.330 
_cell.length_c           68.520 
_cell.angle_alpha        90.00 
_cell.angle_beta         90.00 
_cell.angle_gamma        90.00 
_cell.Z_PDB              4 
_cell.pdbx_unique_axis   ? 
# 
_symmetry.entry_id                         1CZT 
_symmetry.space_group_name_H-M             'P 21 21 21' 
_symmetry.pdbx_full_space_group_name_H-M   ? 
_symmetry.cell_setting                     orthorhombic 
_symmetry.Int_Tables_number                19 
# 
_exptl.entry_id          1CZT 
_exptl.method            'X-RAY DIFFRACTION' 
_exptl.crystals_number   1 
# 
_exptl_crystal.id                    1 
_exptl_crystal.density_meas          ? 
_exptl_crystal.density_Matthews      2.30 
_exptl_crystal.density_percent_sol   44 
_exptl_crystal.description           ? 
# 
_exptl_crystal_grow.crystal_id      1 
_exptl_crystal_grow.method          'VAPOR DIFFUSION, HANGING DROP' 
_exptl_crystal_grow.temp            ? 
_exptl_crystal_grow.temp_details    ? 
_exptl_crystal_grow.pH              10.20 
_exptl_crystal_grow.pdbx_details    'AMMONIUM SULFATE, pH 10.20, VAPOR DIFFUSION, HANGING DROP' 
_exptl_crystal_grow.pdbx_pH_range   ? 
# 
_diffrn.id                     1 
_diffrn.ambient_temp           289.0 
_diffrn.ambient_temp_details   ? 
_diffrn.crystal_id             1 
# 
_diffrn_detector.diffrn_id              1 
_diffrn_detector.detector               'IMAGE PLATE' 
_diffrn_detector.type                   MARRESEARCH 
_diffrn_detector.pdbx_collection_date   1998-05-07 
_diffrn_detector.details                ? 
# 
_diffrn_radiation.diffrn_id                        1 
_diffrn_radiation.wavelength_id                    1 
_diffrn_radiation.pdbx_monochromatic_or_laue_m_l   M 
_diffrn_radiation.monochromator                    ? 
_diffrn_radiation.pdbx_diffrn_protocol             'SINGLE WAVELENGTH' 
_diffrn_radiation.pdbx_scattering_type             x-ray 
# 
_diffrn_radiation_wavelength.id           1 
_diffrn_radiation_wavelength.wavelength   1.5418 
_diffrn_radiation_wavelength.wt           1.0 
# 
_diffrn_source.diffrn_id                   1 
_diffrn_source.source                      'ROTATING ANODE' 
_diffrn_source.type                        RIGAKU 
_diffrn_source.pdbx_synchrotron_site       ? 
_diffrn_source.pdbx_synchrotron_beamline   ? 
_diffrn_source.pdbx_wavelength             1.5418 
_diffrn_source.pdbx_wavelength_list        ? 
# 
_reflns.entry_id                     1CZT 
_reflns.observed_criterion_sigma_I   1.000 
_reflns.observed_criterion_sigma_F   ? 
_reflns.d_resolution_low             26.730 
_reflns.d_resolution_high            1.870 
_reflns.number_obs                   13815 
_reflns.number_all                   ? 
_reflns.percent_possible_obs         94.0 
_reflns.pdbx_Rmerge_I_obs            0.061 
_reflns.pdbx_Rsym_value              ? 
_reflns.pdbx_netI_over_sigmaI        ? 
_reflns.B_iso_Wilson_estimate        ? 
_reflns.pdbx_redundancy              ? 
_reflns.R_free_details               ? 
_reflns.limit_h_max                  ? 
_reflns.limit_h_min                  ? 
_reflns.limit_k_max                  ? 
_reflns.limit_k_min                  ? 
_reflns.limit_l_max                  ? 
_reflns.limit_l_min                  ? 
_reflns.observed_criterion_F_max     ? 
_reflns.observed_criterion_F_min     ? 
_reflns.pdbx_diffrn_id               1 
_reflns.pdbx_ordinal                 1 
# 
_reflns_shell.d_res_high             1.87 
_reflns_shell.d_res_low              1.90 
_reflns_shell.percent_possible_all   86.8 
_reflns_shell.Rmerge_I_obs           0.287 
_reflns_shell.pdbx_Rsym_value        ? 
_reflns_shell.meanI_over_sigI_obs    ? 
_reflns_shell.pdbx_redundancy        ? 
_reflns_shell.percent_possible_obs   ? 
_reflns_shell.number_unique_all      ? 
_reflns_shell.pdbx_diffrn_id         ? 
_reflns_shell.pdbx_ordinal           1 
# 
_refine.entry_id                                 1CZT 
_refine.ls_number_reflns_obs                     13591 
_refine.ls_number_reflns_all                     ? 
_refine.pdbx_ls_sigma_I                          ? 
_refine.pdbx_ls_sigma_F                          1.000 
_refine.pdbx_data_cutoff_high_absF               ? 
_refine.pdbx_data_cutoff_low_absF                ? 
_refine.pdbx_data_cutoff_high_rms_absF           ? 
_refine.ls_d_res_low                             8.0 
_refine.ls_d_res_high                            1.87 
_refine.ls_percent_reflns_obs                    ? 
_refine.ls_R_factor_obs                          0.201 
_refine.ls_R_factor_all                          ? 
_refine.ls_R_factor_R_work                       0.201 
_refine.ls_R_factor_R_free                       0.242 
_refine.ls_R_factor_R_free_error                 ? 
_refine.ls_R_factor_R_free_error_details         ? 
_refine.ls_percent_reflns_R_free                 5.000 
_refine.ls_number_reflns_R_free                  572 
_refine.ls_number_parameters                     ? 
_refine.ls_number_restraints                     ? 
_refine.occupancy_min                            ? 
_refine.occupancy_max                            ? 
_refine.B_iso_mean                               ? 
_refine.aniso_B[1][1]                            ? 
_refine.aniso_B[2][2]                            ? 
_refine.aniso_B[3][3]                            ? 
_refine.aniso_B[1][2]                            ? 
_refine.aniso_B[1][3]                            ? 
_refine.aniso_B[2][3]                            ? 
_refine.solvent_model_details                    ? 
_refine.solvent_model_param_ksol                 ? 
_refine.solvent_model_param_bsol                 ? 
_refine.pdbx_ls_cross_valid_method               ? 
_refine.details                                  ? 
_refine.pdbx_starting_model                      1CZS 
_refine.pdbx_method_to_determine_struct          'MOLECULAR REPLACEMENT' 
_refine.pdbx_isotropic_thermal_model             ? 
_refine.pdbx_stereochemistry_target_values       ? 
_refine.pdbx_stereochem_target_val_spec_case     ? 
_refine.pdbx_R_Free_selection_details            RANDOM 
_refine.pdbx_overall_ESU_R                       ? 
_refine.pdbx_overall_ESU_R_Free                  ? 
_refine.overall_SU_ML                            ? 
_refine.overall_SU_B                             ? 
_refine.ls_redundancy_reflns_obs                 ? 
_refine.B_iso_min                                ? 
_refine.B_iso_max                                ? 
_refine.correlation_coeff_Fo_to_Fc               ? 
_refine.correlation_coeff_Fo_to_Fc_free          ? 
_refine.pdbx_solvent_vdw_probe_radii             ? 
_refine.pdbx_solvent_ion_probe_radii             ? 
_refine.pdbx_solvent_shrinkage_radii             ? 
_refine.overall_SU_R_Cruickshank_DPI             ? 
_refine.overall_SU_R_free                        ? 
_refine.pdbx_refine_id                           'X-RAY DIFFRACTION' 
_refine.pdbx_diffrn_id                           1 
_refine.pdbx_TLS_residual_ADP_flag               ? 
_refine.pdbx_overall_phase_error                 ? 
_refine.pdbx_overall_SU_R_free_Cruickshank_DPI   ? 
_refine.pdbx_overall_SU_R_Blow_DPI               ? 
_refine.pdbx_overall_SU_R_free_Blow_DPI          ? 
# 
_refine_hist.pdbx_refine_id                   'X-RAY DIFFRACTION' 
_refine_hist.cycle_id                         LAST 
_refine_hist.pdbx_number_atoms_protein        1311 
_refine_hist.pdbx_number_atoms_nucleic_acid   0 
_refine_hist.pdbx_number_atoms_ligand         0 
_refine_hist.number_atoms_solvent             90 
_refine_hist.number_atoms_total               1401 
_refine_hist.d_res_high                       1.87 
_refine_hist.d_res_low                        8.0 
# 
loop_
_refine_ls_restr.type 
_refine_ls_restr.dev_ideal 
_refine_ls_restr.dev_ideal_target 
_refine_ls_restr.weight 
_refine_ls_restr.number 
_refine_ls_restr.pdbx_refine_id 
_refine_ls_restr.pdbx_restraint_function 
x_bond_d                0.007 ? ? ? 'X-RAY DIFFRACTION' ? 
x_bond_d_na             ?     ? ? ? 'X-RAY DIFFRACTION' ? 
x_bond_d_prot           ?     ? ? ? 'X-RAY DIFFRACTION' ? 
x_angle_d               ?     ? ? ? 'X-RAY DIFFRACTION' ? 
x_angle_d_na            ?     ? ? ? 'X-RAY DIFFRACTION' ? 
x_angle_d_prot          ?     ? ? ? 'X-RAY DIFFRACTION' ? 
x_angle_deg             1.79  ? ? ? 'X-RAY DIFFRACTION' ? 
x_angle_deg_na          ?     ? ? ? 'X-RAY DIFFRACTION' ? 
x_angle_deg_prot        ?     ? ? ? 'X-RAY DIFFRACTION' ? 
x_dihedral_angle_d      ?     ? ? ? 'X-RAY DIFFRACTION' ? 
x_dihedral_angle_d_na   ?     ? ? ? 'X-RAY DIFFRACTION' ? 
x_dihedral_angle_d_prot ?     ? ? ? 'X-RAY DIFFRACTION' ? 
x_improper_angle_d      ?     ? ? ? 'X-RAY DIFFRACTION' ? 
x_improper_angle_d_na   ?     ? ? ? 'X-RAY DIFFRACTION' ? 
x_improper_angle_d_prot ?     ? ? ? 'X-RAY DIFFRACTION' ? 
x_mcbond_it             ?     ? ? ? 'X-RAY DIFFRACTION' ? 
x_mcangle_it            ?     ? ? ? 'X-RAY DIFFRACTION' ? 
x_scbond_it             ?     ? ? ? 'X-RAY DIFFRACTION' ? 
x_scangle_it            ?     ? ? ? 'X-RAY DIFFRACTION' ? 
# 
_struct.entry_id                  1CZT 
_struct.title                     'CRYSTAL STRUCTURE OF THE C2 DOMAIN OF HUMAN COAGULATION FACTOR V' 
_struct.pdbx_model_details        ? 
_struct.pdbx_CASP_flag            ? 
_struct.pdbx_model_type_details   ? 
# 
_struct_keywords.entry_id        1CZT 
_struct_keywords.pdbx_keywords   'BLOOD CLOTTING' 
_struct_keywords.text            'COAGULATION, MEMBRANE-BINDING, DISCOIDIN FAMILY, CALCIUM-INDEPENDENT, BLOOD CLOTTING' 
# 
loop_
_struct_asym.id 
_struct_asym.pdbx_blank_PDB_chainid_flag 
_struct_asym.pdbx_modified 
_struct_asym.entity_id 
_struct_asym.details 
A N N 1 ? 
B N N 2 ? 
# 
_struct_ref.id                         1 
_struct_ref.db_name                    UNP 
_struct_ref.db_code                    FA5_HUMAN 
_struct_ref.entity_id                  1 
_struct_ref.pdbx_db_accession          P12259 
_struct_ref.pdbx_align_begin           ? 
_struct_ref.pdbx_seq_one_letter_code   ? 
_struct_ref.pdbx_db_isoform            ? 
# 
_struct_ref_seq.align_id                      1 
_struct_ref_seq.ref_id                        1 
_struct_ref_seq.pdbx_PDB_id_code              1CZT 
_struct_ref_seq.pdbx_strand_id                A 
_struct_ref_seq.seq_align_beg                 1 
_struct_ref_seq.pdbx_seq_align_beg_ins_code   ? 
_struct_ref_seq.seq_align_end                 160 
_struct_ref_seq.pdbx_seq_align_end_ins_code   ? 
_struct_ref_seq.pdbx_db_accession             P12259 
_struct_ref_seq.db_align_beg                  2065 
_struct_ref_seq.pdbx_db_align_beg_ins_code    ? 
_struct_ref_seq.db_align_end                  2224 
_struct_ref_seq.pdbx_db_align_end_ins_code    ? 
_struct_ref_seq.pdbx_auth_seq_align_beg       0 
_struct_ref_seq.pdbx_auth_seq_align_end       159 
# 
_pdbx_struct_assembly.id                   1 
_pdbx_struct_assembly.details              author_defined_assembly 
_pdbx_struct_assembly.method_details       ? 
_pdbx_struct_assembly.oligomeric_details   monomeric 
_pdbx_struct_assembly.oligomeric_count     1 
# 
_pdbx_struct_assembly_gen.assembly_id       1 
_pdbx_struct_assembly_gen.oper_expression   1 
_pdbx_struct_assembly_gen.asym_id_list      A,B 
# 
_pdbx_struct_oper_list.id                   1 
_pdbx_struct_oper_list.type                 'identity operation' 
_pdbx_struct_oper_list.name                 1_555 
_pdbx_struct_oper_list.symmetry_operation   x,y,z 
_pdbx_struct_oper_list.matrix[1][1]         1.0000000000 
_pdbx_struct_oper_list.matrix[1][2]         0.0000000000 
_pdbx_struct_oper_list.matrix[1][3]         0.0000000000 
_pdbx_struct_oper_list.vector[1]            0.0000000000 
_pdbx_struct_oper_list.matrix[2][1]         0.0000000000 
_pdbx_struct_oper_list.matrix[2][2]         1.0000000000 
_pdbx_struct_oper_list.matrix[2][3]         0.0000000000 
_pdbx_struct_oper_list.vector[2]            0.0000000000 
_pdbx_struct_oper_list.matrix[3][1]         0.0000000000 
_pdbx_struct_oper_list.matrix[3][2]         0.0000000000 
_pdbx_struct_oper_list.matrix[3][3]         1.0000000000 
_pdbx_struct_oper_list.vector[3]            0.0000000000 
# 
_struct_biol.id                    1 
_struct_biol.pdbx_parent_biol_id   ? 
_struct_biol.details               ? 
# 
loop_
_struct_conf.conf_type_id 
_struct_conf.id 
_struct_conf.pdbx_PDB_helix_id 
_struct_conf.beg_label_comp_id 
_struct_conf.beg_label_asym_id 
_struct_conf.beg_label_seq_id 
_struct_conf.pdbx_beg_PDB_ins_code 
_struct_conf.end_label_comp_id 
_struct_conf.end_label_asym_id 
_struct_conf.end_label_seq_id 
_struct_conf.pdbx_end_PDB_ins_code 
_struct_conf.beg_auth_comp_id 
_struct_conf.beg_auth_asym_id 
_struct_conf.beg_auth_seq_id 
_struct_conf.end_auth_comp_id 
_struct_conf.end_auth_asym_id 
_struct_conf.end_auth_seq_id 
_struct_conf.pdbx_PDB_helix_class 
_struct_conf.details 
_struct_conf.pdbx_PDB_helix_length 
HELX_P HELX_P1 1 GLU A 14 ? LYS A 16 ? GLU A 13 LYS A 15 5 ? 3 
HELX_P HELX_P2 2 GLU A 33 ? ALA A 37 ? GLU A 32 ALA A 36 5 ? 5 
# 
_struct_conf_type.id          HELX_P 
_struct_conf_type.criteria    ? 
_struct_conf_type.reference   ? 
# 
_struct_conn.id                            disulf1 
_struct_conn.conn_type_id                  disulf 
_struct_conn.pdbx_leaving_atom_flag        ? 
_struct_conn.pdbx_PDB_id                   ? 
_struct_conn.ptnr1_label_asym_id           A 
_struct_conn.ptnr1_label_comp_id           CYS 
_struct_conn.ptnr1_label_seq_id            2 
_struct_conn.ptnr1_label_atom_id           SG 
_struct_conn.pdbx_ptnr1_label_alt_id       ? 
_struct_conn.pdbx_ptnr1_PDB_ins_code       ? 
_struct_conn.pdbx_ptnr1_standard_comp_id   ? 
_struct_conn.ptnr1_symmetry                1_555 
_struct_conn.ptnr2_label_asym_id           A 
_struct_conn.ptnr2_label_comp_id           CYS 
_struct_conn.ptnr2_label_seq_id            157 
_struct_conn.ptnr2_label_atom_id           SG 
_struct_conn.pdbx_ptnr2_label_alt_id       ? 
_struct_conn.pdbx_ptnr2_PDB_ins_code       ? 
_struct_conn.ptnr1_auth_asym_id            A 
_struct_conn.ptnr1_auth_comp_id            CYS 
_struct_conn.ptnr1_auth_seq_id             1 
_struct_conn.ptnr2_auth_asym_id            A 
_struct_conn.ptnr2_auth_comp_id            CYS 
_struct_conn.ptnr2_auth_seq_id             156 
_struct_conn.ptnr2_symmetry                1_555 
_struct_conn.pdbx_ptnr3_label_atom_id      ? 
_struct_conn.pdbx_ptnr3_label_seq_id       ? 
_struct_conn.pdbx_ptnr3_label_comp_id      ? 
_struct_conn.pdbx_ptnr3_label_asym_id      ? 
_struct_conn.pdbx_ptnr3_label_alt_id       ? 
_struct_conn.pdbx_ptnr3_PDB_ins_code       ? 
_struct_conn.details                       ? 
_struct_conn.pdbx_dist_value               2.019 
_struct_conn.pdbx_value_order              ? 
_struct_conn.pdbx_role                     ? 
# 
_struct_conn_type.id          disulf 
_struct_conn_type.criteria    ? 
_struct_conn_type.reference   ? 
# 
_pdbx_modification_feature.ordinal                            1 
_pdbx_modification_feature.label_comp_id                      CYS 
_pdbx_modification_feature.label_asym_id                      A 
_pdbx_modification_feature.label_seq_id                       2 
_pdbx_modification_feature.label_alt_id                       ? 
_pdbx_modification_feature.modified_residue_label_comp_id     CYS 
_pdbx_modification_feature.modified_residue_label_asym_id     A 
_pdbx_modification_feature.modified_residue_label_seq_id      157 
_pdbx_modification_feature.modified_residue_label_alt_id      ? 
_pdbx_modification_feature.auth_comp_id                       CYS 
_pdbx_modification_feature.auth_asym_id                       A 
_pdbx_modification_feature.auth_seq_id                        1 
_pdbx_modification_feature.PDB_ins_code                       ? 
_pdbx_modification_feature.symmetry                           1_555 
_pdbx_modification_feature.modified_residue_auth_comp_id      CYS 
_pdbx_modification_feature.modified_residue_auth_asym_id      A 
_pdbx_modification_feature.modified_residue_auth_seq_id       156 
_pdbx_modification_feature.modified_residue_PDB_ins_code      ? 
_pdbx_modification_feature.modified_residue_symmetry          1_555 
_pdbx_modification_feature.comp_id_linking_atom               SG 
_pdbx_modification_feature.modified_residue_id_linking_atom   SG 
_pdbx_modification_feature.modified_residue_id                . 
_pdbx_modification_feature.ref_pcm_id                         . 
_pdbx_modification_feature.ref_comp_id                        . 
_pdbx_modification_feature.type                               None 
_pdbx_modification_feature.category                           'Disulfide bridge' 
# 
_struct_mon_prot_cis.pdbx_id                1 
_struct_mon_prot_cis.label_comp_id          ASN 
_struct_mon_prot_cis.label_seq_id           129 
_struct_mon_prot_cis.label_asym_id          A 
_struct_mon_prot_cis.label_alt_id           . 
_struct_mon_prot_cis.pdbx_PDB_ins_code      ? 
_struct_mon_prot_cis.auth_comp_id           ASN 
_struct_mon_prot_cis.auth_seq_id            128 
_struct_mon_prot_cis.auth_asym_id           A 
_struct_mon_prot_cis.pdbx_label_comp_id_2   PRO 
_struct_mon_prot_cis.pdbx_label_seq_id_2    130 
_struct_mon_prot_cis.pdbx_label_asym_id_2   A 
_struct_mon_prot_cis.pdbx_PDB_ins_code_2    ? 
_struct_mon_prot_cis.pdbx_auth_comp_id_2    PRO 
_struct_mon_prot_cis.pdbx_auth_seq_id_2     129 
_struct_mon_prot_cis.pdbx_auth_asym_id_2    A 
_struct_mon_prot_cis.pdbx_PDB_model_num     1 
_struct_mon_prot_cis.pdbx_omega_angle       8.70 
# 
loop_
_struct_sheet.id 
_struct_sheet.type 
_struct_sheet.number_strands 
_struct_sheet.details 
A ? 1 ? 
B ? 1 ? 
C ? 1 ? 
D ? 1 ? 
E ? 1 ? 
F ? 1 ? 
G ? 1 ? 
H ? 1 ? 
# 
loop_
_struct_sheet_range.sheet_id 
_struct_sheet_range.id 
_struct_sheet_range.beg_label_comp_id 
_struct_sheet_range.beg_label_asym_id 
_struct_sheet_range.beg_label_seq_id 
_struct_sheet_range.pdbx_beg_PDB_ins_code 
_struct_sheet_range.end_label_comp_id 
_struct_sheet_range.end_label_asym_id 
_struct_sheet_range.end_label_seq_id 
_struct_sheet_range.pdbx_end_PDB_ins_code 
_struct_sheet_range.beg_auth_comp_id 
_struct_sheet_range.beg_auth_asym_id 
_struct_sheet_range.beg_auth_seq_id 
_struct_sheet_range.end_auth_comp_id 
_struct_sheet_range.end_auth_asym_id 
_struct_sheet_range.end_auth_seq_id 
A 1 GLN A 17  ? SER A 21  ? GLN A 16  SER A 20  
B 1 TRP A 58  ? ASP A 62  ? TRP A 57  ASP A 61  
C 1 ALA A 71  ? GLY A 76  ? ALA A 70  GLY A 75  
D 1 VAL A 86  ? SER A 94  ? VAL A 85  SER A 93  
E 1 PHE A 114 ? THR A 118 ? PHE A 113 THR A 117 
F 1 VAL A 124 ? PHE A 128 ? VAL A 123 PHE A 127 
G 1 PHE A 136 ? ILE A 140 ? PHE A 135 ILE A 139 
H 1 ARG A 151 ? PHE A 155 ? ARG A 150 PHE A 154 
# 
_pdbx_entry_details.entry_id                   1CZT 
_pdbx_entry_details.compound_details           ? 
_pdbx_entry_details.source_details             ? 
_pdbx_entry_details.nonpolymer_details         ? 
_pdbx_entry_details.sequence_details           ? 
_pdbx_entry_details.has_ligand_of_interest     ? 
_pdbx_entry_details.has_protein_modification   Y 
# 
loop_
_pdbx_validate_torsion.id 
_pdbx_validate_torsion.PDB_model_num 
_pdbx_validate_torsion.auth_comp_id 
_pdbx_validate_torsion.auth_asym_id 
_pdbx_validate_torsion.auth_seq_id 
_pdbx_validate_torsion.PDB_ins_code 
_pdbx_validate_torsion.label_alt_id 
_pdbx_validate_torsion.phi 
_pdbx_validate_torsion.psi 
1 1 TRP A 27  ? ? -116.70 55.39   
2 1 LEU A 63  ? ? 78.33   -17.22  
3 1 LEU A 79  ? ? 57.89   -142.69 
4 1 SER A 80  ? ? -93.44  50.82   
5 1 VAL A 97  ? ? -107.16 -63.20  
6 1 GLN A 145 ? ? 68.38   -59.29  
# 
loop_
_pdbx_unobs_or_zero_occ_residues.id 
_pdbx_unobs_or_zero_occ_residues.PDB_model_num 
_pdbx_unobs_or_zero_occ_residues.polymer_flag 
_pdbx_unobs_or_zero_occ_residues.occupancy_flag 
_pdbx_unobs_or_zero_occ_residues.auth_asym_id 
_pdbx_unobs_or_zero_occ_residues.auth_comp_id 
_pdbx_unobs_or_zero_occ_residues.auth_seq_id 
_pdbx_unobs_or_zero_occ_residues.PDB_ins_code 
_pdbx_unobs_or_zero_occ_residues.label_asym_id 
_pdbx_unobs_or_zero_occ_residues.label_comp_id 
_pdbx_unobs_or_zero_occ_residues.label_seq_id 
1 1 Y 0 A SER 80  ? A SER 81  
2 1 Y 0 A SER 106 ? A SER 107 
3 1 Y 0 A SER 107 ? A SER 108 
# 
loop_
_chem_comp_atom.comp_id 
_chem_comp_atom.atom_id 
_chem_comp_atom.type_symbol 
_chem_comp_atom.pdbx_aromatic_flag 
_chem_comp_atom.pdbx_stereo_config 
_chem_comp_atom.pdbx_ordinal 
ALA N    N N N 1   
ALA CA   C N S 2   
ALA C    C N N 3   
ALA O    O N N 4   
ALA CB   C N N 5   
ALA OXT  O N N 6   
ALA H    H N N 7   
ALA H2   H N N 8   
ALA HA   H N N 9   
ALA HB1  H N N 10  
ALA HB2  H N N 11  
ALA HB3  H N N 12  
ALA HXT  H N N 13  
ARG N    N N N 14  
ARG CA   C N S 15  
ARG C    C N N 16  
ARG O    O N N 17  
ARG CB   C N N 18  
ARG CG   C N N 19  
ARG CD   C N N 20  
ARG NE   N N N 21  
ARG CZ   C N N 22  
ARG NH1  N N N 23  
ARG NH2  N N N 24  
ARG OXT  O N N 25  
ARG H    H N N 26  
ARG H2   H N N 27  
ARG HA   H N N 28  
ARG HB2  H N N 29  
ARG HB3  H N N 30  
ARG HG2  H N N 31  
ARG HG3  H N N 32  
ARG HD2  H N N 33  
ARG HD3  H N N 34  
ARG HE   H N N 35  
ARG HH11 H N N 36  
ARG HH12 H N N 37  
ARG HH21 H N N 38  
ARG HH22 H N N 39  
ARG HXT  H N N 40  
ASN N    N N N 41  
ASN CA   C N S 42  
ASN C    C N N 43  
ASN O    O N N 44  
ASN CB   C N N 45  
ASN CG   C N N 46  
ASN OD1  O N N 47  
ASN ND2  N N N 48  
ASN OXT  O N N 49  
ASN H    H N N 50  
ASN H2   H N N 51  
ASN HA   H N N 52  
ASN HB2  H N N 53  
ASN HB3  H N N 54  
ASN HD21 H N N 55  
ASN HD22 H N N 56  
ASN HXT  H N N 57  
ASP N    N N N 58  
ASP CA   C N S 59  
ASP C    C N N 60  
ASP O    O N N 61  
ASP CB   C N N 62  
ASP CG   C N N 63  
ASP OD1  O N N 64  
ASP OD2  O N N 65  
ASP OXT  O N N 66  
ASP H    H N N 67  
ASP H2   H N N 68  
ASP HA   H N N 69  
ASP HB2  H N N 70  
ASP HB3  H N N 71  
ASP HD2  H N N 72  
ASP HXT  H N N 73  
CYS N    N N N 74  
CYS CA   C N R 75  
CYS C    C N N 76  
CYS O    O N N 77  
CYS CB   C N N 78  
CYS SG   S N N 79  
CYS OXT  O N N 80  
CYS H    H N N 81  
CYS H2   H N N 82  
CYS HA   H N N 83  
CYS HB2  H N N 84  
CYS HB3  H N N 85  
CYS HG   H N N 86  
CYS HXT  H N N 87  
GLN N    N N N 88  
GLN CA   C N S 89  
GLN C    C N N 90  
GLN O    O N N 91  
GLN CB   C N N 92  
GLN CG   C N N 93  
GLN CD   C N N 94  
GLN OE1  O N N 95  
GLN NE2  N N N 96  
GLN OXT  O N N 97  
GLN H    H N N 98  
GLN H2   H N N 99  
GLN HA   H N N 100 
GLN HB2  H N N 101 
GLN HB3  H N N 102 
GLN HG2  H N N 103 
GLN HG3  H N N 104 
GLN HE21 H N N 105 
GLN HE22 H N N 106 
GLN HXT  H N N 107 
GLU N    N N N 108 
GLU CA   C N S 109 
GLU C    C N N 110 
GLU O    O N N 111 
GLU CB   C N N 112 
GLU CG   C N N 113 
GLU CD   C N N 114 
GLU OE1  O N N 115 
GLU OE2  O N N 116 
GLU OXT  O N N 117 
GLU H    H N N 118 
GLU H2   H N N 119 
GLU HA   H N N 120 
GLU HB2  H N N 121 
GLU HB3  H N N 122 
GLU HG2  H N N 123 
GLU HG3  H N N 124 
GLU HE2  H N N 125 
GLU HXT  H N N 126 
GLY N    N N N 127 
GLY CA   C N N 128 
GLY C    C N N 129 
GLY O    O N N 130 
GLY OXT  O N N 131 
GLY H    H N N 132 
GLY H2   H N N 133 
GLY HA2  H N N 134 
GLY HA3  H N N 135 
GLY HXT  H N N 136 
HIS N    N N N 137 
HIS CA   C N S 138 
HIS C    C N N 139 
HIS O    O N N 140 
HIS CB   C N N 141 
HIS CG   C Y N 142 
HIS ND1  N Y N 143 
HIS CD2  C Y N 144 
HIS CE1  C Y N 145 
HIS NE2  N Y N 146 
HIS OXT  O N N 147 
HIS H    H N N 148 
HIS H2   H N N 149 
HIS HA   H N N 150 
HIS HB2  H N N 151 
HIS HB3  H N N 152 
HIS HD1  H N N 153 
HIS HD2  H N N 154 
HIS HE1  H N N 155 
HIS HE2  H N N 156 
HIS HXT  H N N 157 
HOH O    O N N 158 
HOH H1   H N N 159 
HOH H2   H N N 160 
ILE N    N N N 161 
ILE CA   C N S 162 
ILE C    C N N 163 
ILE O    O N N 164 
ILE CB   C N S 165 
ILE CG1  C N N 166 
ILE CG2  C N N 167 
ILE CD1  C N N 168 
ILE OXT  O N N 169 
ILE H    H N N 170 
ILE H2   H N N 171 
ILE HA   H N N 172 
ILE HB   H N N 173 
ILE HG12 H N N 174 
ILE HG13 H N N 175 
ILE HG21 H N N 176 
ILE HG22 H N N 177 
ILE HG23 H N N 178 
ILE HD11 H N N 179 
ILE HD12 H N N 180 
ILE HD13 H N N 181 
ILE HXT  H N N 182 
LEU N    N N N 183 
LEU CA   C N S 184 
LEU C    C N N 185 
LEU O    O N N 186 
LEU CB   C N N 187 
LEU CG   C N N 188 
LEU CD1  C N N 189 
LEU CD2  C N N 190 
LEU OXT  O N N 191 
LEU H    H N N 192 
LEU H2   H N N 193 
LEU HA   H N N 194 
LEU HB2  H N N 195 
LEU HB3  H N N 196 
LEU HG   H N N 197 
LEU HD11 H N N 198 
LEU HD12 H N N 199 
LEU HD13 H N N 200 
LEU HD21 H N N 201 
LEU HD22 H N N 202 
LEU HD23 H N N 203 
LEU HXT  H N N 204 
LYS N    N N N 205 
LYS CA   C N S 206 
LYS C    C N N 207 
LYS O    O N N 208 
LYS CB   C N N 209 
LYS CG   C N N 210 
LYS CD   C N N 211 
LYS CE   C N N 212 
LYS NZ   N N N 213 
LYS OXT  O N N 214 
LYS H    H N N 215 
LYS H2   H N N 216 
LYS HA   H N N 217 
LYS HB2  H N N 218 
LYS HB3  H N N 219 
LYS HG2  H N N 220 
LYS HG3  H N N 221 
LYS HD2  H N N 222 
LYS HD3  H N N 223 
LYS HE2  H N N 224 
LYS HE3  H N N 225 
LYS HZ1  H N N 226 
LYS HZ2  H N N 227 
LYS HZ3  H N N 228 
LYS HXT  H N N 229 
MET N    N N N 230 
MET CA   C N S 231 
MET C    C N N 232 
MET O    O N N 233 
MET CB   C N N 234 
MET CG   C N N 235 
MET SD   S N N 236 
MET CE   C N N 237 
MET OXT  O N N 238 
MET H    H N N 239 
MET H2   H N N 240 
MET HA   H N N 241 
MET HB2  H N N 242 
MET HB3  H N N 243 
MET HG2  H N N 244 
MET HG3  H N N 245 
MET HE1  H N N 246 
MET HE2  H N N 247 
MET HE3  H N N 248 
MET HXT  H N N 249 
PHE N    N N N 250 
PHE CA   C N S 251 
PHE C    C N N 252 
PHE O    O N N 253 
PHE CB   C N N 254 
PHE CG   C Y N 255 
PHE CD1  C Y N 256 
PHE CD2  C Y N 257 
PHE CE1  C Y N 258 
PHE CE2  C Y N 259 
PHE CZ   C Y N 260 
PHE OXT  O N N 261 
PHE H    H N N 262 
PHE H2   H N N 263 
PHE HA   H N N 264 
PHE HB2  H N N 265 
PHE HB3  H N N 266 
PHE HD1  H N N 267 
PHE HD2  H N N 268 
PHE HE1  H N N 269 
PHE HE2  H N N 270 
PHE HZ   H N N 271 
PHE HXT  H N N 272 
PRO N    N N N 273 
PRO CA   C N S 274 
PRO C    C N N 275 
PRO O    O N N 276 
PRO CB   C N N 277 
PRO CG   C N N 278 
PRO CD   C N N 279 
PRO OXT  O N N 280 
PRO H    H N N 281 
PRO HA   H N N 282 
PRO HB2  H N N 283 
PRO HB3  H N N 284 
PRO HG2  H N N 285 
PRO HG3  H N N 286 
PRO HD2  H N N 287 
PRO HD3  H N N 288 
PRO HXT  H N N 289 
SER N    N N N 290 
SER CA   C N S 291 
SER C    C N N 292 
SER O    O N N 293 
SER CB   C N N 294 
SER OG   O N N 295 
SER OXT  O N N 296 
SER H    H N N 297 
SER H2   H N N 298 
SER HA   H N N 299 
SER HB2  H N N 300 
SER HB3  H N N 301 
SER HG   H N N 302 
SER HXT  H N N 303 
THR N    N N N 304 
THR CA   C N S 305 
THR C    C N N 306 
THR O    O N N 307 
THR CB   C N R 308 
THR OG1  O N N 309 
THR CG2  C N N 310 
THR OXT  O N N 311 
THR H    H N N 312 
THR H2   H N N 313 
THR HA   H N N 314 
THR HB   H N N 315 
THR HG1  H N N 316 
THR HG21 H N N 317 
THR HG22 H N N 318 
THR HG23 H N N 319 
THR HXT  H N N 320 
TRP N    N N N 321 
TRP CA   C N S 322 
TRP C    C N N 323 
TRP O    O N N 324 
TRP CB   C N N 325 
TRP CG   C Y N 326 
TRP CD1  C Y N 327 
TRP CD2  C Y N 328 
TRP NE1  N Y N 329 
TRP CE2  C Y N 330 
TRP CE3  C Y N 331 
TRP CZ2  C Y N 332 
TRP CZ3  C Y N 333 
TRP CH2  C Y N 334 
TRP OXT  O N N 335 
TRP H    H N N 336 
TRP H2   H N N 337 
TRP HA   H N N 338 
TRP HB2  H N N 339 
TRP HB3  H N N 340 
TRP HD1  H N N 341 
TRP HE1  H N N 342 
TRP HE3  H N N 343 
TRP HZ2  H N N 344 
TRP HZ3  H N N 345 
TRP HH2  H N N 346 
TRP HXT  H N N 347 
TYR N    N N N 348 
TYR CA   C N S 349 
TYR C    C N N 350 
TYR O    O N N 351 
TYR CB   C N N 352 
TYR CG   C Y N 353 
TYR CD1  C Y N 354 
TYR CD2  C Y N 355 
TYR CE1  C Y N 356 
TYR CE2  C Y N 357 
TYR CZ   C Y N 358 
TYR OH   O N N 359 
TYR OXT  O N N 360 
TYR H    H N N 361 
TYR H2   H N N 362 
TYR HA   H N N 363 
TYR HB2  H N N 364 
TYR HB3  H N N 365 
TYR HD1  H N N 366 
TYR HD2  H N N 367 
TYR HE1  H N N 368 
TYR HE2  H N N 369 
TYR HH   H N N 370 
TYR HXT  H N N 371 
VAL N    N N N 372 
VAL CA   C N S 373 
VAL C    C N N 374 
VAL O    O N N 375 
VAL CB   C N N 376 
VAL CG1  C N N 377 
VAL CG2  C N N 378 
VAL OXT  O N N 379 
VAL H    H N N 380 
VAL H2   H N N 381 
VAL HA   H N N 382 
VAL HB   H N N 383 
VAL HG11 H N N 384 
VAL HG12 H N N 385 
VAL HG13 H N N 386 
VAL HG21 H N N 387 
VAL HG22 H N N 388 
VAL HG23 H N N 389 
VAL HXT  H N N 390 
# 
loop_
_chem_comp_bond.comp_id 
_chem_comp_bond.atom_id_1 
_chem_comp_bond.atom_id_2 
_chem_comp_bond.value_order 
_chem_comp_bond.pdbx_aromatic_flag 
_chem_comp_bond.pdbx_stereo_config 
_chem_comp_bond.pdbx_ordinal 
ALA N   CA   sing N N 1   
ALA N   H    sing N N 2   
ALA N   H2   sing N N 3   
ALA CA  C    sing N N 4   
ALA CA  CB   sing N N 5   
ALA CA  HA   sing N N 6   
ALA C   O    doub N N 7   
ALA C   OXT  sing N N 8   
ALA CB  HB1  sing N N 9   
ALA CB  HB2  sing N N 10  
ALA CB  HB3  sing N N 11  
ALA OXT HXT  sing N N 12  
ARG N   CA   sing N N 13  
ARG N   H    sing N N 14  
ARG N   H2   sing N N 15  
ARG CA  C    sing N N 16  
ARG CA  CB   sing N N 17  
ARG CA  HA   sing N N 18  
ARG C   O    doub N N 19  
ARG C   OXT  sing N N 20  
ARG CB  CG   sing N N 21  
ARG CB  HB2  sing N N 22  
ARG CB  HB3  sing N N 23  
ARG CG  CD   sing N N 24  
ARG CG  HG2  sing N N 25  
ARG CG  HG3  sing N N 26  
ARG CD  NE   sing N N 27  
ARG CD  HD2  sing N N 28  
ARG CD  HD3  sing N N 29  
ARG NE  CZ   sing N N 30  
ARG NE  HE   sing N N 31  
ARG CZ  NH1  sing N N 32  
ARG CZ  NH2  doub N N 33  
ARG NH1 HH11 sing N N 34  
ARG NH1 HH12 sing N N 35  
ARG NH2 HH21 sing N N 36  
ARG NH2 HH22 sing N N 37  
ARG OXT HXT  sing N N 38  
ASN N   CA   sing N N 39  
ASN N   H    sing N N 40  
ASN N   H2   sing N N 41  
ASN CA  C    sing N N 42  
ASN CA  CB   sing N N 43  
ASN CA  HA   sing N N 44  
ASN C   O    doub N N 45  
ASN C   OXT  sing N N 46  
ASN CB  CG   sing N N 47  
ASN CB  HB2  sing N N 48  
ASN CB  HB3  sing N N 49  
ASN CG  OD1  doub N N 50  
ASN CG  ND2  sing N N 51  
ASN ND2 HD21 sing N N 52  
ASN ND2 HD22 sing N N 53  
ASN OXT HXT  sing N N 54  
ASP N   CA   sing N N 55  
ASP N   H    sing N N 56  
ASP N   H2   sing N N 57  
ASP CA  C    sing N N 58  
ASP CA  CB   sing N N 59  
ASP CA  HA   sing N N 60  
ASP C   O    doub N N 61  
ASP C   OXT  sing N N 62  
ASP CB  CG   sing N N 63  
ASP CB  HB2  sing N N 64  
ASP CB  HB3  sing N N 65  
ASP CG  OD1  doub N N 66  
ASP CG  OD2  sing N N 67  
ASP OD2 HD2  sing N N 68  
ASP OXT HXT  sing N N 69  
CYS N   CA   sing N N 70  
CYS N   H    sing N N 71  
CYS N   H2   sing N N 72  
CYS CA  C    sing N N 73  
CYS CA  CB   sing N N 74  
CYS CA  HA   sing N N 75  
CYS C   O    doub N N 76  
CYS C   OXT  sing N N 77  
CYS CB  SG   sing N N 78  
CYS CB  HB2  sing N N 79  
CYS CB  HB3  sing N N 80  
CYS SG  HG   sing N N 81  
CYS OXT HXT  sing N N 82  
GLN N   CA   sing N N 83  
GLN N   H    sing N N 84  
GLN N   H2   sing N N 85  
GLN CA  C    sing N N 86  
GLN CA  CB   sing N N 87  
GLN CA  HA   sing N N 88  
GLN C   O    doub N N 89  
GLN C   OXT  sing N N 90  
GLN CB  CG   sing N N 91  
GLN CB  HB2  sing N N 92  
GLN CB  HB3  sing N N 93  
GLN CG  CD   sing N N 94  
GLN CG  HG2  sing N N 95  
GLN CG  HG3  sing N N 96  
GLN CD  OE1  doub N N 97  
GLN CD  NE2  sing N N 98  
GLN NE2 HE21 sing N N 99  
GLN NE2 HE22 sing N N 100 
GLN OXT HXT  sing N N 101 
GLU N   CA   sing N N 102 
GLU N   H    sing N N 103 
GLU N   H2   sing N N 104 
GLU CA  C    sing N N 105 
GLU CA  CB   sing N N 106 
GLU CA  HA   sing N N 107 
GLU C   O    doub N N 108 
GLU C   OXT  sing N N 109 
GLU CB  CG   sing N N 110 
GLU CB  HB2  sing N N 111 
GLU CB  HB3  sing N N 112 
GLU CG  CD   sing N N 113 
GLU CG  HG2  sing N N 114 
GLU CG  HG3  sing N N 115 
GLU CD  OE1  doub N N 116 
GLU CD  OE2  sing N N 117 
GLU OE2 HE2  sing N N 118 
GLU OXT HXT  sing N N 119 
GLY N   CA   sing N N 120 
GLY N   H    sing N N 121 
GLY N   H2   sing N N 122 
GLY CA  C    sing N N 123 
GLY CA  HA2  sing N N 124 
GLY CA  HA3  sing N N 125 
GLY C   O    doub N N 126 
GLY C   OXT  sing N N 127 
GLY OXT HXT  sing N N 128 
HIS N   CA   sing N N 129 
HIS N   H    sing N N 130 
HIS N   H2   sing N N 131 
HIS CA  C    sing N N 132 
HIS CA  CB   sing N N 133 
HIS CA  HA   sing N N 134 
HIS C   O    doub N N 135 
HIS C   OXT  sing N N 136 
HIS CB  CG   sing N N 137 
HIS CB  HB2  sing N N 138 
HIS CB  HB3  sing N N 139 
HIS CG  ND1  sing Y N 140 
HIS CG  CD2  doub Y N 141 
HIS ND1 CE1  doub Y N 142 
HIS ND1 HD1  sing N N 143 
HIS CD2 NE2  sing Y N 144 
HIS CD2 HD2  sing N N 145 
HIS CE1 NE2  sing Y N 146 
HIS CE1 HE1  sing N N 147 
HIS NE2 HE2  sing N N 148 
HIS OXT HXT  sing N N 149 
HOH O   H1   sing N N 150 
HOH O   H2   sing N N 151 
ILE N   CA   sing N N 152 
ILE N   H    sing N N 153 
ILE N   H2   sing N N 154 
ILE CA  C    sing N N 155 
ILE CA  CB   sing N N 156 
ILE CA  HA   sing N N 157 
ILE C   O    doub N N 158 
ILE C   OXT  sing N N 159 
ILE CB  CG1  sing N N 160 
ILE CB  CG2  sing N N 161 
ILE CB  HB   sing N N 162 
ILE CG1 CD1  sing N N 163 
ILE CG1 HG12 sing N N 164 
ILE CG1 HG13 sing N N 165 
ILE CG2 HG21 sing N N 166 
ILE CG2 HG22 sing N N 167 
ILE CG2 HG23 sing N N 168 
ILE CD1 HD11 sing N N 169 
ILE CD1 HD12 sing N N 170 
ILE CD1 HD13 sing N N 171 
ILE OXT HXT  sing N N 172 
LEU N   CA   sing N N 173 
LEU N   H    sing N N 174 
LEU N   H2   sing N N 175 
LEU CA  C    sing N N 176 
LEU CA  CB   sing N N 177 
LEU CA  HA   sing N N 178 
LEU C   O    doub N N 179 
LEU C   OXT  sing N N 180 
LEU CB  CG   sing N N 181 
LEU CB  HB2  sing N N 182 
LEU CB  HB3  sing N N 183 
LEU CG  CD1  sing N N 184 
LEU CG  CD2  sing N N 185 
LEU CG  HG   sing N N 186 
LEU CD1 HD11 sing N N 187 
LEU CD1 HD12 sing N N 188 
LEU CD1 HD13 sing N N 189 
LEU CD2 HD21 sing N N 190 
LEU CD2 HD22 sing N N 191 
LEU CD2 HD23 sing N N 192 
LEU OXT HXT  sing N N 193 
LYS N   CA   sing N N 194 
LYS N   H    sing N N 195 
LYS N   H2   sing N N 196 
LYS CA  C    sing N N 197 
LYS CA  CB   sing N N 198 
LYS CA  HA   sing N N 199 
LYS C   O    doub N N 200 
LYS C   OXT  sing N N 201 
LYS CB  CG   sing N N 202 
LYS CB  HB2  sing N N 203 
LYS CB  HB3  sing N N 204 
LYS CG  CD   sing N N 205 
LYS CG  HG2  sing N N 206 
LYS CG  HG3  sing N N 207 
LYS CD  CE   sing N N 208 
LYS CD  HD2  sing N N 209 
LYS CD  HD3  sing N N 210 
LYS CE  NZ   sing N N 211 
LYS CE  HE2  sing N N 212 
LYS CE  HE3  sing N N 213 
LYS NZ  HZ1  sing N N 214 
LYS NZ  HZ2  sing N N 215 
LYS NZ  HZ3  sing N N 216 
LYS OXT HXT  sing N N 217 
MET N   CA   sing N N 218 
MET N   H    sing N N 219 
MET N   H2   sing N N 220 
MET CA  C    sing N N 221 
MET CA  CB   sing N N 222 
MET CA  HA   sing N N 223 
MET C   O    doub N N 224 
MET C   OXT  sing N N 225 
MET CB  CG   sing N N 226 
MET CB  HB2  sing N N 227 
MET CB  HB3  sing N N 228 
MET CG  SD   sing N N 229 
MET CG  HG2  sing N N 230 
MET CG  HG3  sing N N 231 
MET SD  CE   sing N N 232 
MET CE  HE1  sing N N 233 
MET CE  HE2  sing N N 234 
MET CE  HE3  sing N N 235 
MET OXT HXT  sing N N 236 
PHE N   CA   sing N N 237 
PHE N   H    sing N N 238 
PHE N   H2   sing N N 239 
PHE CA  C    sing N N 240 
PHE CA  CB   sing N N 241 
PHE CA  HA   sing N N 242 
PHE C   O    doub N N 243 
PHE C   OXT  sing N N 244 
PHE CB  CG   sing N N 245 
PHE CB  HB2  sing N N 246 
PHE CB  HB3  sing N N 247 
PHE CG  CD1  doub Y N 248 
PHE CG  CD2  sing Y N 249 
PHE CD1 CE1  sing Y N 250 
PHE CD1 HD1  sing N N 251 
PHE CD2 CE2  doub Y N 252 
PHE CD2 HD2  sing N N 253 
PHE CE1 CZ   doub Y N 254 
PHE CE1 HE1  sing N N 255 
PHE CE2 CZ   sing Y N 256 
PHE CE2 HE2  sing N N 257 
PHE CZ  HZ   sing N N 258 
PHE OXT HXT  sing N N 259 
PRO N   CA   sing N N 260 
PRO N   CD   sing N N 261 
PRO N   H    sing N N 262 
PRO CA  C    sing N N 263 
PRO CA  CB   sing N N 264 
PRO CA  HA   sing N N 265 
PRO C   O    doub N N 266 
PRO C   OXT  sing N N 267 
PRO CB  CG   sing N N 268 
PRO CB  HB2  sing N N 269 
PRO CB  HB3  sing N N 270 
PRO CG  CD   sing N N 271 
PRO CG  HG2  sing N N 272 
PRO CG  HG3  sing N N 273 
PRO CD  HD2  sing N N 274 
PRO CD  HD3  sing N N 275 
PRO OXT HXT  sing N N 276 
SER N   CA   sing N N 277 
SER N   H    sing N N 278 
SER N   H2   sing N N 279 
SER CA  C    sing N N 280 
SER CA  CB   sing N N 281 
SER CA  HA   sing N N 282 
SER C   O    doub N N 283 
SER C   OXT  sing N N 284 
SER CB  OG   sing N N 285 
SER CB  HB2  sing N N 286 
SER CB  HB3  sing N N 287 
SER OG  HG   sing N N 288 
SER OXT HXT  sing N N 289 
THR N   CA   sing N N 290 
THR N   H    sing N N 291 
THR N   H2   sing N N 292 
THR CA  C    sing N N 293 
THR CA  CB   sing N N 294 
THR CA  HA   sing N N 295 
THR C   O    doub N N 296 
THR C   OXT  sing N N 297 
THR CB  OG1  sing N N 298 
THR CB  CG2  sing N N 299 
THR CB  HB   sing N N 300 
THR OG1 HG1  sing N N 301 
THR CG2 HG21 sing N N 302 
THR CG2 HG22 sing N N 303 
THR CG2 HG23 sing N N 304 
THR OXT HXT  sing N N 305 
TRP N   CA   sing N N 306 
TRP N   H    sing N N 307 
TRP N   H2   sing N N 308 
TRP CA  C    sing N N 309 
TRP CA  CB   sing N N 310 
TRP CA  HA   sing N N 311 
TRP C   O    doub N N 312 
TRP C   OXT  sing N N 313 
TRP CB  CG   sing N N 314 
TRP CB  HB2  sing N N 315 
TRP CB  HB3  sing N N 316 
TRP CG  CD1  doub Y N 317 
TRP CG  CD2  sing Y N 318 
TRP CD1 NE1  sing Y N 319 
TRP CD1 HD1  sing N N 320 
TRP CD2 CE2  doub Y N 321 
TRP CD2 CE3  sing Y N 322 
TRP NE1 CE2  sing Y N 323 
TRP NE1 HE1  sing N N 324 
TRP CE2 CZ2  sing Y N 325 
TRP CE3 CZ3  doub Y N 326 
TRP CE3 HE3  sing N N 327 
TRP CZ2 CH2  doub Y N 328 
TRP CZ2 HZ2  sing N N 329 
TRP CZ3 CH2  sing Y N 330 
TRP CZ3 HZ3  sing N N 331 
TRP CH2 HH2  sing N N 332 
TRP OXT HXT  sing N N 333 
TYR N   CA   sing N N 334 
TYR N   H    sing N N 335 
TYR N   H2   sing N N 336 
TYR CA  C    sing N N 337 
TYR CA  CB   sing N N 338 
TYR CA  HA   sing N N 339 
TYR C   O    doub N N 340 
TYR C   OXT  sing N N 341 
TYR CB  CG   sing N N 342 
TYR CB  HB2  sing N N 343 
TYR CB  HB3  sing N N 344 
TYR CG  CD1  doub Y N 345 
TYR CG  CD2  sing Y N 346 
TYR CD1 CE1  sing Y N 347 
TYR CD1 HD1  sing N N 348 
TYR CD2 CE2  doub Y N 349 
TYR CD2 HD2  sing N N 350 
TYR CE1 CZ   doub Y N 351 
TYR CE1 HE1  sing N N 352 
TYR CE2 CZ   sing Y N 353 
TYR CE2 HE2  sing N N 354 
TYR CZ  OH   sing N N 355 
TYR OH  HH   sing N N 356 
TYR OXT HXT  sing N N 357 
VAL N   CA   sing N N 358 
VAL N   H    sing N N 359 
VAL N   H2   sing N N 360 
VAL CA  C    sing N N 361 
VAL CA  CB   sing N N 362 
VAL CA  HA   sing N N 363 
VAL C   O    doub N N 364 
VAL C   OXT  sing N N 365 
VAL CB  CG1  sing N N 366 
VAL CB  CG2  sing N N 367 
VAL CB  HB   sing N N 368 
VAL CG1 HG11 sing N N 369 
VAL CG1 HG12 sing N N 370 
VAL CG1 HG13 sing N N 371 
VAL CG2 HG21 sing N N 372 
VAL CG2 HG22 sing N N 373 
VAL CG2 HG23 sing N N 374 
VAL OXT HXT  sing N N 375 
# 
_pdbx_initial_refinement_model.id               1 
_pdbx_initial_refinement_model.entity_id_list   ? 
_pdbx_initial_refinement_model.type             'experimental model' 
_pdbx_initial_refinement_model.source_name      PDB 
_pdbx_initial_refinement_model.accession_code   1CZS 
_pdbx_initial_refinement_model.details          ? 
# 
_atom_sites.entry_id                    1CZT 
_atom_sites.fract_transf_matrix[1][1]   -0.01797860 
_atom_sites.fract_transf_matrix[1][2]   -0.01056604 
_atom_sites.fract_transf_matrix[1][3]   0.00446875 
_atom_sites.fract_transf_matrix[2][1]   -0.00971243 
_atom_sites.fract_transf_matrix[2][2]   0.01204785 
_atom_sites.fract_transf_matrix[2][3]   -0.01058859 
_atom_sites.fract_transf_matrix[3][1]   0.00211813 
_atom_sites.fract_transf_matrix[3][2]   -0.00853119 
_atom_sites.fract_transf_matrix[3][3]   -0.01164977 
_atom_sites.fract_transf_vector[1]      0.020165 
_atom_sites.fract_transf_vector[2]      0.543782 
_atom_sites.fract_transf_vector[3]      -0.043997 
# 
loop_
_atom_type.symbol 
C 
N 
O 
S 
# 
loop_
_atom_site.group_PDB 
_atom_site.id 
_atom_site.type_symbol 
_atom_site.label_atom_id 
_atom_site.label_alt_id 
_atom_site.label_comp_id 
_atom_site.label_asym_id 
_atom_site.label_entity_id 
_atom_site.label_seq_id 
_atom_site.pdbx_PDB_ins_code 
_atom_site.Cartn_x 
_atom_site.Cartn_y 
_atom_site.Cartn_z 
_atom_site.occupancy 
_atom_site.B_iso_or_equiv 
_atom_site.pdbx_formal_charge 
_atom_site.auth_seq_id 
_atom_site.auth_comp_id 
_atom_site.auth_asym_id 
_atom_site.auth_atom_id 
_atom_site.pdbx_PDB_model_num 
ATOM   1    N N   . GLY A 1 1   ? -17.600 -15.789 -1.964  1.00 54.07 ? 0   GLY A N   1 
ATOM   2    C CA  . GLY A 1 1   ? -17.233 -14.493 -2.619  1.00 50.46 ? 0   GLY A CA  1 
ATOM   3    C C   . GLY A 1 1   ? -15.741 -14.238 -2.500  1.00 46.98 ? 0   GLY A C   1 
ATOM   4    O O   . GLY A 1 1   ? -15.023 -15.045 -1.898  1.00 49.17 ? 0   GLY A O   1 
ATOM   5    N N   . CYS A 1 2   ? -15.277 -13.109 -3.029  1.00 39.67 ? 1   CYS A N   1 
ATOM   6    C CA  . CYS A 1 2   ? -13.861 -12.785 -2.973  1.00 34.33 ? 1   CYS A CA  1 
ATOM   7    C C   . CYS A 1 2   ? -13.629 -11.329 -2.532  1.00 33.62 ? 1   CYS A C   1 
ATOM   8    O O   . CYS A 1 2   ? -13.043 -10.536 -3.263  1.00 33.49 ? 1   CYS A O   1 
ATOM   9    C CB  . CYS A 1 2   ? -13.249 -13.032 -4.352  1.00 29.74 ? 1   CYS A CB  1 
ATOM   10   S SG  . CYS A 1 2   ? -11.441 -13.024 -4.390  1.00 23.66 ? 1   CYS A SG  1 
ATOM   11   N N   . SER A 1 3   ? -14.092 -10.972 -1.339  1.00 31.82 ? 2   SER A N   1 
ATOM   12   C CA  . SER A 1 3   ? -13.923 -9.608  -0.857  1.00 31.62 ? 2   SER A CA  1 
ATOM   13   C C   . SER A 1 3   ? -13.506 -9.581  0.609   1.00 30.74 ? 2   SER A C   1 
ATOM   14   O O   . SER A 1 3   ? -13.808 -8.641  1.339   1.00 31.55 ? 2   SER A O   1 
ATOM   15   C CB  . SER A 1 3   ? -15.210 -8.805  -1.068  1.00 31.88 ? 2   SER A CB  1 
ATOM   16   O OG  . SER A 1 3   ? -16.292 -9.380  -0.361  1.00 35.91 ? 2   SER A OG  1 
ATOM   17   N N   . THR A 1 4   ? -12.734 -10.579 1.012   1.00 29.12 ? 3   THR A N   1 
ATOM   18   C CA  . THR A 1 4   ? -12.289 -10.668 2.390   1.00 29.59 ? 3   THR A CA  1 
ATOM   19   C C   . THR A 1 4   ? -10.982 -9.899  2.607   1.00 28.47 ? 3   THR A C   1 
ATOM   20   O O   . THR A 1 4   ? -10.098 -9.920  1.743   1.00 29.00 ? 3   THR A O   1 
ATOM   21   C CB  . THR A 1 4   ? -12.101 -12.150 2.788   1.00 30.42 ? 3   THR A CB  1 
ATOM   22   O OG1 . THR A 1 4   ? -13.337 -12.847 2.593   1.00 37.30 ? 3   THR A OG1 1 
ATOM   23   C CG2 . THR A 1 4   ? -11.684 -12.282 4.246   1.00 33.43 ? 3   THR A CG2 1 
ATOM   24   N N   . PRO A 1 5   ? -10.890 -9.121  3.706   1.00 24.95 ? 4   PRO A N   1 
ATOM   25   C CA  . PRO A 1 5   ? -9.659  -8.376  3.978   1.00 24.76 ? 4   PRO A CA  1 
ATOM   26   C C   . PRO A 1 5   ? -8.556  -9.411  4.156   1.00 24.46 ? 4   PRO A C   1 
ATOM   27   O O   . PRO A 1 5   ? -8.733  -10.378 4.891   1.00 29.05 ? 4   PRO A O   1 
ATOM   28   C CB  . PRO A 1 5   ? -9.982  -7.650  5.288   1.00 25.46 ? 4   PRO A CB  1 
ATOM   29   C CG  . PRO A 1 5   ? -11.039 -8.500  5.914   1.00 25.93 ? 4   PRO A CG  1 
ATOM   30   C CD  . PRO A 1 5   ? -11.901 -8.832  4.733   1.00 24.63 ? 4   PRO A CD  1 
ATOM   31   N N   . LEU A 1 6   ? -7.433  -9.218  3.478   1.00 22.98 ? 5   LEU A N   1 
ATOM   32   C CA  . LEU A 1 6   ? -6.322  -10.168 3.525   1.00 21.57 ? 5   LEU A CA  1 
ATOM   33   C C   . LEU A 1 6   ? -5.437  -10.187 4.765   1.00 23.13 ? 5   LEU A C   1 
ATOM   34   O O   . LEU A 1 6   ? -4.533  -11.017 4.845   1.00 24.67 ? 5   LEU A O   1 
ATOM   35   C CB  . LEU A 1 6   ? -5.455  -10.059 2.264   1.00 18.74 ? 5   LEU A CB  1 
ATOM   36   C CG  . LEU A 1 6   ? -6.179  -10.368 0.954   1.00 20.07 ? 5   LEU A CG  1 
ATOM   37   C CD1 . LEU A 1 6   ? -5.256  -10.105 -0.206  1.00 20.56 ? 5   LEU A CD1 1 
ATOM   38   C CD2 . LEU A 1 6   ? -6.659  -11.812 0.943   1.00 19.46 ? 5   LEU A CD2 1 
ATOM   39   N N   . GLY A 1 7   ? -5.614  -9.242  5.683   1.00 22.47 ? 6   GLY A N   1 
ATOM   40   C CA  . GLY A 1 7   ? -4.820  -9.286  6.900   1.00 23.02 ? 6   GLY A CA  1 
ATOM   41   C C   . GLY A 1 7   ? -3.941  -8.141  7.343   1.00 21.98 ? 6   GLY A C   1 
ATOM   42   O O   . GLY A 1 7   ? -3.115  -8.335  8.233   1.00 22.54 ? 6   GLY A O   1 
ATOM   43   N N   . MET A 1 8   ? -4.079  -6.967  6.743   1.00 22.08 ? 7   MET A N   1 
ATOM   44   C CA  . MET A 1 8   ? -3.255  -5.833  7.166   1.00 22.35 ? 7   MET A CA  1 
ATOM   45   C C   . MET A 1 8   ? -3.706  -5.358  8.534   1.00 21.24 ? 7   MET A C   1 
ATOM   46   O O   . MET A 1 8   ? -2.926  -5.316  9.476   1.00 20.49 ? 7   MET A O   1 
ATOM   47   C CB  . MET A 1 8   ? -3.332  -4.665  6.168   1.00 23.72 ? 7   MET A CB  1 
ATOM   48   C CG  . MET A 1 8   ? -2.602  -4.893  4.847   1.00 20.28 ? 7   MET A CG  1 
ATOM   49   S SD  . MET A 1 8   ? -0.856  -5.324  5.038   1.00 20.85 ? 7   MET A SD  1 
ATOM   50   C CE  . MET A 1 8   ? -0.110  -3.710  5.240   1.00 20.50 ? 7   MET A CE  1 
ATOM   51   N N   . GLU A 1 9   ? -4.987  -5.042  8.646   1.00 22.26 ? 8   GLU A N   1 
ATOM   52   C CA  . GLU A 1 9   ? -5.534  -4.562  9.895   1.00 22.51 ? 8   GLU A CA  1 
ATOM   53   C C   . GLU A 1 9   ? -5.563  -5.617  10.991  1.00 25.31 ? 8   GLU A C   1 
ATOM   54   O O   . GLU A 1 9   ? -5.115  -5.357  12.101  1.00 27.77 ? 8   GLU A O   1 
ATOM   55   C CB  . GLU A 1 9   ? -6.933  -3.977  9.680   1.00 21.14 ? 8   GLU A CB  1 
ATOM   56   C CG  . GLU A 1 9   ? -7.531  -3.392  10.946  1.00 23.87 ? 8   GLU A CG  1 
ATOM   57   C CD  . GLU A 1 9   ? -8.832  -2.639  10.728  1.00 29.69 ? 8   GLU A CD  1 
ATOM   58   O OE1 . GLU A 1 9   ? -9.472  -2.803  9.664   1.00 31.58 ? 8   GLU A OE1 1 
ATOM   59   O OE2 . GLU A 1 9   ? -9.214  -1.865  11.633  1.00 30.76 ? 8   GLU A OE2 1 
ATOM   60   N N   . ASN A 1 10  ? -6.058  -6.812  10.693  1.00 27.48 ? 9   ASN A N   1 
ATOM   61   C CA  . ASN A 1 10  ? -6.139  -7.843  11.727  1.00 31.58 ? 9   ASN A CA  1 
ATOM   62   C C   . ASN A 1 10  ? -4.820  -8.519  12.079  1.00 33.63 ? 9   ASN A C   1 
ATOM   63   O O   . ASN A 1 10  ? -4.776  -9.350  12.985  1.00 36.88 ? 9   ASN A O   1 
ATOM   64   C CB  . ASN A 1 10  ? -7.217  -8.885  11.404  1.00 32.95 ? 9   ASN A CB  1 
ATOM   65   C CG  . ASN A 1 10  ? -6.898  -9.703  10.172  1.00 34.66 ? 9   ASN A CG  1 
ATOM   66   O OD1 . ASN A 1 10  ? -5.747  -9.797  9.756   1.00 36.53 ? 9   ASN A OD1 1 
ATOM   67   N ND2 . ASN A 1 10  ? -7.926  -10.280 9.562   1.00 35.54 ? 9   ASN A ND2 1 
ATOM   68   N N   . GLY A 1 11  ? -3.751  -8.166  11.371  1.00 32.00 ? 10  GLY A N   1 
ATOM   69   C CA  . GLY A 1 11  ? -2.451  -8.743  11.654  1.00 30.40 ? 10  GLY A CA  1 
ATOM   70   C C   . GLY A 1 11  ? -2.150  -10.113 11.087  1.00 30.50 ? 10  GLY A C   1 
ATOM   71   O O   . GLY A 1 11  ? -1.108  -10.679 11.416  1.00 32.90 ? 10  GLY A O   1 
ATOM   72   N N   . LYS A 1 12  ? -3.041  -10.665 10.262  1.00 30.54 ? 11  LYS A N   1 
ATOM   73   C CA  . LYS A 1 12  ? -2.801  -11.975 9.655   1.00 30.15 ? 11  LYS A CA  1 
ATOM   74   C C   . LYS A 1 12  ? -1.612  -11.871 8.705   1.00 31.82 ? 11  LYS A C   1 
ATOM   75   O O   . LYS A 1 12  ? -0.923  -12.862 8.449   1.00 32.14 ? 11  LYS A O   1 
ATOM   76   C CB  . LYS A 1 12  ? -4.027  -12.483 8.901   1.00 32.14 ? 11  LYS A CB  1 
ATOM   77   C CG  . LYS A 1 12  ? -5.171  -12.921 9.799   1.00 35.68 ? 11  LYS A CG  1 
ATOM   78   C CD  . LYS A 1 12  ? -6.330  -13.457 8.974   0.00 34.69 ? 11  LYS A CD  1 
ATOM   79   C CE  . LYS A 1 12  ? -7.573  -13.686 9.822   0.00 35.00 ? 11  LYS A CE  1 
ATOM   80   N NZ  . LYS A 1 12  ? -7.340  -14.633 10.948  0.00 34.94 ? 11  LYS A NZ  1 
ATOM   81   N N   . ILE A 1 13  ? -1.426  -10.688 8.120   1.00 29.92 ? 12  ILE A N   1 
ATOM   82   C CA  . ILE A 1 13  ? -0.281  -10.442 7.250   1.00 28.23 ? 12  ILE A CA  1 
ATOM   83   C C   . ILE A 1 13  ? 0.753   -9.997  8.273   1.00 30.95 ? 12  ILE A C   1 
ATOM   84   O O   . ILE A 1 13  ? 0.556   -8.997  8.974   1.00 29.83 ? 12  ILE A O   1 
ATOM   85   C CB  . ILE A 1 13  ? -0.543  -9.304  6.231   1.00 26.00 ? 12  ILE A CB  1 
ATOM   86   C CG1 . ILE A 1 13  ? -1.440  -9.812  5.092   1.00 27.79 ? 12  ILE A CG1 1 
ATOM   87   C CG2 . ILE A 1 13  ? 0.772   -8.773  5.684   1.00 24.06 ? 12  ILE A CG2 1 
ATOM   88   C CD1 . ILE A 1 13  ? -1.795  -8.771  4.036   1.00 24.90 ? 12  ILE A CD1 1 
ATOM   89   N N   . GLU A 1 14  ? 1.802   -10.790 8.429   1.00 31.72 ? 13  GLU A N   1 
ATOM   90   C CA  . GLU A 1 14  ? 2.832   -10.486 9.405   1.00 32.85 ? 13  GLU A CA  1 
ATOM   91   C C   . GLU A 1 14  ? 3.823   -9.411  8.993   1.00 30.91 ? 13  GLU A C   1 
ATOM   92   O O   . GLU A 1 14  ? 4.072   -9.181  7.801   1.00 28.46 ? 13  GLU A O   1 
ATOM   93   C CB  . GLU A 1 14  ? 3.571   -11.761 9.789   1.00 39.24 ? 13  GLU A CB  1 
ATOM   94   C CG  . GLU A 1 14  ? 2.681   -12.773 10.477  1.00 49.90 ? 13  GLU A CG  1 
ATOM   95   C CD  . GLU A 1 14  ? 3.374   -14.102 10.694  1.00 55.64 ? 13  GLU A CD  1 
ATOM   96   O OE1 . GLU A 1 14  ? 4.584   -14.102 11.015  1.00 58.56 ? 13  GLU A OE1 1 
ATOM   97   O OE2 . GLU A 1 14  ? 2.703   -15.148 10.541  1.00 60.39 ? 13  GLU A OE2 1 
ATOM   98   N N   . ASN A 1 15  ? 4.440   -8.808  10.004  1.00 28.15 ? 14  ASN A N   1 
ATOM   99   C CA  . ASN A 1 15  ? 5.425   -7.754  9.806   1.00 27.62 ? 14  ASN A CA  1 
ATOM   100  C C   . ASN A 1 15  ? 6.475   -8.127  8.783   1.00 26.28 ? 14  ASN A C   1 
ATOM   101  O O   . ASN A 1 15  ? 6.846   -7.311  7.945   1.00 25.27 ? 14  ASN A O   1 
ATOM   102  C CB  . ASN A 1 15  ? 6.107   -7.395  11.131  1.00 27.23 ? 14  ASN A CB  1 
ATOM   103  C CG  . ASN A 1 15  ? 5.213   -6.582  12.049  1.00 28.64 ? 14  ASN A CG  1 
ATOM   104  O OD1 . ASN A 1 15  ? 4.099   -6.209  11.689  1.00 31.68 ? 14  ASN A OD1 1 
ATOM   105  N ND2 . ASN A 1 15  ? 5.703   -6.297  13.240  1.00 28.30 ? 14  ASN A ND2 1 
ATOM   106  N N   . LYS A 1 16  ? 6.941   -9.369  8.837   1.00 27.54 ? 15  LYS A N   1 
ATOM   107  C CA  . LYS A 1 16  ? 7.971   -9.839  7.911   1.00 30.02 ? 15  LYS A CA  1 
ATOM   108  C C   . LYS A 1 16  ? 7.578   -9.790  6.431   1.00 27.73 ? 15  LYS A C   1 
ATOM   109  O O   . LYS A 1 16  ? 8.445   -9.679  5.561   1.00 27.74 ? 15  LYS A O   1 
ATOM   110  C CB  . LYS A 1 16  ? 8.433   -11.263 8.283   1.00 34.11 ? 15  LYS A CB  1 
ATOM   111  C CG  . LYS A 1 16  ? 7.352   -12.344 8.198   1.00 35.08 ? 15  LYS A CG  1 
ATOM   112  C CD  . LYS A 1 16  ? 7.192   -13.090 9.508   0.00 34.76 ? 15  LYS A CD  1 
ATOM   113  C CE  . LYS A 1 16  ? 7.788   -14.484 9.444   0.00 34.94 ? 15  LYS A CE  1 
ATOM   114  N NZ  . LYS A 1 16  ? 7.118   -15.319 8.410   0.00 35.05 ? 15  LYS A NZ  1 
ATOM   115  N N   . GLN A 1 17  ? 6.279   -9.843  6.157   1.00 25.71 ? 16  GLN A N   1 
ATOM   116  C CA  . GLN A 1 17  ? 5.770   -9.831  4.788   1.00 23.25 ? 16  GLN A CA  1 
ATOM   117  C C   . GLN A 1 17  ? 5.673   -8.454  4.147   1.00 23.42 ? 16  GLN A C   1 
ATOM   118  O O   . GLN A 1 17  ? 5.442   -8.349  2.940   1.00 23.68 ? 16  GLN A O   1 
ATOM   119  C CB  . GLN A 1 17  ? 4.393   -10.473 4.754   1.00 22.96 ? 16  GLN A CB  1 
ATOM   120  C CG  . GLN A 1 17  ? 4.405   -11.941 5.078   1.00 25.39 ? 16  GLN A CG  1 
ATOM   121  C CD  . GLN A 1 17  ? 3.050   -12.435 5.496   1.00 24.04 ? 16  GLN A CD  1 
ATOM   122  O OE1 . GLN A 1 17  ? 2.835   -12.737 6.665   1.00 26.32 ? 16  GLN A OE1 1 
ATOM   123  N NE2 . GLN A 1 17  ? 2.111   -12.478 4.555   1.00 23.60 ? 16  GLN A NE2 1 
ATOM   124  N N   . ILE A 1 18  ? 5.848   -7.406  4.944   1.00 22.54 ? 17  ILE A N   1 
ATOM   125  C CA  . ILE A 1 18  ? 5.737   -6.038  4.449   1.00 22.45 ? 17  ILE A CA  1 
ATOM   126  C C   . ILE A 1 18  ? 7.085   -5.327  4.442   1.00 23.53 ? 17  ILE A C   1 
ATOM   127  O O   . ILE A 1 18  ? 7.725   -5.184  5.481   1.00 25.46 ? 17  ILE A O   1 
ATOM   128  C CB  . ILE A 1 18  ? 4.735   -5.242  5.308   1.00 21.03 ? 17  ILE A CB  1 
ATOM   129  C CG1 . ILE A 1 18  ? 3.465   -6.070  5.508   1.00 19.89 ? 17  ILE A CG1 1 
ATOM   130  C CG2 . ILE A 1 18  ? 4.399   -3.913  4.634   1.00 22.12 ? 17  ILE A CG2 1 
ATOM   131  C CD1 . ILE A 1 18  ? 2.610   -5.630  6.664   1.00 22.63 ? 17  ILE A CD1 1 
ATOM   132  N N   . THR A 1 19  ? 7.514   -4.883  3.268   1.00 25.33 ? 18  THR A N   1 
ATOM   133  C CA  . THR A 1 19  ? 8.794   -4.193  3.134   1.00 25.79 ? 18  THR A CA  1 
ATOM   134  C C   . THR A 1 19  ? 8.603   -2.943  2.276   1.00 25.85 ? 18  THR A C   1 
ATOM   135  O O   . THR A 1 19  ? 7.531   -2.749  1.699   1.00 24.32 ? 18  THR A O   1 
ATOM   136  C CB  . THR A 1 19  ? 9.872   -5.110  2.493   1.00 26.87 ? 18  THR A CB  1 
ATOM   137  O OG1 . THR A 1 19  ? 9.461   -5.495  1.177   1.00 25.99 ? 18  THR A OG1 1 
ATOM   138  C CG2 . THR A 1 19  ? 10.085  -6.366  3.339   1.00 27.32 ? 18  THR A CG2 1 
ATOM   139  N N   . ALA A 1 20  ? 9.628   -2.094  2.198   1.00 24.86 ? 19  ALA A N   1 
ATOM   140  C CA  . ALA A 1 20  ? 9.548   -0.865  1.407   1.00 22.92 ? 19  ALA A CA  1 
ATOM   141  C C   . ALA A 1 20  ? 10.911  -0.433  0.897   1.00 24.61 ? 19  ALA A C   1 
ATOM   142  O O   . ALA A 1 20  ? 11.940  -0.918  1.360   1.00 25.10 ? 19  ALA A O   1 
ATOM   143  C CB  . ALA A 1 20  ? 8.923   0.257   2.223   1.00 18.68 ? 19  ALA A CB  1 
ATOM   144  N N   . SER A 1 21  ? 10.909  0.490   -0.058  1.00 23.98 ? 20  SER A N   1 
ATOM   145  C CA  . SER A 1 21  ? 12.138  1.015   -0.644  1.00 24.85 ? 20  SER A CA  1 
ATOM   146  C C   . SER A 1 21  ? 12.975  1.729   0.413   1.00 24.80 ? 20  SER A C   1 
ATOM   147  O O   . SER A 1 21  ? 14.199  1.771   0.319   1.00 25.06 ? 20  SER A O   1 
ATOM   148  C CB  . SER A 1 21  ? 11.793  1.997   -1.757  1.00 22.93 ? 20  SER A CB  1 
ATOM   149  O OG  . SER A 1 21  ? 10.801  2.902   -1.287  1.00 26.07 ? 20  SER A OG  1 
ATOM   150  N N   . SER A 1 22  ? 12.296  2.342   1.376   1.00 23.19 ? 21  SER A N   1 
ATOM   151  C CA  . SER A 1 22  ? 12.952  3.058   2.458   1.00 24.63 ? 21  SER A CA  1 
ATOM   152  C C   . SER A 1 22  ? 11.892  3.485   3.465   1.00 25.30 ? 21  SER A C   1 
ATOM   153  O O   . SER A 1 22  ? 10.695  3.372   3.197   1.00 24.43 ? 21  SER A O   1 
ATOM   154  C CB  . SER A 1 22  ? 13.669  4.299   1.914   1.00 24.20 ? 21  SER A CB  1 
ATOM   155  O OG  . SER A 1 22  ? 12.744  5.287   1.493   1.00 23.60 ? 21  SER A OG  1 
ATOM   156  N N   . PHE A 1 23  ? 12.323  3.926   4.639   1.00 25.60 ? 22  PHE A N   1 
ATOM   157  C CA  . PHE A 1 23  ? 11.386  4.394   5.646   1.00 27.44 ? 22  PHE A CA  1 
ATOM   158  C C   . PHE A 1 23  ? 12.046  5.438   6.521   1.00 28.45 ? 22  PHE A C   1 
ATOM   159  O O   . PHE A 1 23  ? 13.272  5.487   6.629   1.00 28.64 ? 22  PHE A O   1 
ATOM   160  C CB  . PHE A 1 23  ? 10.792  3.245   6.476   1.00 28.83 ? 22  PHE A CB  1 
ATOM   161  C CG  . PHE A 1 23  ? 11.787  2.513   7.338   1.00 32.15 ? 22  PHE A CG  1 
ATOM   162  C CD1 . PHE A 1 23  ? 12.507  1.434   6.831   1.00 31.21 ? 22  PHE A CD1 1 
ATOM   163  C CD2 . PHE A 1 23  ? 11.965  2.874   8.671   1.00 30.71 ? 22  PHE A CD2 1 
ATOM   164  C CE1 . PHE A 1 23  ? 13.392  0.720   7.639   1.00 35.89 ? 22  PHE A CE1 1 
ATOM   165  C CE2 . PHE A 1 23  ? 12.846  2.170   9.491   1.00 34.60 ? 22  PHE A CE2 1 
ATOM   166  C CZ  . PHE A 1 23  ? 13.563  1.089   8.974   1.00 36.05 ? 22  PHE A CZ  1 
ATOM   167  N N   . LYS A 1 24  ? 11.227  6.317   7.081   1.00 28.92 ? 23  LYS A N   1 
ATOM   168  C CA  . LYS A 1 24  ? 11.705  7.392   7.932   1.00 29.97 ? 23  LYS A CA  1 
ATOM   169  C C   . LYS A 1 24  ? 12.104  6.920   9.324   1.00 29.67 ? 23  LYS A C   1 
ATOM   170  O O   . LYS A 1 24  ? 11.374  6.176   9.981   1.00 27.17 ? 23  LYS A O   1 
ATOM   171  C CB  . LYS A 1 24  ? 10.638  8.484   8.046   1.00 30.53 ? 23  LYS A CB  1 
ATOM   172  C CG  . LYS A 1 24  ? 11.041  9.645   8.933   1.00 37.29 ? 23  LYS A CG  1 
ATOM   173  C CD  . LYS A 1 24  ? 9.912   10.649  9.107   1.00 45.78 ? 23  LYS A CD  1 
ATOM   174  C CE  . LYS A 1 24  ? 9.702   11.491  7.854   1.00 51.52 ? 23  LYS A CE  1 
ATOM   175  N NZ  . LYS A 1 24  ? 10.835  12.431  7.602   1.00 56.03 ? 23  LYS A NZ  1 
ATOM   176  N N   . LYS A 1 25  ? 13.276  7.371   9.751   1.00 32.80 ? 24  LYS A N   1 
ATOM   177  C CA  . LYS A 1 25  ? 13.830  7.071   11.071  1.00 36.13 ? 24  LYS A CA  1 
ATOM   178  C C   . LYS A 1 25  ? 14.145  8.430   11.712  1.00 38.06 ? 24  LYS A C   1 
ATOM   179  O O   . LYS A 1 25  ? 14.958  9.184   11.173  1.00 39.56 ? 24  LYS A O   1 
ATOM   180  C CB  . LYS A 1 25  ? 15.144  6.283   10.953  1.00 33.19 ? 24  LYS A CB  1 
ATOM   181  C CG  . LYS A 1 25  ? 15.022  4.794   10.704  0.00 34.35 ? 24  LYS A CG  1 
ATOM   182  C CD  . LYS A 1 25  ? 16.403  4.141   10.771  0.00 34.36 ? 24  LYS A CD  1 
ATOM   183  C CE  . LYS A 1 25  ? 17.164  4.590   12.022  0.00 34.66 ? 24  LYS A CE  1 
ATOM   184  N NZ  . LYS A 1 25  ? 18.523  3.994   12.154  0.00 34.76 ? 24  LYS A NZ  1 
ATOM   185  N N   . SER A 1 26  ? 13.463  8.779   12.801  1.00 38.28 ? 25  SER A N   1 
ATOM   186  C CA  . SER A 1 26  ? 13.738  10.045  13.482  1.00 40.27 ? 25  SER A CA  1 
ATOM   187  C C   . SER A 1 26  ? 14.914  9.840   14.437  1.00 41.11 ? 25  SER A C   1 
ATOM   188  O O   . SER A 1 26  ? 15.144  8.732   14.935  1.00 40.93 ? 25  SER A O   1 
ATOM   189  C CB  . SER A 1 26  ? 12.516  10.552  14.268  1.00 40.64 ? 25  SER A CB  1 
ATOM   190  O OG  . SER A 1 26  ? 12.406  9.932   15.545  1.00 39.00 ? 25  SER A OG  1 
ATOM   191  N N   . TRP A 1 27  ? 15.618  10.925  14.733  1.00 42.27 ? 26  TRP A N   1 
ATOM   192  C CA  . TRP A 1 27  ? 16.770  10.883  15.627  1.00 43.93 ? 26  TRP A CA  1 
ATOM   193  C C   . TRP A 1 27  ? 16.445  10.293  16.987  1.00 45.50 ? 26  TRP A C   1 
ATOM   194  O O   . TRP A 1 27  ? 17.337  9.823   17.691  1.00 47.06 ? 26  TRP A O   1 
ATOM   195  C CB  . TRP A 1 27  ? 17.321  12.299  15.828  1.00 41.70 ? 26  TRP A CB  1 
ATOM   196  C CG  . TRP A 1 27  ? 17.691  12.948  14.554  1.00 40.02 ? 26  TRP A CG  1 
ATOM   197  C CD1 . TRP A 1 27  ? 16.918  13.785  13.807  1.00 40.02 ? 26  TRP A CD1 1 
ATOM   198  C CD2 . TRP A 1 27  ? 18.902  12.755  13.827  1.00 41.11 ? 26  TRP A CD2 1 
ATOM   199  N NE1 . TRP A 1 27  ? 17.571  14.119  12.645  1.00 39.67 ? 26  TRP A NE1 1 
ATOM   200  C CE2 . TRP A 1 27  ? 18.791  13.498  12.630  1.00 40.83 ? 26  TRP A CE2 1 
ATOM   201  C CE3 . TRP A 1 27  ? 20.072  12.022  14.066  1.00 43.15 ? 26  TRP A CE3 1 
ATOM   202  C CZ2 . TRP A 1 27  ? 19.808  13.529  11.670  1.00 43.51 ? 26  TRP A CZ2 1 
ATOM   203  C CZ3 . TRP A 1 27  ? 21.085  12.052  13.113  1.00 46.47 ? 26  TRP A CZ3 1 
ATOM   204  C CH2 . TRP A 1 27  ? 20.943  12.801  11.926  1.00 46.65 ? 26  TRP A CH2 1 
ATOM   205  N N   . TRP A 1 28  ? 15.164  10.274  17.331  1.00 47.23 ? 27  TRP A N   1 
ATOM   206  C CA  . TRP A 1 28  ? 14.751  9.795   18.633  1.00 49.52 ? 27  TRP A CA  1 
ATOM   207  C C   . TRP A 1 28  ? 13.869  8.550   18.644  1.00 51.55 ? 27  TRP A C   1 
ATOM   208  O O   . TRP A 1 28  ? 12.756  8.565   19.185  1.00 54.07 ? 27  TRP A O   1 
ATOM   209  C CB  . TRP A 1 28  ? 14.107  10.956  19.389  1.00 49.38 ? 27  TRP A CB  1 
ATOM   210  C CG  . TRP A 1 28  ? 14.969  12.192  19.322  1.00 49.14 ? 27  TRP A CG  1 
ATOM   211  C CD1 . TRP A 1 28  ? 16.063  12.468  20.095  1.00 46.36 ? 27  TRP A CD1 1 
ATOM   212  C CD2 . TRP A 1 28  ? 14.858  13.272  18.385  1.00 48.94 ? 27  TRP A CD2 1 
ATOM   213  N NE1 . TRP A 1 28  ? 16.643  13.645  19.690  1.00 48.04 ? 27  TRP A NE1 1 
ATOM   214  C CE2 . TRP A 1 28  ? 15.923  14.162  18.644  1.00 48.34 ? 27  TRP A CE2 1 
ATOM   215  C CE3 . TRP A 1 28  ? 13.965  13.572  17.343  1.00 49.05 ? 27  TRP A CE3 1 
ATOM   216  C CZ2 . TRP A 1 28  ? 16.124  15.334  17.903  1.00 48.29 ? 27  TRP A CZ2 1 
ATOM   217  C CZ3 . TRP A 1 28  ? 14.167  14.741  16.603  1.00 49.67 ? 27  TRP A CZ3 1 
ATOM   218  C CH2 . TRP A 1 28  ? 15.240  15.605  16.890  1.00 49.41 ? 27  TRP A CH2 1 
ATOM   219  N N   . GLY A 1 29  ? 14.364  7.487   18.012  1.00 50.20 ? 28  GLY A N   1 
ATOM   220  C CA  . GLY A 1 29  ? 13.652  6.216   17.979  1.00 49.55 ? 28  GLY A CA  1 
ATOM   221  C C   . GLY A 1 29  ? 12.308  6.061   17.279  1.00 48.18 ? 28  GLY A C   1 
ATOM   222  O O   . GLY A 1 29  ? 11.630  5.057   17.504  1.00 48.89 ? 28  GLY A O   1 
ATOM   223  N N   . ASP A 1 30  ? 11.891  7.019   16.458  1.00 47.32 ? 29  ASP A N   1 
ATOM   224  C CA  . ASP A 1 30  ? 10.623  6.880   15.742  1.00 46.36 ? 29  ASP A CA  1 
ATOM   225  C C   . ASP A 1 30  ? 10.867  6.316   14.353  1.00 44.50 ? 29  ASP A C   1 
ATOM   226  O O   . ASP A 1 30  ? 11.332  7.029   13.460  1.00 43.48 ? 29  ASP A O   1 
ATOM   227  C CB  . ASP A 1 30  ? 9.898   8.218   15.618  1.00 47.38 ? 29  ASP A CB  1 
ATOM   228  C CG  . ASP A 1 30  ? 9.333   8.691   16.930  1.00 49.65 ? 29  ASP A CG  1 
ATOM   229  O OD1 . ASP A 1 30  ? 9.119   7.854   17.836  1.00 47.55 ? 29  ASP A OD1 1 
ATOM   230  O OD2 . ASP A 1 30  ? 9.096   9.911   17.041  1.00 52.49 ? 29  ASP A OD2 1 
ATOM   231  N N   . TYR A 1 31  ? 10.620  5.020   14.190  1.00 41.33 ? 30  TYR A N   1 
ATOM   232  C CA  . TYR A 1 31  ? 10.818  4.377   12.899  1.00 39.73 ? 30  TYR A CA  1 
ATOM   233  C C   . TYR A 1 31  ? 9.469   4.092   12.276  1.00 33.92 ? 30  TYR A C   1 
ATOM   234  O O   . TYR A 1 31  ? 8.669   3.330   12.814  1.00 31.84 ? 30  TYR A O   1 
ATOM   235  C CB  . TYR A 1 31  ? 11.617  3.074   13.035  1.00 45.42 ? 30  TYR A CB  1 
ATOM   236  C CG  . TYR A 1 31  ? 12.983  3.259   13.640  1.00 52.26 ? 30  TYR A CG  1 
ATOM   237  C CD1 . TYR A 1 31  ? 13.503  4.537   13.847  1.00 54.71 ? 30  TYR A CD1 1 
ATOM   238  C CD2 . TYR A 1 31  ? 13.736  2.165   14.057  1.00 55.04 ? 30  TYR A CD2 1 
ATOM   239  C CE1 . TYR A 1 31  ? 14.725  4.727   14.462  1.00 59.15 ? 30  TYR A CE1 1 
ATOM   240  C CE2 . TYR A 1 31  ? 14.970  2.343   14.675  1.00 58.71 ? 30  TYR A CE2 1 
ATOM   241  C CZ  . TYR A 1 31  ? 15.455  3.632   14.876  1.00 60.48 ? 30  TYR A CZ  1 
ATOM   242  O OH  . TYR A 1 31  ? 16.661  3.846   15.504  1.00 65.32 ? 30  TYR A OH  1 
ATOM   243  N N   . TRP A 1 32  ? 9.220   4.729   11.144  1.00 30.29 ? 31  TRP A N   1 
ATOM   244  C CA  . TRP A 1 32  ? 7.975   4.562   10.417  1.00 27.51 ? 31  TRP A CA  1 
ATOM   245  C C   . TRP A 1 32  ? 8.165   3.378   9.478   1.00 27.61 ? 31  TRP A C   1 
ATOM   246  O O   . TRP A 1 32  ? 8.143   3.519   8.248   1.00 26.61 ? 31  TRP A O   1 
ATOM   247  C CB  . TRP A 1 32  ? 7.684   5.841   9.651   1.00 26.23 ? 31  TRP A CB  1 
ATOM   248  C CG  . TRP A 1 32  ? 7.578   6.981   10.567  1.00 25.23 ? 31  TRP A CG  1 
ATOM   249  C CD1 . TRP A 1 32  ? 8.608   7.672   11.137  1.00 24.90 ? 31  TRP A CD1 1 
ATOM   250  C CD2 . TRP A 1 32  ? 6.374   7.532   11.103  1.00 26.98 ? 31  TRP A CD2 1 
ATOM   251  N NE1 . TRP A 1 32  ? 8.119   8.611   12.006  1.00 25.24 ? 31  TRP A NE1 1 
ATOM   252  C CE2 . TRP A 1 32  ? 6.750   8.549   12.007  1.00 27.00 ? 31  TRP A CE2 1 
ATOM   253  C CE3 . TRP A 1 32  ? 5.013   7.268   10.910  1.00 26.80 ? 31  TRP A CE3 1 
ATOM   254  C CZ2 . TRP A 1 32  ? 5.809   9.303   12.717  1.00 26.79 ? 31  TRP A CZ2 1 
ATOM   255  C CZ3 . TRP A 1 32  ? 4.077   8.023   11.615  1.00 26.70 ? 31  TRP A CZ3 1 
ATOM   256  C CH2 . TRP A 1 32  ? 4.482   9.026   12.508  1.00 27.73 ? 31  TRP A CH2 1 
ATOM   257  N N   . GLU A 1 33  ? 8.354   2.210   10.085  1.00 25.66 ? 32  GLU A N   1 
ATOM   258  C CA  . GLU A 1 33  ? 8.597   0.974   9.371   1.00 27.67 ? 32  GLU A CA  1 
ATOM   259  C C   . GLU A 1 33  ? 7.437   0.558   8.482   1.00 25.69 ? 32  GLU A C   1 
ATOM   260  O O   . GLU A 1 33  ? 6.278   0.832   8.787   1.00 22.94 ? 32  GLU A O   1 
ATOM   261  C CB  . GLU A 1 33  ? 8.993   -0.127  10.363  1.00 32.89 ? 32  GLU A CB  1 
ATOM   262  C CG  . GLU A 1 33  ? 10.254  0.253   11.168  1.00 40.12 ? 32  GLU A CG  1 
ATOM   263  C CD  . GLU A 1 33  ? 10.959  -0.923  11.830  1.00 43.37 ? 32  GLU A CD  1 
ATOM   264  O OE1 . GLU A 1 33  ? 11.749  -1.621  11.147  1.00 46.35 ? 32  GLU A OE1 1 
ATOM   265  O OE2 . GLU A 1 33  ? 10.745  -1.137  13.041  1.00 44.09 ? 32  GLU A OE2 1 
ATOM   266  N N   . PRO A 1 34  ? 7.742   -0.092  7.348   1.00 24.52 ? 33  PRO A N   1 
ATOM   267  C CA  . PRO A 1 34  ? 6.734   -0.551  6.385   1.00 24.43 ? 33  PRO A CA  1 
ATOM   268  C C   . PRO A 1 34  ? 5.535   -1.274  7.026   1.00 23.88 ? 33  PRO A C   1 
ATOM   269  O O   . PRO A 1 34  ? 4.377   -0.947  6.752   1.00 23.69 ? 33  PRO A O   1 
ATOM   270  C CB  . PRO A 1 34  ? 7.544   -1.476  5.474   1.00 24.48 ? 33  PRO A CB  1 
ATOM   271  C CG  . PRO A 1 34  ? 8.895   -0.843  5.488   1.00 24.21 ? 33  PRO A CG  1 
ATOM   272  C CD  . PRO A 1 34  ? 9.092   -0.522  6.937   1.00 21.70 ? 33  PRO A CD  1 
ATOM   273  N N   . PHE A 1 35  ? 5.815   -2.214  7.928   1.00 22.34 ? 34  PHE A N   1 
ATOM   274  C CA  . PHE A 1 35  ? 4.756   -2.967  8.590   1.00 19.69 ? 34  PHE A CA  1 
ATOM   275  C C   . PHE A 1 35  ? 3.840   -2.157  9.491   1.00 20.14 ? 34  PHE A C   1 
ATOM   276  O O   . PHE A 1 35  ? 2.897   -2.706  10.048  1.00 22.53 ? 34  PHE A O   1 
ATOM   277  C CB  . PHE A 1 35  ? 5.323   -4.173  9.339   1.00 21.22 ? 34  PHE A CB  1 
ATOM   278  C CG  . PHE A 1 35  ? 6.433   -3.832  10.278  1.00 24.50 ? 34  PHE A CG  1 
ATOM   279  C CD1 . PHE A 1 35  ? 6.165   -3.268  11.514  1.00 26.86 ? 34  PHE A CD1 1 
ATOM   280  C CD2 . PHE A 1 35  ? 7.753   -4.073  9.923   1.00 27.03 ? 34  PHE A CD2 1 
ATOM   281  C CE1 . PHE A 1 35  ? 7.203   -2.947  12.385  1.00 30.81 ? 34  PHE A CE1 1 
ATOM   282  C CE2 . PHE A 1 35  ? 8.792   -3.757  10.787  1.00 29.23 ? 34  PHE A CE2 1 
ATOM   283  C CZ  . PHE A 1 35  ? 8.516   -3.194  12.019  1.00 29.76 ? 34  PHE A CZ  1 
ATOM   284  N N   . ARG A 1 36  ? 4.115   -0.865  9.656   1.00 21.93 ? 35  ARG A N   1 
ATOM   285  C CA  . ARG A 1 36  ? 3.246   -0.018  10.468  1.00 23.96 ? 35  ARG A CA  1 
ATOM   286  C C   . ARG A 1 36  ? 2.091   0.499   9.591   1.00 23.27 ? 35  ARG A C   1 
ATOM   287  O O   . ARG A 1 36  ? 1.134   1.088   10.105  1.00 22.69 ? 35  ARG A O   1 
ATOM   288  C CB  . ARG A 1 36  ? 4.000   1.194   11.057  1.00 27.97 ? 35  ARG A CB  1 
ATOM   289  C CG  . ARG A 1 36  ? 5.168   0.890   12.004  1.00 35.39 ? 35  ARG A CG  1 
ATOM   290  C CD  . ARG A 1 36  ? 4.751   0.215   13.310  1.00 40.28 ? 35  ARG A CD  1 
ATOM   291  N NE  . ARG A 1 36  ? 5.908   -0.027  14.184  1.00 47.99 ? 35  ARG A NE  1 
ATOM   292  C CZ  . ARG A 1 36  ? 6.097   -1.121  14.926  1.00 50.65 ? 35  ARG A CZ  1 
ATOM   293  N NH1 . ARG A 1 36  ? 5.202   -2.105  14.925  1.00 52.49 ? 35  ARG A NH1 1 
ATOM   294  N NH2 . ARG A 1 36  ? 7.208   -1.258  15.643  1.00 49.97 ? 35  ARG A NH2 1 
ATOM   295  N N   . ALA A 1 37  ? 2.178   0.285   8.275   1.00 21.76 ? 36  ALA A N   1 
ATOM   296  C CA  . ALA A 1 37  ? 1.147   0.759   7.343   1.00 19.99 ? 36  ALA A CA  1 
ATOM   297  C C   . ALA A 1 37  ? -0.158  -0.039  7.375   1.00 19.90 ? 36  ALA A C   1 
ATOM   298  O O   . ALA A 1 37  ? -0.679  -0.434  6.331   1.00 18.06 ? 36  ALA A O   1 
ATOM   299  C CB  . ALA A 1 37  ? 1.702   0.787   5.934   1.00 17.84 ? 36  ALA A CB  1 
ATOM   300  N N   . ARG A 1 38  ? -0.724  -0.219  8.563   1.00 18.62 ? 37  ARG A N   1 
ATOM   301  C CA  . ARG A 1 38  ? -1.954  -0.980  8.711   1.00 18.21 ? 37  ARG A CA  1 
ATOM   302  C C   . ARG A 1 38  ? -3.186  -0.098  8.936   1.00 18.79 ? 37  ARG A C   1 
ATOM   303  O O   . ARG A 1 38  ? -3.175  0.841   9.743   1.00 17.21 ? 37  ARG A O   1 
ATOM   304  C CB  . ARG A 1 38  ? -1.787  -2.018  9.823   1.00 18.67 ? 37  ARG A CB  1 
ATOM   305  C CG  . ARG A 1 38  ? -0.577  -2.919  9.618   1.00 17.98 ? 37  ARG A CG  1 
ATOM   306  C CD  . ARG A 1 38  ? -0.376  -3.859  10.797  1.00 20.47 ? 37  ARG A CD  1 
ATOM   307  N NE  . ARG A 1 38  ? 0.780   -4.731  10.601  1.00 21.78 ? 37  ARG A NE  1 
ATOM   308  C CZ  . ARG A 1 38  ? 0.721   -5.961  10.094  1.00 22.69 ? 37  ARG A CZ  1 
ATOM   309  N NH1 . ARG A 1 38  ? -0.439  -6.486  9.717   1.00 23.15 ? 37  ARG A NH1 1 
ATOM   310  N NH2 . ARG A 1 38  ? 1.821   -6.689  10.001  1.00 22.70 ? 37  ARG A NH2 1 
ATOM   311  N N   . LEU A 1 39  ? -4.245  -0.412  8.196   1.00 17.82 ? 38  LEU A N   1 
ATOM   312  C CA  . LEU A 1 39  ? -5.505  0.326   8.248   1.00 18.90 ? 38  LEU A CA  1 
ATOM   313  C C   . LEU A 1 39  ? -5.973  0.615   9.673   1.00 19.77 ? 38  LEU A C   1 
ATOM   314  O O   . LEU A 1 39  ? -5.953  -0.262  10.540  1.00 18.68 ? 38  LEU A O   1 
ATOM   315  C CB  . LEU A 1 39  ? -6.577  -0.458  7.493   1.00 20.21 ? 38  LEU A CB  1 
ATOM   316  C CG  . LEU A 1 39  ? -7.588  0.163   6.521   1.00 23.96 ? 38  LEU A CG  1 
ATOM   317  C CD1 . LEU A 1 39  ? -8.975  0.075   7.086   1.00 23.18 ? 38  LEU A CD1 1 
ATOM   318  C CD2 . LEU A 1 39  ? -7.231  1.571   6.109   1.00 23.56 ? 38  LEU A CD2 1 
ATOM   319  N N   . ASN A 1 40  ? -6.324  1.874   9.913   1.00 18.29 ? 39  ASN A N   1 
ATOM   320  C CA  . ASN A 1 40  ? -6.826  2.323   11.201  1.00 19.70 ? 39  ASN A CA  1 
ATOM   321  C C   . ASN A 1 40  ? -5.828  2.287   12.351  1.00 20.64 ? 39  ASN A C   1 
ATOM   322  O O   . ASN A 1 40  ? -6.208  2.531   13.494  1.00 24.62 ? 39  ASN A O   1 
ATOM   323  C CB  . ASN A 1 40  ? -8.087  1.533   11.588  1.00 20.81 ? 39  ASN A CB  1 
ATOM   324  C CG  . ASN A 1 40  ? -9.215  1.706   10.596  1.00 18.72 ? 39  ASN A CG  1 
ATOM   325  O OD1 . ASN A 1 40  ? -9.402  2.784   10.037  1.00 21.23 ? 39  ASN A OD1 1 
ATOM   326  N ND2 . ASN A 1 40  ? -9.965  0.636   10.353  1.00 20.19 ? 39  ASN A ND2 1 
ATOM   327  N N   . ALA A 1 41  ? -4.560  2.010   12.071  1.00 20.21 ? 40  ALA A N   1 
ATOM   328  C CA  . ALA A 1 41  ? -3.550  1.970   13.128  1.00 22.45 ? 40  ALA A CA  1 
ATOM   329  C C   . ALA A 1 41  ? -3.418  3.302   13.899  1.00 26.94 ? 40  ALA A C   1 
ATOM   330  O O   . ALA A 1 41  ? -3.441  4.393   13.310  1.00 26.77 ? 40  ALA A O   1 
ATOM   331  C CB  . ALA A 1 41  ? -2.197  1.549   12.551  1.00 19.87 ? 40  ALA A CB  1 
ATOM   332  N N   . GLN A 1 42  ? -3.297  3.207   15.222  1.00 27.01 ? 41  GLN A N   1 
ATOM   333  C CA  . GLN A 1 42  ? -3.141  4.380   16.073  1.00 27.22 ? 41  GLN A CA  1 
ATOM   334  C C   . GLN A 1 42  ? -1.777  4.298   16.755  1.00 31.15 ? 41  GLN A C   1 
ATOM   335  O O   . GLN A 1 42  ? -1.160  3.229   16.809  1.00 32.20 ? 41  GLN A O   1 
ATOM   336  C CB  . GLN A 1 42  ? -4.224  4.414   17.150  1.00 25.95 ? 41  GLN A CB  1 
ATOM   337  C CG  . GLN A 1 42  ? -5.632  4.328   16.634  1.00 22.82 ? 41  GLN A CG  1 
ATOM   338  C CD  . GLN A 1 42  ? -6.003  5.512   15.787  1.00 26.14 ? 41  GLN A CD  1 
ATOM   339  O OE1 . GLN A 1 42  ? -5.883  6.661   16.218  1.00 25.43 ? 41  GLN A OE1 1 
ATOM   340  N NE2 . GLN A 1 42  ? -6.456  5.247   14.572  1.00 23.90 ? 41  GLN A NE2 1 
ATOM   341  N N   . GLY A 1 43  ? -1.299  5.428   17.260  1.00 34.85 ? 42  GLY A N   1 
ATOM   342  C CA  . GLY A 1 43  ? -0.020  5.429   17.942  1.00 39.17 ? 42  GLY A CA  1 
ATOM   343  C C   . GLY A 1 43  ? 0.907   6.547   17.509  1.00 42.53 ? 42  GLY A C   1 
ATOM   344  O O   . GLY A 1 43  ? 0.628   7.270   16.550  1.00 42.16 ? 42  GLY A O   1 
ATOM   345  N N   . ARG A 1 44  ? 2.018   6.679   18.232  1.00 43.98 ? 43  ARG A N   1 
ATOM   346  C CA  . ARG A 1 44  ? 3.027   7.697   17.948  1.00 44.01 ? 43  ARG A CA  1 
ATOM   347  C C   . ARG A 1 44  ? 3.508   7.495   16.518  1.00 39.40 ? 43  ARG A C   1 
ATOM   348  O O   . ARG A 1 44  ? 3.665   8.444   15.758  1.00 38.85 ? 43  ARG A O   1 
ATOM   349  C CB  . ARG A 1 44  ? 4.195   7.568   18.938  1.00 48.13 ? 43  ARG A CB  1 
ATOM   350  C CG  . ARG A 1 44  ? 5.352   8.519   18.673  1.00 55.46 ? 43  ARG A CG  1 
ATOM   351  C CD  . ARG A 1 44  ? 6.223   8.700   19.915  1.00 59.22 ? 43  ARG A CD  1 
ATOM   352  N NE  . ARG A 1 44  ? 7.283   9.691   19.718  1.00 64.48 ? 43  ARG A NE  1 
ATOM   353  C CZ  . ARG A 1 44  ? 7.084   10.962  19.360  1.00 67.34 ? 43  ARG A CZ  1 
ATOM   354  N NH1 . ARG A 1 44  ? 5.857   11.431  19.152  1.00 67.82 ? 43  ARG A NH1 1 
ATOM   355  N NH2 . ARG A 1 44  ? 8.124   11.772  19.200  1.00 68.13 ? 43  ARG A NH2 1 
ATOM   356  N N   . VAL A 1 45  ? 3.739   6.238   16.177  1.00 34.85 ? 44  VAL A N   1 
ATOM   357  C CA  . VAL A 1 45  ? 4.169   5.859   14.853  1.00 34.24 ? 44  VAL A CA  1 
ATOM   358  C C   . VAL A 1 45  ? 3.124   4.837   14.413  1.00 32.80 ? 44  VAL A C   1 
ATOM   359  O O   . VAL A 1 45  ? 3.091   3.705   14.910  1.00 33.43 ? 44  VAL A O   1 
ATOM   360  C CB  . VAL A 1 45  ? 5.593   5.276   14.885  1.00 36.03 ? 44  VAL A CB  1 
ATOM   361  C CG1 . VAL A 1 45  ? 5.968   4.706   13.529  1.00 37.82 ? 44  VAL A CG1 1 
ATOM   362  C CG2 . VAL A 1 45  ? 6.577   6.373   15.275  1.00 38.24 ? 44  VAL A CG2 1 
ATOM   363  N N   . ASN A 1 46  ? 2.221   5.280   13.541  1.00 27.94 ? 45  ASN A N   1 
ATOM   364  C CA  . ASN A 1 46  ? 1.126   4.448   13.060  1.00 26.34 ? 45  ASN A CA  1 
ATOM   365  C C   . ASN A 1 46  ? 1.024   4.352   11.536  1.00 24.92 ? 45  ASN A C   1 
ATOM   366  O O   . ASN A 1 46  ? -0.062  4.132   10.997  1.00 23.51 ? 45  ASN A O   1 
ATOM   367  C CB  . ASN A 1 46  ? -0.195  5.002   13.615  1.00 25.97 ? 45  ASN A CB  1 
ATOM   368  C CG  . ASN A 1 46  ? -0.516  6.402   13.087  1.00 27.27 ? 45  ASN A CG  1 
ATOM   369  O OD1 . ASN A 1 46  ? 0.388   7.209   12.835  1.00 27.61 ? 45  ASN A OD1 1 
ATOM   370  N ND2 . ASN A 1 46  ? -1.801  6.687   12.897  1.00 23.07 ? 45  ASN A ND2 1 
ATOM   371  N N   . ALA A 1 47  ? 2.145   4.471   10.837  1.00 22.56 ? 46  ALA A N   1 
ATOM   372  C CA  . ALA A 1 47  ? 2.101   4.406   9.386   1.00 21.75 ? 46  ALA A CA  1 
ATOM   373  C C   . ALA A 1 47  ? 3.489   4.254   8.846   1.00 21.31 ? 46  ALA A C   1 
ATOM   374  O O   . ALA A 1 47  ? 4.466   4.355   9.588   1.00 22.18 ? 46  ALA A O   1 
ATOM   375  C CB  . ALA A 1 47  ? 1.486   5.688   8.821   1.00 19.29 ? 46  ALA A CB  1 
ATOM   376  N N   . TRP A 1 48  ? 3.567   3.941   7.561   1.00 20.39 ? 47  TRP A N   1 
ATOM   377  C CA  . TRP A 1 48  ? 4.844   3.844   6.884   1.00 18.32 ? 47  TRP A CA  1 
ATOM   378  C C   . TRP A 1 48  ? 5.074   5.242   6.318   1.00 21.25 ? 47  TRP A C   1 
ATOM   379  O O   . TRP A 1 48  ? 4.121   5.900   5.859   1.00 21.98 ? 47  TRP A O   1 
ATOM   380  C CB  . TRP A 1 48  ? 4.774   2.854   5.725   1.00 19.41 ? 47  TRP A CB  1 
ATOM   381  C CG  . TRP A 1 48  ? 5.934   2.986   4.758   1.00 23.00 ? 47  TRP A CG  1 
ATOM   382  C CD1 . TRP A 1 48  ? 7.259   2.793   5.038   1.00 21.26 ? 47  TRP A CD1 1 
ATOM   383  C CD2 . TRP A 1 48  ? 5.871   3.376   3.369   1.00 22.97 ? 47  TRP A CD2 1 
ATOM   384  N NE1 . TRP A 1 48  ? 8.017   3.046   3.922   1.00 25.19 ? 47  TRP A NE1 1 
ATOM   385  C CE2 . TRP A 1 48  ? 7.195   3.401   2.884   1.00 23.64 ? 47  TRP A CE2 1 
ATOM   386  C CE3 . TRP A 1 48  ? 4.822   3.703   2.492   1.00 21.83 ? 47  TRP A CE3 1 
ATOM   387  C CZ2 . TRP A 1 48  ? 7.504   3.740   1.559   1.00 23.05 ? 47  TRP A CZ2 1 
ATOM   388  C CZ3 . TRP A 1 48  ? 5.130   4.037   1.172   1.00 20.36 ? 47  TRP A CZ3 1 
ATOM   389  C CH2 . TRP A 1 48  ? 6.460   4.051   0.722   1.00 24.29 ? 47  TRP A CH2 1 
ATOM   390  N N   . GLN A 1 49  ? 6.300   5.734   6.448   1.00 21.66 ? 48  GLN A N   1 
ATOM   391  C CA  . GLN A 1 49  ? 6.681   7.029   5.892   1.00 23.14 ? 48  GLN A CA  1 
ATOM   392  C C   . GLN A 1 49  ? 7.952   6.721   5.130   1.00 23.00 ? 48  GLN A C   1 
ATOM   393  O O   . GLN A 1 49  ? 8.859   6.068   5.664   1.00 23.44 ? 48  GLN A O   1 
ATOM   394  C CB  . GLN A 1 49  ? 6.982   8.086   6.965   1.00 25.68 ? 48  GLN A CB  1 
ATOM   395  C CG  . GLN A 1 49  ? 5.769   8.618   7.716   1.00 29.64 ? 48  GLN A CG  1 
ATOM   396  C CD  . GLN A 1 49  ? 5.931   10.074  8.160   1.00 28.98 ? 48  GLN A CD  1 
ATOM   397  O OE1 . GLN A 1 49  ? 6.662   10.851  7.548   1.00 30.97 ? 48  GLN A OE1 1 
ATOM   398  N NE2 . GLN A 1 49  ? 5.228   10.446  9.219   1.00 30.51 ? 48  GLN A NE2 1 
ATOM   399  N N   . ALA A 1 50  ? 7.985   7.119   3.866   1.00 22.51 ? 49  ALA A N   1 
ATOM   400  C CA  . ALA A 1 50  ? 9.154   6.892   3.033   1.00 23.17 ? 49  ALA A CA  1 
ATOM   401  C C   . ALA A 1 50  ? 10.270  7.785   3.580   1.00 27.71 ? 49  ALA A C   1 
ATOM   402  O O   . ALA A 1 50  ? 9.990   8.839   4.153   1.00 29.43 ? 49  ALA A O   1 
ATOM   403  C CB  . ALA A 1 50  ? 8.837   7.246   1.591   1.00 23.34 ? 49  ALA A CB  1 
ATOM   404  N N   . LYS A 1 51  ? 11.523  7.364   3.418   1.00 30.13 ? 50  LYS A N   1 
ATOM   405  C CA  . LYS A 1 51  ? 12.663  8.129   3.910   1.00 31.96 ? 50  LYS A CA  1 
ATOM   406  C C   . LYS A 1 51  ? 12.814  9.415   3.112   1.00 35.04 ? 50  LYS A C   1 
ATOM   407  O O   . LYS A 1 51  ? 13.162  10.457  3.664   1.00 39.58 ? 50  LYS A O   1 
ATOM   408  C CB  . LYS A 1 51  ? 13.938  7.301   3.787   1.00 33.32 ? 50  LYS A CB  1 
ATOM   409  C CG  . LYS A 1 51  ? 15.063  7.732   4.700   1.00 37.93 ? 50  LYS A CG  1 
ATOM   410  C CD  . LYS A 1 51  ? 16.258  8.202   3.901   1.00 42.02 ? 50  LYS A CD  1 
ATOM   411  C CE  . LYS A 1 51  ? 17.508  8.270   4.767   1.00 42.41 ? 50  LYS A CE  1 
ATOM   412  N NZ  . LYS A 1 51  ? 17.929  6.917   5.225   1.00 45.53 ? 50  LYS A NZ  1 
ATOM   413  N N   . ALA A 1 52  ? 12.537  9.344   1.816   1.00 34.13 ? 51  ALA A N   1 
ATOM   414  C CA  . ALA A 1 52  ? 12.640  10.509  0.940   1.00 33.49 ? 51  ALA A CA  1 
ATOM   415  C C   . ALA A 1 52  ? 11.411  10.559  0.052   1.00 32.04 ? 51  ALA A C   1 
ATOM   416  O O   . ALA A 1 52  ? 10.890  9.515   -0.335  1.00 32.20 ? 51  ALA A O   1 
ATOM   417  C CB  . ALA A 1 52  ? 13.894  10.407  0.087   1.00 34.32 ? 51  ALA A CB  1 
ATOM   418  N N   . ASN A 1 53  ? 10.943  11.758  -0.279  1.00 29.48 ? 52  ASN A N   1 
ATOM   419  C CA  . ASN A 1 53  ? 9.768   11.877  -1.136  1.00 28.78 ? 52  ASN A CA  1 
ATOM   420  C C   . ASN A 1 53  ? 10.145  12.060  -2.590  1.00 28.89 ? 52  ASN A C   1 
ATOM   421  O O   . ASN A 1 53  ? 10.390  13.179  -3.040  1.00 28.53 ? 52  ASN A O   1 
ATOM   422  C CB  . ASN A 1 53  ? 8.869   13.026  -0.703  1.00 30.60 ? 52  ASN A CB  1 
ATOM   423  C CG  . ASN A 1 53  ? 8.383   12.881  0.709   1.00 32.65 ? 52  ASN A CG  1 
ATOM   424  O OD1 . ASN A 1 53  ? 7.996   11.795  1.144   1.00 32.39 ? 52  ASN A OD1 1 
ATOM   425  N ND2 . ASN A 1 53  ? 8.400   13.981  1.447   1.00 36.73 ? 52  ASN A ND2 1 
ATOM   426  N N   . ASN A 1 54  ? 10.186  10.951  -3.320  1.00 29.82 ? 53  ASN A N   1 
ATOM   427  C CA  . ASN A 1 54  ? 10.517  10.970  -4.735  1.00 30.57 ? 53  ASN A CA  1 
ATOM   428  C C   . ASN A 1 54  ? 9.774   9.869   -5.468  1.00 32.17 ? 53  ASN A C   1 
ATOM   429  O O   . ASN A 1 54  ? 9.065   9.061   -4.865  1.00 32.36 ? 53  ASN A O   1 
ATOM   430  C CB  . ASN A 1 54  ? 12.035  10.845  -4.969  1.00 28.40 ? 53  ASN A CB  1 
ATOM   431  C CG  . ASN A 1 54  ? 12.622  9.555   -4.417  1.00 29.16 ? 53  ASN A CG  1 
ATOM   432  O OD1 . ASN A 1 54  ? 12.072  8.475   -4.603  1.00 29.83 ? 53  ASN A OD1 1 
ATOM   433  N ND2 . ASN A 1 54  ? 13.764  9.665   -3.760  1.00 30.65 ? 53  ASN A ND2 1 
ATOM   434  N N   . ASN A 1 55  ? 9.951   9.844   -6.780  1.00 34.57 ? 54  ASN A N   1 
ATOM   435  C CA  . ASN A 1 55  ? 9.308   8.868   -7.643  1.00 35.72 ? 54  ASN A CA  1 
ATOM   436  C C   . ASN A 1 55  ? 9.923   7.472   -7.588  1.00 33.91 ? 54  ASN A C   1 
ATOM   437  O O   . ASN A 1 55  ? 9.540   6.595   -8.365  1.00 35.13 ? 54  ASN A O   1 
ATOM   438  C CB  . ASN A 1 55  ? 9.352   9.375   -9.082  1.00 41.46 ? 54  ASN A CB  1 
ATOM   439  C CG  . ASN A 1 55  ? 10.766  9.348   -9.683  1.00 46.90 ? 54  ASN A CG  1 
ATOM   440  O OD1 . ASN A 1 55  ? 10.937  9.013   -10.854 1.00 51.75 ? 54  ASN A OD1 1 
ATOM   441  N ND2 . ASN A 1 55  ? 11.773  9.707   -8.890  1.00 47.11 ? 54  ASN A ND2 1 
ATOM   442  N N   . LYS A 1 56  ? 10.859  7.254   -6.672  1.00 30.21 ? 55  LYS A N   1 
ATOM   443  C CA  . LYS A 1 56  ? 11.520  5.960   -6.559  1.00 28.60 ? 55  LYS A CA  1 
ATOM   444  C C   . LYS A 1 56  ? 11.060  5.146   -5.347  1.00 27.32 ? 55  LYS A C   1 
ATOM   445  O O   . LYS A 1 56  ? 11.732  4.193   -4.955  1.00 28.93 ? 55  LYS A O   1 
ATOM   446  C CB  . LYS A 1 56  ? 13.042  6.161   -6.491  1.00 30.66 ? 55  LYS A CB  1 
ATOM   447  C CG  . LYS A 1 56  ? 13.657  6.845   -7.714  1.00 31.49 ? 55  LYS A CG  1 
ATOM   448  C CD  . LYS A 1 56  ? 14.366  8.147   -7.349  0.00 31.19 ? 55  LYS A CD  1 
ATOM   449  C CE  . LYS A 1 56  ? 15.573  7.916   -6.450  0.00 31.24 ? 55  LYS A CE  1 
ATOM   450  N NZ  . LYS A 1 56  ? 16.622  7.096   -7.119  0.00 31.30 ? 55  LYS A NZ  1 
ATOM   451  N N   . GLN A 1 57  ? 9.911   5.486   -4.771  1.00 23.60 ? 56  GLN A N   1 
ATOM   452  C CA  . GLN A 1 57  ? 9.437   4.773   -3.593  1.00 21.63 ? 56  GLN A CA  1 
ATOM   453  C C   . GLN A 1 57  ? 8.390   3.691   -3.861  1.00 22.24 ? 56  GLN A C   1 
ATOM   454  O O   . GLN A 1 57  ? 7.678   3.727   -4.865  1.00 21.94 ? 56  GLN A O   1 
ATOM   455  C CB  . GLN A 1 57  ? 8.913   5.762   -2.547  1.00 21.73 ? 56  GLN A CB  1 
ATOM   456  C CG  . GLN A 1 57  ? 9.892   6.873   -2.168  1.00 22.44 ? 56  GLN A CG  1 
ATOM   457  C CD  . GLN A 1 57  ? 11.211  6.341   -1.653  1.00 23.17 ? 56  GLN A CD  1 
ATOM   458  O OE1 . GLN A 1 57  ? 11.247  5.500   -0.756  1.00 23.76 ? 56  GLN A OE1 1 
ATOM   459  N NE2 . GLN A 1 57  ? 12.304  6.804   -2.235  1.00 25.38 ? 56  GLN A NE2 1 
ATOM   460  N N   . TRP A 1 58  ? 8.300   2.734   -2.940  1.00 20.21 ? 57  TRP A N   1 
ATOM   461  C CA  . TRP A 1 58  ? 7.346   1.642   -3.035  1.00 20.27 ? 57  TRP A CA  1 
ATOM   462  C C   . TRP A 1 58  ? 7.175   0.899   -1.708  1.00 21.23 ? 57  TRP A C   1 
ATOM   463  O O   . TRP A 1 58  ? 8.068   0.892   -0.861  1.00 20.98 ? 57  TRP A O   1 
ATOM   464  C CB  . TRP A 1 58  ? 7.748   0.656   -4.143  1.00 20.69 ? 57  TRP A CB  1 
ATOM   465  C CG  . TRP A 1 58  ? 9.176   0.196   -4.087  1.00 21.89 ? 57  TRP A CG  1 
ATOM   466  C CD1 . TRP A 1 58  ? 10.225  0.707   -4.797  1.00 23.72 ? 57  TRP A CD1 1 
ATOM   467  C CD2 . TRP A 1 58  ? 9.719   -0.847  -3.261  1.00 22.67 ? 57  TRP A CD2 1 
ATOM   468  N NE1 . TRP A 1 58  ? 11.387  0.052   -4.462  1.00 25.33 ? 57  TRP A NE1 1 
ATOM   469  C CE2 . TRP A 1 58  ? 11.108  -0.906  -3.522  1.00 24.58 ? 57  TRP A CE2 1 
ATOM   470  C CE3 . TRP A 1 58  ? 9.169   -1.735  -2.323  1.00 22.92 ? 57  TRP A CE3 1 
ATOM   471  C CZ2 . TRP A 1 58  ? 11.958  -1.818  -2.881  1.00 22.62 ? 57  TRP A CZ2 1 
ATOM   472  C CZ3 . TRP A 1 58  ? 10.020  -2.645  -1.683  1.00 22.55 ? 57  TRP A CZ3 1 
ATOM   473  C CH2 . TRP A 1 58  ? 11.397  -2.674  -1.968  1.00 20.83 ? 57  TRP A CH2 1 
ATOM   474  N N   . LEU A 1 59  ? 5.985   0.344   -1.514  1.00 19.43 ? 58  LEU A N   1 
ATOM   475  C CA  . LEU A 1 59  ? 5.643   -0.442  -0.336  1.00 18.94 ? 58  LEU A CA  1 
ATOM   476  C C   . LEU A 1 59  ? 5.253   -1.791  -0.943  1.00 19.58 ? 58  LEU A C   1 
ATOM   477  O O   . LEU A 1 59  ? 4.434   -1.853  -1.863  1.00 18.59 ? 58  LEU A O   1 
ATOM   478  C CB  . LEU A 1 59  ? 4.459   0.193   0.406   1.00 18.46 ? 58  LEU A CB  1 
ATOM   479  C CG  . LEU A 1 59  ? 3.952   -0.360  1.746   1.00 22.49 ? 58  LEU A CG  1 
ATOM   480  C CD1 . LEU A 1 59  ? 3.177   -1.647  1.549   1.00 23.93 ? 58  LEU A CD1 1 
ATOM   481  C CD2 . LEU A 1 59  ? 5.102   -0.554  2.715   1.00 22.58 ? 58  LEU A CD2 1 
ATOM   482  N N   . GLU A 1 60  ? 5.862   -2.857  -0.448  1.00 19.54 ? 59  GLU A N   1 
ATOM   483  C CA  . GLU A 1 60  ? 5.623   -4.193  -0.962  1.00 21.28 ? 59  GLU A CA  1 
ATOM   484  C C   . GLU A 1 60  ? 5.020   -5.134  0.061   1.00 21.24 ? 59  GLU A C   1 
ATOM   485  O O   . GLU A 1 60  ? 5.434   -5.161  1.221   1.00 22.26 ? 59  GLU A O   1 
ATOM   486  C CB  . GLU A 1 60  ? 6.940   -4.788  -1.471  1.00 22.88 ? 59  GLU A CB  1 
ATOM   487  C CG  . GLU A 1 60  ? 6.829   -6.203  -2.021  1.00 24.58 ? 59  GLU A CG  1 
ATOM   488  C CD  . GLU A 1 60  ? 8.177   -6.812  -2.333  1.00 27.15 ? 59  GLU A CD  1 
ATOM   489  O OE1 . GLU A 1 60  ? 8.921   -6.239  -3.158  1.00 27.34 ? 59  GLU A OE1 1 
ATOM   490  O OE2 . GLU A 1 60  ? 8.486   -7.873  -1.748  1.00 30.67 ? 59  GLU A OE2 1 
ATOM   491  N N   . ILE A 1 61  ? 4.045   -5.912  -0.389  1.00 21.70 ? 60  ILE A N   1 
ATOM   492  C CA  . ILE A 1 61  ? 3.385   -6.899  0.458   1.00 24.04 ? 60  ILE A CA  1 
ATOM   493  C C   . ILE A 1 61  ? 3.514   -8.283  -0.180  1.00 23.79 ? 60  ILE A C   1 
ATOM   494  O O   . ILE A 1 61  ? 3.119   -8.484  -1.334  1.00 20.48 ? 60  ILE A O   1 
ATOM   495  C CB  . ILE A 1 61  ? 1.883   -6.593  0.651   1.00 23.80 ? 60  ILE A CB  1 
ATOM   496  C CG1 . ILE A 1 61  ? 1.707   -5.227  1.313   1.00 23.90 ? 60  ILE A CG1 1 
ATOM   497  C CG2 . ILE A 1 61  ? 1.226   -7.689  1.500   1.00 21.87 ? 60  ILE A CG2 1 
ATOM   498  C CD1 . ILE A 1 61  ? 0.313   -4.682  1.199   1.00 28.62 ? 60  ILE A CD1 1 
ATOM   499  N N   . ASP A 1 62  ? 4.138   -9.202  0.552   1.00 23.48 ? 61  ASP A N   1 
ATOM   500  C CA  . ASP A 1 62  ? 4.305   -10.575 0.103   1.00 23.22 ? 61  ASP A CA  1 
ATOM   501  C C   . ASP A 1 62  ? 3.187   -11.376 0.754   1.00 24.02 ? 61  ASP A C   1 
ATOM   502  O O   . ASP A 1 62  ? 3.174   -11.553 1.973   1.00 24.73 ? 61  ASP A O   1 
ATOM   503  C CB  . ASP A 1 62  ? 5.665   -11.112 0.559   1.00 25.41 ? 61  ASP A CB  1 
ATOM   504  C CG  . ASP A 1 62  ? 5.894   -12.565 0.163   1.00 26.88 ? 61  ASP A CG  1 
ATOM   505  O OD1 . ASP A 1 62  ? 5.077   -13.142 -0.586  1.00 25.81 ? 61  ASP A OD1 1 
ATOM   506  O OD2 . ASP A 1 62  ? 6.911   -13.132 0.600   1.00 27.56 ? 61  ASP A OD2 1 
ATOM   507  N N   . LEU A 1 63  ? 2.243   -11.853 -0.056  1.00 24.79 ? 62  LEU A N   1 
ATOM   508  C CA  . LEU A 1 63  ? 1.115   -12.634 0.452   1.00 24.79 ? 62  LEU A CA  1 
ATOM   509  C C   . LEU A 1 63  ? 1.463   -14.092 0.801   1.00 24.94 ? 62  LEU A C   1 
ATOM   510  O O   . LEU A 1 63  ? 0.622   -14.829 1.319   1.00 24.32 ? 62  LEU A O   1 
ATOM   511  C CB  . LEU A 1 63  ? -0.046  -12.584 -0.545  1.00 23.49 ? 62  LEU A CB  1 
ATOM   512  C CG  . LEU A 1 63  ? -0.658  -11.192 -0.749  1.00 25.92 ? 62  LEU A CG  1 
ATOM   513  C CD1 . LEU A 1 63  ? -1.649  -11.246 -1.898  1.00 24.69 ? 62  LEU A CD1 1 
ATOM   514  C CD2 . LEU A 1 63  ? -1.338  -10.699 0.531   1.00 24.62 ? 62  LEU A CD2 1 
ATOM   515  N N   . LEU A 1 64  ? 2.694   -14.497 0.488   1.00 26.59 ? 63  LEU A N   1 
ATOM   516  C CA  . LEU A 1 64  ? 3.205   -15.844 0.757   1.00 28.71 ? 63  LEU A CA  1 
ATOM   517  C C   . LEU A 1 64  ? 2.734   -16.905 -0.229  1.00 30.92 ? 63  LEU A C   1 
ATOM   518  O O   . LEU A 1 64  ? 3.311   -17.983 -0.299  1.00 34.19 ? 63  LEU A O   1 
ATOM   519  C CB  . LEU A 1 64  ? 2.914   -16.278 2.197   1.00 26.14 ? 63  LEU A CB  1 
ATOM   520  C CG  . LEU A 1 64  ? 3.579   -15.417 3.274   1.00 25.31 ? 63  LEU A CG  1 
ATOM   521  C CD1 . LEU A 1 64  ? 3.207   -15.926 4.657   1.00 25.37 ? 63  LEU A CD1 1 
ATOM   522  C CD2 . LEU A 1 64  ? 5.087   -15.417 3.070   1.00 23.70 ? 63  LEU A CD2 1 
ATOM   523  N N   . LYS A 1 65  ? 1.680   -16.606 -0.974  1.00 30.14 ? 64  LYS A N   1 
ATOM   524  C CA  . LYS A 1 65  ? 1.163   -17.511 -1.986  1.00 30.87 ? 64  LYS A CA  1 
ATOM   525  C C   . LYS A 1 65  ? 0.298   -16.686 -2.927  1.00 29.98 ? 64  LYS A C   1 
ATOM   526  O O   . LYS A 1 65  ? -0.155  -15.600 -2.560  1.00 29.64 ? 64  LYS A O   1 
ATOM   527  C CB  . LYS A 1 65  ? 0.353   -18.655 -1.357  1.00 32.33 ? 64  LYS A CB  1 
ATOM   528  C CG  . LYS A 1 65  ? -0.802  -18.236 -0.470  1.00 32.82 ? 64  LYS A CG  1 
ATOM   529  C CD  . LYS A 1 65  ? -1.700  -19.430 -0.151  1.00 32.74 ? 64  LYS A CD  1 
ATOM   530  C CE  . LYS A 1 65  ? -2.801  -19.054 0.827   0.00 32.86 ? 64  LYS A CE  1 
ATOM   531  N NZ  . LYS A 1 65  ? -3.827  -20.128 0.966   0.00 32.98 ? 64  LYS A NZ  1 
ATOM   532  N N   . ILE A 1 66  ? 0.119   -17.165 -4.152  1.00 26.90 ? 65  ILE A N   1 
ATOM   533  C CA  . ILE A 1 66  ? -0.691  -16.458 -5.130  1.00 24.80 ? 65  ILE A CA  1 
ATOM   534  C C   . ILE A 1 66  ? -2.150  -16.408 -4.694  1.00 23.71 ? 65  ILE A C   1 
ATOM   535  O O   . ILE A 1 66  ? -2.711  -17.421 -4.257  1.00 24.03 ? 65  ILE A O   1 
ATOM   536  C CB  . ILE A 1 66  ? -0.575  -17.116 -6.520  1.00 24.63 ? 65  ILE A CB  1 
ATOM   537  C CG1 . ILE A 1 66  ? 0.868   -16.981 -7.022  1.00 27.89 ? 65  ILE A CG1 1 
ATOM   538  C CG2 . ILE A 1 66  ? -1.583  -16.496 -7.502  1.00 22.65 ? 65  ILE A CG2 1 
ATOM   539  C CD1 . ILE A 1 66  ? 1.107   -17.504 -8.423  1.00 31.36 ? 65  ILE A CD1 1 
ATOM   540  N N   . LYS A 1 67  ? -2.740  -15.216 -4.752  1.00 21.64 ? 66  LYS A N   1 
ATOM   541  C CA  . LYS A 1 67  ? -4.138  -15.026 -4.377  1.00 21.47 ? 66  LYS A CA  1 
ATOM   542  C C   . LYS A 1 67  ? -4.795  -14.148 -5.417  1.00 19.44 ? 66  LYS A C   1 
ATOM   543  O O   . LYS A 1 67  ? -4.144  -13.695 -6.358  1.00 21.01 ? 66  LYS A O   1 
ATOM   544  C CB  . LYS A 1 67  ? -4.268  -14.332 -3.013  1.00 22.30 ? 66  LYS A CB  1 
ATOM   545  C CG  . LYS A 1 67  ? -3.431  -14.938 -1.919  1.00 23.40 ? 66  LYS A CG  1 
ATOM   546  C CD  . LYS A 1 67  ? -4.143  -14.899 -0.604  1.00 25.22 ? 66  LYS A CD  1 
ATOM   547  C CE  . LYS A 1 67  ? -3.250  -15.447 0.489   1.00 26.89 ? 66  LYS A CE  1 
ATOM   548  N NZ  . LYS A 1 67  ? -4.014  -15.674 1.748   1.00 35.44 ? 66  LYS A NZ  1 
ATOM   549  N N   . LYS A 1 68  ? -6.091  -13.930 -5.246  1.00 20.08 ? 67  LYS A N   1 
ATOM   550  C CA  . LYS A 1 68  ? -6.857  -13.076 -6.134  1.00 22.48 ? 67  LYS A CA  1 
ATOM   551  C C   . LYS A 1 68  ? -7.147  -11.838 -5.300  1.00 22.59 ? 67  LYS A C   1 
ATOM   552  O O   . LYS A 1 68  ? -7.781  -11.926 -4.245  1.00 24.27 ? 67  LYS A O   1 
ATOM   553  C CB  . LYS A 1 68  ? -8.160  -13.758 -6.564  1.00 21.79 ? 67  LYS A CB  1 
ATOM   554  C CG  . LYS A 1 68  ? -9.035  -12.898 -7.461  1.00 25.60 ? 67  LYS A CG  1 
ATOM   555  C CD  . LYS A 1 68  ? -9.588  -13.704 -8.627  1.00 29.78 ? 67  LYS A CD  1 
ATOM   556  C CE  . LYS A 1 68  ? -10.668 -14.657 -8.204  1.00 29.85 ? 67  LYS A CE  1 
ATOM   557  N NZ  . LYS A 1 68  ? -11.928 -13.909 -8.053  1.00 35.89 ? 67  LYS A NZ  1 
ATOM   558  N N   . ILE A 1 69  ? -6.609  -10.707 -5.743  1.00 21.21 ? 68  ILE A N   1 
ATOM   559  C CA  . ILE A 1 69  ? -6.763  -9.430  -5.056  1.00 20.01 ? 68  ILE A CA  1 
ATOM   560  C C   . ILE A 1 69  ? -7.817  -8.586  -5.794  1.00 17.96 ? 68  ILE A C   1 
ATOM   561  O O   . ILE A 1 69  ? -7.641  -8.189  -6.948  1.00 16.32 ? 68  ILE A O   1 
ATOM   562  C CB  . ILE A 1 69  ? -5.395  -8.722  -4.931  1.00 17.80 ? 68  ILE A CB  1 
ATOM   563  C CG1 . ILE A 1 69  ? -4.387  -9.697  -4.313  1.00 16.49 ? 68  ILE A CG1 1 
ATOM   564  C CG2 . ILE A 1 69  ? -5.511  -7.493  -4.038  1.00 19.29 ? 68  ILE A CG2 1 
ATOM   565  C CD1 . ILE A 1 69  ? -3.103  -9.801  -5.045  1.00 16.24 ? 68  ILE A CD1 1 
ATOM   566  N N   . THR A 1 70  ? -8.919  -8.337  -5.100  1.00 17.35 ? 69  THR A N   1 
ATOM   567  C CA  . THR A 1 70  ? -10.057 -7.626  -5.649  1.00 17.26 ? 69  THR A CA  1 
ATOM   568  C C   . THR A 1 70  ? -10.187 -6.136  -5.333  1.00 15.78 ? 69  THR A C   1 
ATOM   569  O O   . THR A 1 70  ? -10.836 -5.402  -6.070  1.00 17.32 ? 69  THR A O   1 
ATOM   570  C CB  . THR A 1 70  ? -11.347 -8.358  -5.232  1.00 19.11 ? 69  THR A CB  1 
ATOM   571  O OG1 . THR A 1 70  ? -11.334 -8.553  -3.807  1.00 20.28 ? 69  THR A OG1 1 
ATOM   572  C CG2 . THR A 1 70  ? -11.417 -9.730  -5.902  1.00 17.79 ? 69  THR A CG2 1 
ATOM   573  N N   . ALA A 1 71  ? -9.606  -5.676  -4.235  1.00 14.70 ? 70  ALA A N   1 
ATOM   574  C CA  . ALA A 1 71  ? -9.712  -4.261  -3.919  1.00 13.46 ? 70  ALA A CA  1 
ATOM   575  C C   . ALA A 1 71  ? -8.621  -3.847  -2.958  1.00 14.55 ? 70  ALA A C   1 
ATOM   576  O O   . ALA A 1 71  ? -7.947  -4.693  -2.361  1.00 14.02 ? 70  ALA A O   1 
ATOM   577  C CB  . ALA A 1 71  ? -11.083 -3.951  -3.332  1.00 13.51 ? 70  ALA A CB  1 
ATOM   578  N N   . ILE A 1 72  ? -8.467  -2.540  -2.798  1.00 15.87 ? 71  ILE A N   1 
ATOM   579  C CA  . ILE A 1 72  ? -7.466  -1.974  -1.897  1.00 17.61 ? 71  ILE A CA  1 
ATOM   580  C C   . ILE A 1 72  ? -8.042  -0.713  -1.260  1.00 17.06 ? 71  ILE A C   1 
ATOM   581  O O   . ILE A 1 72  ? -8.869  -0.032  -1.871  1.00 15.03 ? 71  ILE A O   1 
ATOM   582  C CB  . ILE A 1 72  ? -6.131  -1.619  -2.659  1.00 16.53 ? 71  ILE A CB  1 
ATOM   583  C CG1 . ILE A 1 72  ? -5.090  -1.055  -1.686  1.00 16.60 ? 71  ILE A CG1 1 
ATOM   584  C CG2 . ILE A 1 72  ? -6.397  -0.635  -3.813  1.00 14.95 ? 71  ILE A CG2 1 
ATOM   585  C CD1 . ILE A 1 72  ? -3.750  -0.731  -2.335  1.00 18.87 ? 71  ILE A CD1 1 
ATOM   586  N N   . ILE A 1 73  ? -7.695  -0.483  0.002   1.00 17.47 ? 72  ILE A N   1 
ATOM   587  C CA  . ILE A 1 73  ? -8.110  0.722   0.720   1.00 17.04 ? 72  ILE A CA  1 
ATOM   588  C C   . ILE A 1 73  ? -6.845  1.394   1.233   1.00 16.02 ? 72  ILE A C   1 
ATOM   589  O O   . ILE A 1 73  ? -5.955  0.722   1.754   1.00 15.11 ? 72  ILE A O   1 
ATOM   590  C CB  . ILE A 1 73  ? -9.008  0.437   1.953   1.00 19.27 ? 72  ILE A CB  1 
ATOM   591  C CG1 . ILE A 1 73  ? -10.354 -0.147  1.519   1.00 19.62 ? 72  ILE A CG1 1 
ATOM   592  C CG2 . ILE A 1 73  ? -9.243  1.730   2.738   1.00 18.69 ? 72  ILE A CG2 1 
ATOM   593  C CD1 . ILE A 1 73  ? -11.334 -0.317  2.668   1.00 20.73 ? 72  ILE A CD1 1 
ATOM   594  N N   . THR A 1 74  ? -6.729  2.698   1.020   1.00 16.80 ? 73  THR A N   1 
ATOM   595  C CA  . THR A 1 74  ? -5.568  3.428   1.514   1.00 17.00 ? 73  THR A CA  1 
ATOM   596  C C   . THR A 1 74  ? -6.057  4.513   2.448   1.00 17.06 ? 73  THR A C   1 
ATOM   597  O O   . THR A 1 74  ? -7.195  4.975   2.347   1.00 17.28 ? 73  THR A O   1 
ATOM   598  C CB  . THR A 1 74  ? -4.693  4.048   0.382   1.00 17.15 ? 73  THR A CB  1 
ATOM   599  O OG1 . THR A 1 74  ? -5.445  5.016   -0.354  1.00 16.99 ? 73  THR A OG1 1 
ATOM   600  C CG2 . THR A 1 74  ? -4.169  2.963   -0.564  1.00 17.17 ? 73  THR A CG2 1 
ATOM   601  N N   . GLN A 1 75  ? -5.179  4.934   3.336   1.00 16.43 ? 74  GLN A N   1 
ATOM   602  C CA  . GLN A 1 75  ? -5.507  5.946   4.315   1.00 18.29 ? 74  GLN A CA  1 
ATOM   603  C C   . GLN A 1 75  ? -4.206  6.731   4.508   1.00 17.78 ? 74  GLN A C   1 
ATOM   604  O O   . GLN A 1 75  ? -3.125  6.219   4.191   1.00 17.37 ? 74  GLN A O   1 
ATOM   605  C CB  . GLN A 1 75  ? -5.899  5.201   5.590   1.00 20.24 ? 74  GLN A CB  1 
ATOM   606  C CG  . GLN A 1 75  ? -6.568  5.979   6.677   1.00 17.75 ? 74  GLN A CG  1 
ATOM   607  C CD  . GLN A 1 75  ? -6.930  5.066   7.844   1.00 19.77 ? 74  GLN A CD  1 
ATOM   608  O OE1 . GLN A 1 75  ? -6.277  4.039   8.081   1.00 15.38 ? 74  GLN A OE1 1 
ATOM   609  N NE2 . GLN A 1 75  ? -8.003  5.397   8.537   1.00 16.52 ? 74  GLN A NE2 1 
ATOM   610  N N   . GLY A 1 76  ? -4.308  7.973   4.969   1.00 17.72 ? 75  GLY A N   1 
ATOM   611  C CA  . GLY A 1 76  ? -3.125  8.788   5.188   1.00 19.60 ? 75  GLY A CA  1 
ATOM   612  C C   . GLY A 1 76  ? -2.618  8.747   6.620   1.00 23.17 ? 75  GLY A C   1 
ATOM   613  O O   . GLY A 1 76  ? -2.792  7.745   7.331   1.00 24.06 ? 75  GLY A O   1 
ATOM   614  N N   . CYS A 1 77  ? -2.021  9.849   7.065   1.00 23.10 ? 76  CYS A N   1 
ATOM   615  C CA  . CYS A 1 77  ? -1.488  9.923   8.419   1.00 23.30 ? 76  CYS A CA  1 
ATOM   616  C C   . CYS A 1 77  ? -1.335  11.362  8.872   1.00 24.11 ? 76  CYS A C   1 
ATOM   617  O O   . CYS A 1 77  ? -0.907  12.225  8.108   1.00 21.43 ? 76  CYS A O   1 
ATOM   618  C CB  . CYS A 1 77  ? -0.131  9.216   8.469   1.00 23.71 ? 76  CYS A CB  1 
ATOM   619  S SG  . CYS A 1 77  ? 0.819   9.408   9.985   1.00 28.15 ? 76  CYS A SG  1 
ATOM   620  N N   . LYS A 1 78  ? -1.740  11.620  10.107  1.00 29.40 ? 77  LYS A N   1 
ATOM   621  C CA  . LYS A 1 78  ? -1.616  12.943  10.711  1.00 31.91 ? 77  LYS A CA  1 
ATOM   622  C C   . LYS A 1 78  ? -0.577  12.786  11.825  1.00 34.77 ? 77  LYS A C   1 
ATOM   623  O O   . LYS A 1 78  ? -0.797  12.055  12.796  1.00 33.83 ? 77  LYS A O   1 
ATOM   624  C CB  . LYS A 1 78  ? -2.959  13.399  11.291  1.00 31.03 ? 77  LYS A CB  1 
ATOM   625  C CG  . LYS A 1 78  ? -3.041  14.885  11.671  1.00 31.04 ? 77  LYS A CG  1 
ATOM   626  C CD  . LYS A 1 78  ? -4.472  15.256  12.070  1.00 30.52 ? 77  LYS A CD  1 
ATOM   627  C CE  . LYS A 1 78  ? -4.579  16.666  12.624  0.00 30.55 ? 77  LYS A CE  1 
ATOM   628  N NZ  . LYS A 1 78  ? -5.987  16.969  13.017  0.00 30.45 ? 77  LYS A NZ  1 
ATOM   629  N N   . SER A 1 79  ? 0.580   13.414  11.644  1.00 39.44 ? 78  SER A N   1 
ATOM   630  C CA  . SER A 1 79  ? 1.671   13.351  12.620  1.00 45.59 ? 78  SER A CA  1 
ATOM   631  C C   . SER A 1 79  ? 2.042   14.796  12.930  1.00 49.81 ? 78  SER A C   1 
ATOM   632  O O   . SER A 1 79  ? 2.376   15.557  12.011  1.00 52.59 ? 78  SER A O   1 
ATOM   633  C CB  . SER A 1 79  ? 2.885   12.624  12.020  1.00 47.09 ? 78  SER A CB  1 
ATOM   634  O OG  . SER A 1 79  ? 3.899   12.392  12.989  1.00 48.78 ? 78  SER A OG  1 
ATOM   635  N N   . LEU A 1 80  ? 1.954   15.182  14.204  1.00 50.83 ? 79  LEU A N   1 
ATOM   636  C CA  . LEU A 1 80  ? 2.252   16.558  14.623  1.00 50.28 ? 79  LEU A CA  1 
ATOM   637  C C   . LEU A 1 80  ? 1.320   17.497  13.844  1.00 48.89 ? 79  LEU A C   1 
ATOM   638  O O   . LEU A 1 80  ? 0.168   17.146  13.593  0.00 48.86 ? 79  LEU A O   1 
ATOM   639  C CB  . LEU A 1 80  ? 3.727   16.902  14.366  0.00 49.99 ? 79  LEU A CB  1 
ATOM   640  C CG  . LEU A 1 80  ? 4.776   16.094  15.135  0.00 49.93 ? 79  LEU A CG  1 
ATOM   641  C CD1 . LEU A 1 80  ? 6.167   16.351  14.570  0.00 49.90 ? 79  LEU A CD1 1 
ATOM   642  C CD2 . LEU A 1 80  ? 4.720   16.438  16.616  0.00 49.90 ? 79  LEU A CD2 1 
ATOM   643  N N   . SER A 1 81  ? 1.810   18.664  13.442  0.00 47.73 ? 80  SER A N   1 
ATOM   644  C CA  . SER A 1 81  ? 0.991   19.604  12.686  0.00 46.56 ? 80  SER A CA  1 
ATOM   645  C C   . SER A 1 81  ? 1.223   19.367  11.198  0.00 45.61 ? 80  SER A C   1 
ATOM   646  O O   . SER A 1 81  ? 1.482   20.304  10.443  0.00 45.57 ? 80  SER A O   1 
ATOM   647  C CB  . SER A 1 81  ? 1.380   21.034  13.053  0.00 46.55 ? 80  SER A CB  1 
ATOM   648  O OG  . SER A 1 81  ? 1.460   21.183  14.460  0.00 46.49 ? 80  SER A OG  1 
ATOM   649  N N   . SER A 1 82  ? 1.105   18.112  10.777  1.00 44.73 ? 81  SER A N   1 
ATOM   650  C CA  . SER A 1 82  ? 1.341   17.741  9.386   1.00 42.47 ? 81  SER A CA  1 
ATOM   651  C C   . SER A 1 82  ? 0.380   16.682  8.852   1.00 38.78 ? 81  SER A C   1 
ATOM   652  O O   . SER A 1 82  ? 0.331   15.560  9.363   1.00 38.68 ? 81  SER A O   1 
ATOM   653  C CB  . SER A 1 82  ? 2.782   17.245  9.232   1.00 45.67 ? 81  SER A CB  1 
ATOM   654  O OG  . SER A 1 82  ? 3.071   16.870  7.895   1.00 48.98 ? 81  SER A OG  1 
ATOM   655  N N   . GLU A 1 83  ? -0.323  17.034  7.781   1.00 36.45 ? 82  GLU A N   1 
ATOM   656  C CA  . GLU A 1 83  ? -1.274  16.145  7.126   1.00 35.20 ? 82  GLU A CA  1 
ATOM   657  C C   . GLU A 1 83  ? -0.570  15.509  5.924   1.00 31.93 ? 82  GLU A C   1 
ATOM   658  O O   . GLU A 1 83  ? -0.327  16.180  4.922   1.00 30.68 ? 82  GLU A O   1 
ATOM   659  C CB  . GLU A 1 83  ? -2.488  16.937  6.627   1.00 38.74 ? 82  GLU A CB  1 
ATOM   660  C CG  . GLU A 1 83  ? -3.335  17.584  7.711   1.00 44.45 ? 82  GLU A CG  1 
ATOM   661  C CD  . GLU A 1 83  ? -4.577  18.259  7.143   1.00 49.93 ? 82  GLU A CD  1 
ATOM   662  O OE1 . GLU A 1 83  ? -5.347  17.598  6.410   1.00 53.39 ? 82  GLU A OE1 1 
ATOM   663  O OE2 . GLU A 1 83  ? -4.784  19.458  7.423   1.00 55.43 ? 82  GLU A OE2 1 
ATOM   664  N N   . MET A 1 84  ? -0.252  14.221  6.021   1.00 27.14 ? 83  MET A N   1 
ATOM   665  C CA  . MET A 1 84  ? 0.432   13.536  4.938   1.00 23.78 ? 83  MET A CA  1 
ATOM   666  C C   . MET A 1 84  ? -0.439  12.404  4.404   1.00 23.85 ? 83  MET A C   1 
ATOM   667  O O   . MET A 1 84  ? -1.106  11.694  5.163   1.00 22.20 ? 83  MET A O   1 
ATOM   668  C CB  . MET A 1 84  ? 1.752   12.954  5.431   1.00 25.34 ? 83  MET A CB  1 
ATOM   669  C CG  . MET A 1 84  ? 2.471   13.796  6.470   1.00 26.91 ? 83  MET A CG  1 
ATOM   670  S SD  . MET A 1 84  ? 3.613   12.803  7.423   1.00 31.89 ? 83  MET A SD  1 
ATOM   671  C CE  . MET A 1 84  ? 4.793   14.019  7.898   1.00 36.44 ? 83  MET A CE  1 
ATOM   672  N N   . TYR A 1 85  ? -0.458  12.256  3.088   1.00 20.81 ? 84  TYR A N   1 
ATOM   673  C CA  . TYR A 1 85  ? -1.224  11.195  2.451   1.00 19.63 ? 84  TYR A CA  1 
ATOM   674  C C   . TYR A 1 85  ? -0.897  11.086  0.970   1.00 20.28 ? 84  TYR A C   1 
ATOM   675  O O   . TYR A 1 85  ? -0.468  12.063  0.342   1.00 19.94 ? 84  TYR A O   1 
ATOM   676  C CB  . TYR A 1 85  ? -2.733  11.397  2.661   1.00 19.15 ? 84  TYR A CB  1 
ATOM   677  C CG  . TYR A 1 85  ? -3.277  12.763  2.279   1.00 21.37 ? 84  TYR A CG  1 
ATOM   678  C CD1 . TYR A 1 85  ? -3.713  13.020  0.979   1.00 19.13 ? 84  TYR A CD1 1 
ATOM   679  C CD2 . TYR A 1 85  ? -3.390  13.783  3.228   1.00 21.19 ? 84  TYR A CD2 1 
ATOM   680  C CE1 . TYR A 1 85  ? -4.253  14.245  0.635   1.00 21.64 ? 84  TYR A CE1 1 
ATOM   681  C CE2 . TYR A 1 85  ? -3.936  15.014  2.893   1.00 21.65 ? 84  TYR A CE2 1 
ATOM   682  C CZ  . TYR A 1 85  ? -4.363  15.234  1.596   1.00 21.99 ? 84  TYR A CZ  1 
ATOM   683  O OH  . TYR A 1 85  ? -4.933  16.429  1.248   1.00 26.08 ? 84  TYR A OH  1 
ATOM   684  N N   . VAL A 1 86  ? -1.032  9.878   0.436   1.00 20.38 ? 85  VAL A N   1 
ATOM   685  C CA  . VAL A 1 86  ? -0.782  9.630   -0.971  1.00 17.83 ? 85  VAL A CA  1 
ATOM   686  C C   . VAL A 1 86  ? -2.070  9.962   -1.718  1.00 17.93 ? 85  VAL A C   1 
ATOM   687  O O   . VAL A 1 86  ? -3.149  9.474   -1.377  1.00 17.00 ? 85  VAL A O   1 
ATOM   688  C CB  . VAL A 1 86  ? -0.349  8.160   -1.213  1.00 17.65 ? 85  VAL A CB  1 
ATOM   689  C CG1 . VAL A 1 86  ? -0.132  7.906   -2.704  1.00 16.31 ? 85  VAL A CG1 1 
ATOM   690  C CG2 . VAL A 1 86  ? 0.935   7.865   -0.429  1.00 17.05 ? 85  VAL A CG2 1 
ATOM   691  N N   . LYS A 1 87  ? -1.947  10.853  -2.693  1.00 16.78 ? 86  LYS A N   1 
ATOM   692  C CA  . LYS A 1 87  ? -3.070  11.301  -3.500  1.00 17.50 ? 86  LYS A CA  1 
ATOM   693  C C   . LYS A 1 87  ? -3.316  10.458  -4.752  1.00 17.24 ? 86  LYS A C   1 
ATOM   694  O O   . LYS A 1 87  ? -4.446  10.412  -5.241  1.00 19.06 ? 86  LYS A O   1 
ATOM   695  C CB  . LYS A 1 87  ? -2.873  12.774  -3.857  1.00 18.76 ? 86  LYS A CB  1 
ATOM   696  C CG  . LYS A 1 87  ? -2.786  13.656  -2.623  1.00 20.28 ? 86  LYS A CG  1 
ATOM   697  C CD  . LYS A 1 87  ? -2.202  14.999  -2.948  1.00 24.73 ? 86  LYS A CD  1 
ATOM   698  C CE  . LYS A 1 87  ? -3.075  15.743  -3.910  1.00 25.90 ? 86  LYS A CE  1 
ATOM   699  N NZ  . LYS A 1 87  ? -2.370  16.970  -4.336  1.00 34.76 ? 86  LYS A NZ  1 
ATOM   700  N N   . SER A 1 88  ? -2.272  9.823   -5.291  1.00 14.04 ? 87  SER A N   1 
ATOM   701  C CA  . SER A 1 88  ? -2.414  8.958   -6.465  1.00 15.10 ? 87  SER A CA  1 
ATOM   702  C C   . SER A 1 88  ? -1.258  7.970   -6.482  1.00 13.53 ? 87  SER A C   1 
ATOM   703  O O   . SER A 1 88  ? -0.176  8.265   -5.969  1.00 14.90 ? 87  SER A O   1 
ATOM   704  C CB  . SER A 1 88  ? -2.498  9.747   -7.783  1.00 13.05 ? 87  SER A CB  1 
ATOM   705  O OG  . SER A 1 88  ? -1.247  10.269  -8.187  1.00 14.61 ? 87  SER A OG  1 
ATOM   706  N N   . TYR A 1 89  ? -1.501  6.786   -7.027  1.00 13.42 ? 88  TYR A N   1 
ATOM   707  C CA  . TYR A 1 89  ? -0.489  5.735   -7.052  1.00 13.64 ? 88  TYR A CA  1 
ATOM   708  C C   . TYR A 1 89  ? -0.755  4.713   -8.151  1.00 14.51 ? 88  TYR A C   1 
ATOM   709  O O   . TYR A 1 89  ? -1.833  4.692   -8.745  1.00 15.68 ? 88  TYR A O   1 
ATOM   710  C CB  . TYR A 1 89  ? -0.470  5.010   -5.693  1.00 13.12 ? 88  TYR A CB  1 
ATOM   711  C CG  . TYR A 1 89  ? -1.809  4.418   -5.281  1.00 14.75 ? 88  TYR A CG  1 
ATOM   712  C CD1 . TYR A 1 89  ? -2.163  3.118   -5.658  1.00 14.84 ? 88  TYR A CD1 1 
ATOM   713  C CD2 . TYR A 1 89  ? -2.726  5.158   -4.519  1.00 15.40 ? 88  TYR A CD2 1 
ATOM   714  C CE1 . TYR A 1 89  ? -3.393  2.560   -5.292  1.00 14.34 ? 88  TYR A CE1 1 
ATOM   715  C CE2 . TYR A 1 89  ? -3.967  4.614   -4.147  1.00 14.75 ? 88  TYR A CE2 1 
ATOM   716  C CZ  . TYR A 1 89  ? -4.293  3.314   -4.535  1.00 18.44 ? 88  TYR A CZ  1 
ATOM   717  O OH  . TYR A 1 89  ? -5.517  2.797   -4.174  1.00 14.40 ? 88  TYR A OH  1 
ATOM   718  N N   . THR A 1 90  ? 0.249   3.894   -8.448  1.00 13.43 ? 89  THR A N   1 
ATOM   719  C CA  . THR A 1 90  ? 0.091   2.828   -9.435  1.00 14.33 ? 89  THR A CA  1 
ATOM   720  C C   . THR A 1 90  ? 0.311   1.528   -8.658  1.00 14.80 ? 89  THR A C   1 
ATOM   721  O O   . THR A 1 90  ? 0.722   1.558   -7.488  1.00 15.38 ? 89  THR A O   1 
ATOM   722  C CB  . THR A 1 90  ? 1.097   2.926   -10.631 1.00 14.67 ? 89  THR A CB  1 
ATOM   723  O OG1 . THR A 1 90  ? 2.440   3.026   -10.140 1.00 16.92 ? 89  THR A OG1 1 
ATOM   724  C CG2 . THR A 1 90  ? 0.779   4.136   -11.510 1.00 12.51 ? 89  THR A CG2 1 
ATOM   725  N N   . ILE A 1 91  ? -0.008  0.399   -9.278  1.00 15.62 ? 90  ILE A N   1 
ATOM   726  C CA  . ILE A 1 91  ? 0.167   -0.889  -8.631  1.00 15.44 ? 90  ILE A CA  1 
ATOM   727  C C   . ILE A 1 91  ? 1.019   -1.786  -9.510  1.00 15.17 ? 90  ILE A C   1 
ATOM   728  O O   . ILE A 1 91  ? 0.813   -1.847  -10.720 1.00 15.58 ? 90  ILE A O   1 
ATOM   729  C CB  . ILE A 1 91  ? -1.197  -1.598  -8.390  1.00 15.53 ? 90  ILE A CB  1 
ATOM   730  C CG1 . ILE A 1 91  ? -2.055  -0.806  -7.383  1.00 15.89 ? 90  ILE A CG1 1 
ATOM   731  C CG2 . ILE A 1 91  ? -0.971  -3.037  -7.932  1.00 12.81 ? 90  ILE A CG2 1 
ATOM   732  C CD1 . ILE A 1 91  ? -1.503  -0.773  -5.952  1.00 14.31 ? 90  ILE A CD1 1 
ATOM   733  N N   . HIS A 1 92  ? 2.026   -2.411  -8.916  1.00 13.96 ? 91  HIS A N   1 
ATOM   734  C CA  . HIS A 1 92  ? 2.877   -3.348  -9.640  1.00 16.42 ? 91  HIS A CA  1 
ATOM   735  C C   . HIS A 1 92  ? 2.636   -4.676  -8.960  1.00 17.79 ? 91  HIS A C   1 
ATOM   736  O O   . HIS A 1 92  ? 2.358   -4.704  -7.758  1.00 18.21 ? 91  HIS A O   1 
ATOM   737  C CB  . HIS A 1 92  ? 4.359   -2.965  -9.537  1.00 17.26 ? 91  HIS A CB  1 
ATOM   738  C CG  . HIS A 1 92  ? 4.725   -1.753  -10.340 1.00 19.95 ? 91  HIS A CG  1 
ATOM   739  N ND1 . HIS A 1 92  ? 5.994   -1.213  -10.342 1.00 18.69 ? 91  HIS A ND1 1 
ATOM   740  C CD2 . HIS A 1 92  ? 3.979   -0.959  -11.148 1.00 21.45 ? 91  HIS A CD2 1 
ATOM   741  C CE1 . HIS A 1 92  ? 6.009   -0.135  -11.111 1.00 20.11 ? 91  HIS A CE1 1 
ATOM   742  N NE2 . HIS A 1 92  ? 4.801   0.038   -11.610 1.00 21.99 ? 91  HIS A NE2 1 
ATOM   743  N N   . TYR A 1 93  ? 2.673   -5.768  -9.723  1.00 16.88 ? 92  TYR A N   1 
ATOM   744  C CA  . TYR A 1 93  ? 2.477   -7.088  -9.141  1.00 19.54 ? 92  TYR A CA  1 
ATOM   745  C C   . TYR A 1 93  ? 3.442   -8.143  -9.684  1.00 20.68 ? 92  TYR A C   1 
ATOM   746  O O   . TYR A 1 93  ? 4.086   -7.940  -10.711 1.00 19.78 ? 92  TYR A O   1 
ATOM   747  C CB  . TYR A 1 93  ? 1.023   -7.545  -9.265  1.00 21.52 ? 92  TYR A CB  1 
ATOM   748  C CG  . TYR A 1 93  ? 0.480   -7.602  -10.675 1.00 23.82 ? 92  TYR A CG  1 
ATOM   749  C CD1 . TYR A 1 93  ? -0.100  -6.479  -11.268 1.00 23.69 ? 92  TYR A CD1 1 
ATOM   750  C CD2 . TYR A 1 93  ? 0.506   -8.794  -11.403 1.00 23.51 ? 92  TYR A CD2 1 
ATOM   751  C CE1 . TYR A 1 93  ? -0.646  -6.545  -12.546 1.00 25.49 ? 92  TYR A CE1 1 
ATOM   752  C CE2 . TYR A 1 93  ? -0.035  -8.867  -12.679 1.00 25.05 ? 92  TYR A CE2 1 
ATOM   753  C CZ  . TYR A 1 93  ? -0.610  -7.744  -13.244 1.00 24.86 ? 92  TYR A CZ  1 
ATOM   754  O OH  . TYR A 1 93  ? -1.161  -7.825  -14.500 1.00 29.39 ? 92  TYR A OH  1 
ATOM   755  N N   . SER A 1 94  ? 3.558   -9.256  -8.972  1.00 23.12 ? 93  SER A N   1 
ATOM   756  C CA  . SER A 1 94  ? 4.464   -10.320 -9.373  1.00 26.90 ? 93  SER A CA  1 
ATOM   757  C C   . SER A 1 94  ? 4.077   -11.650 -8.737  1.00 31.75 ? 93  SER A C   1 
ATOM   758  O O   . SER A 1 94  ? 3.492   -11.688 -7.654  1.00 29.83 ? 93  SER A O   1 
ATOM   759  C CB  . SER A 1 94  ? 5.891   -9.956  -8.952  1.00 24.04 ? 93  SER A CB  1 
ATOM   760  O OG  . SER A 1 94  ? 6.818   -10.936 -9.382  1.00 27.23 ? 93  SER A OG  1 
ATOM   761  N N   . GLU A 1 95  ? 4.406   -12.745 -9.418  1.00 38.55 ? 94  GLU A N   1 
ATOM   762  C CA  . GLU A 1 95  ? 4.124   -14.085 -8.905  1.00 43.80 ? 94  GLU A CA  1 
ATOM   763  C C   . GLU A 1 95  ? 5.358   -14.657 -8.205  1.00 44.63 ? 94  GLU A C   1 
ATOM   764  O O   . GLU A 1 95  ? 5.233   -15.427 -7.252  1.00 44.40 ? 94  GLU A O   1 
ATOM   765  C CB  . GLU A 1 95  ? 3.691   -15.035 -10.034 1.00 49.10 ? 94  GLU A CB  1 
ATOM   766  C CG  . GLU A 1 95  ? 2.347   -14.693 -10.697 1.00 56.49 ? 94  GLU A CG  1 
ATOM   767  C CD  . GLU A 1 95  ? 1.846   -15.778 -11.665 1.00 60.68 ? 94  GLU A CD  1 
ATOM   768  O OE1 . GLU A 1 95  ? 2.672   -16.570 -12.181 1.00 62.74 ? 94  GLU A OE1 1 
ATOM   769  O OE2 . GLU A 1 95  ? 0.617   -15.837 -11.909 1.00 61.82 ? 94  GLU A OE2 1 
ATOM   770  N N   . GLN A 1 96  ? 6.536   -14.193 -8.628  1.00 46.69 ? 95  GLN A N   1 
ATOM   771  C CA  . GLN A 1 96  ? 7.820   -14.669 -8.104  1.00 48.14 ? 95  GLN A CA  1 
ATOM   772  C C   . GLN A 1 96  ? 8.557   -13.661 -7.230  1.00 48.35 ? 95  GLN A C   1 
ATOM   773  O O   . GLN A 1 96  ? 9.430   -14.028 -6.443  1.00 48.81 ? 95  GLN A O   1 
ATOM   774  C CB  . GLN A 1 96  ? 8.750   -15.044 -9.266  1.00 50.49 ? 95  GLN A CB  1 
ATOM   775  C CG  . GLN A 1 96  ? 8.083   -15.738 -10.451 1.00 53.36 ? 95  GLN A CG  1 
ATOM   776  C CD  . GLN A 1 96  ? 7.639   -17.161 -10.151 0.00 52.69 ? 95  GLN A CD  1 
ATOM   777  O OE1 . GLN A 1 96  ? 7.604   -17.589 -9.001  0.00 52.89 ? 95  GLN A OE1 1 
ATOM   778  N NE2 . GLN A 1 96  ? 7.292   -17.897 -11.196 0.00 52.90 ? 95  GLN A NE2 1 
ATOM   779  N N   . GLY A 1 97  ? 8.266   -12.382 -7.422  1.00 48.58 ? 96  GLY A N   1 
ATOM   780  C CA  . GLY A 1 97  ? 8.939   -11.366 -6.644  1.00 48.96 ? 96  GLY A CA  1 
ATOM   781  C C   . GLY A 1 97  ? 10.185  -10.890 -7.357  1.00 50.20 ? 96  GLY A C   1 
ATOM   782  O O   . GLY A 1 97  ? 10.948  -10.092 -6.819  1.00 51.18 ? 96  GLY A O   1 
ATOM   783  N N   . VAL A 1 98  ? 10.380  -11.361 -8.584  1.00 51.34 ? 97  VAL A N   1 
ATOM   784  C CA  . VAL A 1 98  ? 11.545  -10.982 -9.378  1.00 54.25 ? 97  VAL A CA  1 
ATOM   785  C C   . VAL A 1 98  ? 11.112  -10.034 -10.490 1.00 53.49 ? 97  VAL A C   1 
ATOM   786  O O   . VAL A 1 98  ? 11.556  -8.887  -10.560 1.00 54.25 ? 97  VAL A O   1 
ATOM   787  C CB  . VAL A 1 98  ? 12.231  -12.223 -10.015 1.00 57.27 ? 97  VAL A CB  1 
ATOM   788  C CG1 . VAL A 1 98  ? 13.472  -11.798 -10.803 1.00 58.95 ? 97  VAL A CG1 1 
ATOM   789  C CG2 . VAL A 1 98  ? 12.608  -13.233 -8.941  1.00 59.46 ? 97  VAL A CG2 1 
ATOM   790  N N   . GLU A 1 99  ? 10.271  -10.540 -11.382 1.00 51.98 ? 98  GLU A N   1 
ATOM   791  C CA  . GLU A 1 99  ? 9.765   -9.749  -12.488 1.00 51.35 ? 98  GLU A CA  1 
ATOM   792  C C   . GLU A 1 99  ? 8.503   -9.017  -12.051 1.00 47.27 ? 98  GLU A C   1 
ATOM   793  O O   . GLU A 1 99  ? 7.551   -9.639  -11.580 1.00 45.21 ? 98  GLU A O   1 
ATOM   794  C CB  . GLU A 1 99  ? 9.460   -10.650 -13.689 1.00 56.50 ? 98  GLU A CB  1 
ATOM   795  C CG  . GLU A 1 99  ? 10.642  -10.872 -14.628 1.00 64.09 ? 98  GLU A CG  1 
ATOM   796  C CD  . GLU A 1 99  ? 11.075  -9.591  -15.343 1.00 68.52 ? 98  GLU A CD  1 
ATOM   797  O OE1 . GLU A 1 99  ? 10.282  -9.057  -16.155 1.00 69.57 ? 98  GLU A OE1 1 
ATOM   798  O OE2 . GLU A 1 99  ? 12.209  -9.119  -15.092 1.00 71.34 ? 98  GLU A OE2 1 
ATOM   799  N N   . TRP A 1 100 ? 8.515   -7.696  -12.173 1.00 42.42 ? 99  TRP A N   1 
ATOM   800  C CA  . TRP A 1 100 ? 7.359   -6.893  -11.801 1.00 37.46 ? 99  TRP A CA  1 
ATOM   801  C C   . TRP A 1 100 ? 6.559   -6.454  -13.018 1.00 36.48 ? 99  TRP A C   1 
ATOM   802  O O   . TRP A 1 100 ? 7.119   -6.128  -14.066 1.00 39.58 ? 99  TRP A O   1 
ATOM   803  C CB  . TRP A 1 100 ? 7.788   -5.699  -10.959 1.00 33.93 ? 99  TRP A CB  1 
ATOM   804  C CG  . TRP A 1 100 ? 8.297   -6.147  -9.646  1.00 30.11 ? 99  TRP A CG  1 
ATOM   805  C CD1 . TRP A 1 100 ? 9.577   -6.494  -9.343  1.00 32.20 ? 99  TRP A CD1 1 
ATOM   806  C CD2 . TRP A 1 100 ? 7.516   -6.414  -8.473  1.00 28.53 ? 99  TRP A CD2 1 
ATOM   807  N NE1 . TRP A 1 100 ? 9.644   -6.978  -8.056  1.00 33.76 ? 99  TRP A NE1 1 
ATOM   808  C CE2 . TRP A 1 100 ? 8.392   -6.939  -7.500  1.00 29.03 ? 99  TRP A CE2 1 
ATOM   809  C CE3 . TRP A 1 100 ? 6.161   -6.265  -8.153  1.00 23.90 ? 99  TRP A CE3 1 
ATOM   810  C CZ2 . TRP A 1 100 ? 7.958   -7.319  -6.227  1.00 26.27 ? 99  TRP A CZ2 1 
ATOM   811  C CZ3 . TRP A 1 100 ? 5.729   -6.643  -6.890  1.00 24.32 ? 99  TRP A CZ3 1 
ATOM   812  C CH2 . TRP A 1 100 ? 6.628   -7.164  -5.941  1.00 23.61 ? 99  TRP A CH2 1 
ATOM   813  N N   . LYS A 1 101 ? 5.241   -6.471  -12.876 1.00 32.27 ? 100 LYS A N   1 
ATOM   814  C CA  . LYS A 1 101 ? 4.344   -6.105  -13.956 1.00 29.18 ? 100 LYS A CA  1 
ATOM   815  C C   . LYS A 1 101 ? 3.406   -5.008  -13.463 1.00 25.58 ? 100 LYS A C   1 
ATOM   816  O O   . LYS A 1 101 ? 2.879   -5.088  -12.356 1.00 21.88 ? 100 LYS A O   1 
ATOM   817  C CB  . LYS A 1 101 ? 3.547   -7.350  -14.349 1.00 31.28 ? 100 LYS A CB  1 
ATOM   818  C CG  . LYS A 1 101 ? 2.892   -7.308  -15.693 1.00 35.98 ? 100 LYS A CG  1 
ATOM   819  C CD  . LYS A 1 101 ? 2.202   -8.629  -15.960 1.00 40.14 ? 100 LYS A CD  1 
ATOM   820  C CE  . LYS A 1 101 ? 1.541   -8.637  -17.325 1.00 44.93 ? 100 LYS A CE  1 
ATOM   821  N NZ  . LYS A 1 101 ? 0.671   -7.440  -17.519 1.00 47.78 ? 100 LYS A NZ  1 
ATOM   822  N N   . PRO A 1 102 ? 3.246   -3.933  -14.245 1.00 23.50 ? 101 PRO A N   1 
ATOM   823  C CA  . PRO A 1 102 ? 2.356   -2.850  -13.835 1.00 22.45 ? 101 PRO A CA  1 
ATOM   824  C C   . PRO A 1 102 ? 0.902   -3.160  -14.164 1.00 22.34 ? 101 PRO A C   1 
ATOM   825  O O   . PRO A 1 102 ? 0.607   -3.748  -15.207 1.00 23.31 ? 101 PRO A O   1 
ATOM   826  C CB  . PRO A 1 102 ? 2.865   -1.674  -14.656 1.00 23.58 ? 101 PRO A CB  1 
ATOM   827  C CG  . PRO A 1 102 ? 3.255   -2.320  -15.933 1.00 26.96 ? 101 PRO A CG  1 
ATOM   828  C CD  . PRO A 1 102 ? 3.987   -3.567  -15.460 1.00 22.98 ? 101 PRO A CD  1 
ATOM   829  N N   . TYR A 1 103 ? 0.000   -2.778  -13.260 1.00 22.25 ? 102 TYR A N   1 
ATOM   830  C CA  . TYR A 1 103 ? -1.429  -2.970  -13.464 1.00 19.89 ? 102 TYR A CA  1 
ATOM   831  C C   . TYR A 1 103 ? -1.895  -1.985  -14.547 1.00 20.72 ? 102 TYR A C   1 
ATOM   832  O O   . TYR A 1 103 ? -1.737  -0.761  -14.418 1.00 19.32 ? 102 TYR A O   1 
ATOM   833  C CB  . TYR A 1 103 ? -2.208  -2.741  -12.155 1.00 17.94 ? 102 TYR A CB  1 
ATOM   834  C CG  . TYR A 1 103 ? -3.688  -3.052  -12.274 1.00 18.91 ? 102 TYR A CG  1 
ATOM   835  C CD1 . TYR A 1 103 ? -4.150  -4.356  -12.148 1.00 21.06 ? 102 TYR A CD1 1 
ATOM   836  C CD2 . TYR A 1 103 ? -4.614  -2.059  -12.591 1.00 19.02 ? 102 TYR A CD2 1 
ATOM   837  C CE1 . TYR A 1 103 ? -5.493  -4.671  -12.344 1.00 20.03 ? 102 TYR A CE1 1 
ATOM   838  C CE2 . TYR A 1 103 ? -5.965  -2.364  -12.791 1.00 19.41 ? 102 TYR A CE2 1 
ATOM   839  C CZ  . TYR A 1 103 ? -6.390  -3.673  -12.669 1.00 19.70 ? 102 TYR A CZ  1 
ATOM   840  O OH  . TYR A 1 103 ? -7.699  -4.015  -12.902 1.00 21.27 ? 102 TYR A OH  1 
ATOM   841  N N   . ARG A 1 104 ? -2.426  -2.527  -15.638 1.00 24.90 ? 103 ARG A N   1 
ATOM   842  C CA  . ARG A 1 104 ? -2.923  -1.721  -16.750 1.00 27.55 ? 103 ARG A CA  1 
ATOM   843  C C   . ARG A 1 104 ? -4.270  -2.247  -17.192 1.00 30.36 ? 103 ARG A C   1 
ATOM   844  O O   . ARG A 1 104 ? -4.545  -3.443  -17.082 1.00 28.73 ? 103 ARG A O   1 
ATOM   845  C CB  . ARG A 1 104 ? -1.957  -1.763  -17.937 1.00 26.77 ? 103 ARG A CB  1 
ATOM   846  C CG  . ARG A 1 104 ? -0.639  -1.093  -17.657 1.00 28.60 ? 103 ARG A CG  1 
ATOM   847  C CD  . ARG A 1 104 ? 0.290   -1.095  -18.845 1.00 26.19 ? 103 ARG A CD  1 
ATOM   848  N NE  . ARG A 1 104 ? 1.528   -0.415  -18.487 1.00 30.71 ? 103 ARG A NE  1 
ATOM   849  C CZ  . ARG A 1 104 ? 2.640   -0.412  -19.218 1.00 33.80 ? 103 ARG A CZ  1 
ATOM   850  N NH1 . ARG A 1 104 ? 2.690   -1.068  -20.371 1.00 36.52 ? 103 ARG A NH1 1 
ATOM   851  N NH2 . ARG A 1 104 ? 3.703   0.263   -18.796 1.00 33.85 ? 103 ARG A NH2 1 
ATOM   852  N N   . LEU A 1 105 ? -5.120  -1.346  -17.658 1.00 36.89 ? 104 LEU A N   1 
ATOM   853  C CA  . LEU A 1 105 ? -6.440  -1.730  -18.137 1.00 45.49 ? 104 LEU A CA  1 
ATOM   854  C C   . LEU A 1 105 ? -6.254  -2.381  -19.511 1.00 50.65 ? 104 LEU A C   1 
ATOM   855  O O   . LEU A 1 105 ? -5.193  -2.241  -20.126 1.00 52.19 ? 104 LEU A O   1 
ATOM   856  C CB  . LEU A 1 105 ? -7.353  -0.499  -18.225 1.00 46.20 ? 104 LEU A CB  1 
ATOM   857  C CG  . LEU A 1 105 ? -7.676  0.196   -16.895 1.00 46.35 ? 104 LEU A CG  1 
ATOM   858  C CD1 . LEU A 1 105 ? -8.389  1.519   -17.139 1.00 45.47 ? 104 LEU A CD1 1 
ATOM   859  C CD2 . LEU A 1 105 ? -8.511  -0.721  -15.999 1.00 46.37 ? 104 LEU A CD2 1 
ATOM   860  N N   . LYS A 1 106 ? -7.285  -3.078  -19.988 1.00 55.22 ? 105 LYS A N   1 
ATOM   861  C CA  . LYS A 1 106 ? -7.251  -3.767  -21.290 1.00 57.04 ? 105 LYS A CA  1 
ATOM   862  C C   . LYS A 1 106 ? -6.841  -2.860  -22.458 1.00 56.85 ? 105 LYS A C   1 
ATOM   863  O O   . LYS A 1 106 ? -5.837  -3.105  -23.130 1.00 56.50 ? 105 LYS A O   1 
ATOM   864  C CB  . LYS A 1 106 ? -8.612  -4.403  -21.599 0.00 56.44 ? 105 LYS A CB  1 
ATOM   865  C CG  . LYS A 1 106 ? -9.010  -5.572  -20.703 0.00 56.17 ? 105 LYS A CG  1 
ATOM   866  C CD  . LYS A 1 106 ? -10.102 -5.186  -19.713 0.00 55.87 ? 105 LYS A CD  1 
ATOM   867  C CE  . LYS A 1 106 ? -9.534  -4.519  -18.473 0.00 55.72 ? 105 LYS A CE  1 
ATOM   868  N NZ  . LYS A 1 106 ? -10.585 -3.967  -17.581 0.00 55.60 ? 105 LYS A NZ  1 
ATOM   869  N N   . SER A 1 107 ? -7.649  -1.843  -22.726 0.00 56.74 ? 106 SER A N   1 
ATOM   870  C CA  . SER A 1 107 ? -7.353  -0.908  -23.797 0.00 56.63 ? 106 SER A CA  1 
ATOM   871  C C   . SER A 1 107 ? -6.423  0.185   -23.276 0.00 56.41 ? 106 SER A C   1 
ATOM   872  O O   . SER A 1 107 ? -6.758  1.372   -23.310 0.00 56.50 ? 106 SER A O   1 
ATOM   873  C CB  . SER A 1 107 ? -8.657  -0.320  -24.345 0.00 56.80 ? 106 SER A CB  1 
ATOM   874  O OG  . SER A 1 107 ? -9.586  -0.082  -23.298 0.00 56.75 ? 106 SER A OG  1 
ATOM   875  N N   . SER A 1 108 ? -5.259  -0.222  -22.778 0.00 55.95 ? 107 SER A N   1 
ATOM   876  C CA  . SER A 1 108 ? -4.289  0.719   -22.240 0.00 55.34 ? 107 SER A CA  1 
ATOM   877  C C   . SER A 1 108 ? -2.858  0.314   -22.571 0.00 54.40 ? 107 SER A C   1 
ATOM   878  O O   . SER A 1 108 ? -2.568  -0.847  -22.858 0.00 54.53 ? 107 SER A O   1 
ATOM   879  C CB  . SER A 1 108 ? -4.458  0.851   -20.724 0.00 55.76 ? 107 SER A CB  1 
ATOM   880  O OG  . SER A 1 108 ? -3.512  1.757   -20.173 0.00 56.36 ? 107 SER A OG  1 
ATOM   881  N N   . MET A 1 109 ? -1.977  1.306   -22.545 1.00 53.07 ? 108 MET A N   1 
ATOM   882  C CA  . MET A 1 109 ? -0.551  1.133   -22.830 1.00 51.31 ? 108 MET A CA  1 
ATOM   883  C C   . MET A 1 109 ? 0.274   1.872   -21.764 1.00 49.00 ? 108 MET A C   1 
ATOM   884  O O   . MET A 1 109 ? 1.507   1.881   -21.802 1.00 47.80 ? 108 MET A O   1 
ATOM   885  C CB  . MET A 1 109 ? -0.224  1.706   -24.212 0.00 52.29 ? 108 MET A CB  1 
ATOM   886  C CG  . MET A 1 109 ? -1.095  1.154   -25.328 0.00 53.28 ? 108 MET A CG  1 
ATOM   887  S SD  . MET A 1 109 ? -1.187  2.226   -26.776 0.00 53.33 ? 108 MET A SD  1 
ATOM   888  C CE  . MET A 1 109 ? -0.519  1.168   -28.039 0.00 54.29 ? 108 MET A CE  1 
ATOM   889  N N   . VAL A 1 110 ? -0.425  2.479   -20.807 1.00 45.37 ? 109 VAL A N   1 
ATOM   890  C CA  . VAL A 1 110 ? 0.195   3.232   -19.724 1.00 39.78 ? 109 VAL A CA  1 
ATOM   891  C C   . VAL A 1 110 ? -0.302  2.643   -18.403 1.00 35.03 ? 109 VAL A C   1 
ATOM   892  O O   . VAL A 1 110 ? -1.334  1.968   -18.368 1.00 34.79 ? 109 VAL A O   1 
ATOM   893  C CB  . VAL A 1 110 ? -0.201  4.726   -19.795 1.00 39.60 ? 109 VAL A CB  1 
ATOM   894  C CG1 . VAL A 1 110 ? 0.387   5.373   -21.043 1.00 39.37 ? 109 VAL A CG1 1 
ATOM   895  C CG2 . VAL A 1 110 ? -1.716  4.863   -19.805 1.00 38.43 ? 109 VAL A CG2 1 
ATOM   896  N N   . ASP A 1 111 ? 0.436   2.875   -17.327 1.00 31.14 ? 110 ASP A N   1 
ATOM   897  C CA  . ASP A 1 111 ? 0.048   2.356   -16.019 1.00 27.94 ? 110 ASP A CA  1 
ATOM   898  C C   . ASP A 1 111 ? -1.229  3.018   -15.528 1.00 25.24 ? 110 ASP A C   1 
ATOM   899  O O   . ASP A 1 111 ? -1.394  4.231   -15.652 1.00 24.40 ? 110 ASP A O   1 
ATOM   900  C CB  . ASP A 1 111 ? 1.154   2.593   -14.994 1.00 27.83 ? 110 ASP A CB  1 
ATOM   901  C CG  . ASP A 1 111 ? 2.471   1.980   -15.403 1.00 29.70 ? 110 ASP A CG  1 
ATOM   902  O OD1 . ASP A 1 111 ? 2.484   1.112   -16.301 1.00 28.14 ? 110 ASP A OD1 1 
ATOM   903  O OD2 . ASP A 1 111 ? 3.498   2.366   -14.814 1.00 31.98 ? 110 ASP A OD2 1 
ATOM   904  N N   . LYS A 1 112 ? -2.124  2.216   -14.966 1.00 22.53 ? 111 LYS A N   1 
ATOM   905  C CA  . LYS A 1 112 ? -3.384  2.718   -14.440 1.00 21.37 ? 111 LYS A CA  1 
ATOM   906  C C   . LYS A 1 112 ? -3.104  3.479   -13.148 1.00 19.92 ? 111 LYS A C   1 
ATOM   907  O O   . LYS A 1 112 ? -2.541  2.916   -12.204 1.00 18.06 ? 111 LYS A O   1 
ATOM   908  C CB  . LYS A 1 112 ? -4.325  1.532   -14.207 1.00 22.86 ? 111 LYS A CB  1 
ATOM   909  C CG  . LYS A 1 112 ? -5.474  1.769   -13.269 1.00 28.14 ? 111 LYS A CG  1 
ATOM   910  C CD  . LYS A 1 112 ? -6.348  2.913   -13.695 1.00 30.44 ? 111 LYS A CD  1 
ATOM   911  C CE  . LYS A 1 112 ? -7.515  3.050   -12.730 1.00 35.11 ? 111 LYS A CE  1 
ATOM   912  N NZ  . LYS A 1 112 ? -8.235  1.748   -12.591 1.00 36.11 ? 111 LYS A NZ  1 
ATOM   913  N N   . ILE A 1 113 ? -3.394  4.780   -13.155 1.00 19.43 ? 112 ILE A N   1 
ATOM   914  C CA  . ILE A 1 113 ? -3.194  5.629   -11.971 1.00 22.14 ? 112 ILE A CA  1 
ATOM   915  C C   . ILE A 1 113 ? -4.455  5.621   -11.118 1.00 21.34 ? 112 ILE A C   1 
ATOM   916  O O   . ILE A 1 113 ? -5.522  6.041   -11.566 1.00 23.83 ? 112 ILE A O   1 
ATOM   917  C CB  . ILE A 1 113 ? -2.900  7.113   -12.315 1.00 25.08 ? 112 ILE A CB  1 
ATOM   918  C CG1 . ILE A 1 113 ? -1.651  7.244   -13.187 1.00 27.22 ? 112 ILE A CG1 1 
ATOM   919  C CG2 . ILE A 1 113 ? -2.710  7.910   -11.027 1.00 23.67 ? 112 ILE A CG2 1 
ATOM   920  C CD1 . ILE A 1 113 ? -0.363  7.225   -12.428 1.00 30.68 ? 112 ILE A CD1 1 
ATOM   921  N N   . PHE A 1 114 ? -4.329  5.170   -9.882  1.00 17.86 ? 113 PHE A N   1 
ATOM   922  C CA  . PHE A 1 114 ? -5.465  5.119   -8.980  1.00 17.36 ? 113 PHE A CA  1 
ATOM   923  C C   . PHE A 1 114 ? -5.593  6.379   -8.148  1.00 17.52 ? 113 PHE A C   1 
ATOM   924  O O   . PHE A 1 114 ? -4.589  6.922   -7.682  1.00 15.72 ? 113 PHE A O   1 
ATOM   925  C CB  . PHE A 1 114 ? -5.321  3.926   -8.054  1.00 16.62 ? 113 PHE A CB  1 
ATOM   926  C CG  . PHE A 1 114 ? -5.465  2.614   -8.744  1.00 17.01 ? 113 PHE A CG  1 
ATOM   927  C CD1 . PHE A 1 114 ? -4.355  1.970   -9.271  1.00 18.42 ? 113 PHE A CD1 1 
ATOM   928  C CD2 . PHE A 1 114 ? -6.712  2.006   -8.844  1.00 18.04 ? 113 PHE A CD2 1 
ATOM   929  C CE1 . PHE A 1 114 ? -4.487  0.737   -9.883  1.00 18.41 ? 113 PHE A CE1 1 
ATOM   930  C CE2 . PHE A 1 114 ? -6.851  0.773   -9.452  1.00 17.65 ? 113 PHE A CE2 1 
ATOM   931  C CZ  . PHE A 1 114 ? -5.740  0.139   -9.971  1.00 18.80 ? 113 PHE A CZ  1 
ATOM   932  N N   . GLU A 1 115 ? -6.830  6.833   -7.967  1.00 19.58 ? 114 GLU A N   1 
ATOM   933  C CA  . GLU A 1 115 ? -7.122  8.016   -7.159  1.00 22.83 ? 114 GLU A CA  1 
ATOM   934  C C   . GLU A 1 115 ? -6.956  7.610   -5.712  1.00 20.02 ? 114 GLU A C   1 
ATOM   935  O O   . GLU A 1 115 ? -7.473  6.578   -5.301  1.00 20.36 ? 114 GLU A O   1 
ATOM   936  C CB  . GLU A 1 115 ? -8.554  8.501   -7.391  1.00 28.76 ? 114 GLU A CB  1 
ATOM   937  C CG  . GLU A 1 115 ? -8.779  9.089   -8.774  1.00 45.27 ? 114 GLU A CG  1 
ATOM   938  C CD  . GLU A 1 115 ? -7.807  10.227  -9.094  1.00 54.69 ? 114 GLU A CD  1 
ATOM   939  O OE1 . GLU A 1 115 ? -7.833  11.252  -8.369  1.00 58.99 ? 114 GLU A OE1 1 
ATOM   940  O OE2 . GLU A 1 115 ? -7.012  10.086  -10.061 1.00 59.34 ? 114 GLU A OE2 1 
ATOM   941  N N   . GLY A 1 116 ? -6.199  8.400   -4.961  1.00 16.52 ? 115 GLY A N   1 
ATOM   942  C CA  . GLY A 1 116 ? -5.954  8.094   -3.568  1.00 15.56 ? 115 GLY A CA  1 
ATOM   943  C C   . GLY A 1 116 ? -6.717  8.965   -2.592  1.00 14.96 ? 115 GLY A C   1 
ATOM   944  O O   . GLY A 1 116 ? -7.812  9.438   -2.871  1.00 17.50 ? 115 GLY A O   1 
ATOM   945  N N   . ASN A 1 117 ? -6.083  9.251   -1.470  1.00 14.45 ? 116 ASN A N   1 
ATOM   946  C CA  . ASN A 1 117 ? -6.704  10.025  -0.408  1.00 16.91 ? 116 ASN A CA  1 
ATOM   947  C C   . ASN A 1 117 ? -6.695  11.525  -0.607  1.00 18.59 ? 116 ASN A C   1 
ATOM   948  O O   . ASN A 1 117 ? -5.941  12.054  -1.423  1.00 17.27 ? 116 ASN A O   1 
ATOM   949  C CB  . ASN A 1 117 ? -6.033  9.690   0.922   1.00 14.94 ? 116 ASN A CB  1 
ATOM   950  C CG  . ASN A 1 117 ? -6.122  8.218   1.252   1.00 18.18 ? 116 ASN A CG  1 
ATOM   951  O OD1 . ASN A 1 117 ? -5.144  7.474   1.097   1.00 17.25 ? 116 ASN A OD1 1 
ATOM   952  N ND2 . ASN A 1 117 ? -7.297  7.780   1.691   1.00 13.18 ? 116 ASN A ND2 1 
ATOM   953  N N   . THR A 1 118 ? -7.577  12.195  0.124   1.00 20.21 ? 117 THR A N   1 
ATOM   954  C CA  . THR A 1 118 ? -7.693  13.646  0.088   1.00 22.30 ? 117 THR A CA  1 
ATOM   955  C C   . THR A 1 118 ? -7.644  14.190  1.519   1.00 24.63 ? 117 THR A C   1 
ATOM   956  O O   . THR A 1 118 ? -7.909  15.369  1.756   1.00 27.44 ? 117 THR A O   1 
ATOM   957  C CB  . THR A 1 118 ? -9.005  14.084  -0.569  1.00 21.71 ? 117 THR A CB  1 
ATOM   958  O OG1 . THR A 1 118 ? -10.110 13.467  0.109   1.00 23.40 ? 117 THR A OG1 1 
ATOM   959  C CG2 . THR A 1 118 ? -9.023  13.698  -2.043  1.00 20.26 ? 117 THR A CG2 1 
ATOM   960  N N   . ASN A 1 119 ? -7.332  13.315  2.470   1.00 22.67 ? 118 ASN A N   1 
ATOM   961  C CA  . ASN A 1 119 ? -7.234  13.687  3.871   1.00 23.89 ? 118 ASN A CA  1 
ATOM   962  C C   . ASN A 1 119 ? -6.428  12.621  4.609   1.00 23.54 ? 118 ASN A C   1 
ATOM   963  O O   . ASN A 1 119 ? -5.916  11.686  3.989   1.00 22.18 ? 118 ASN A O   1 
ATOM   964  C CB  . ASN A 1 119 ? -8.623  13.893  4.499   1.00 25.14 ? 118 ASN A CB  1 
ATOM   965  C CG  . ASN A 1 119 ? -9.574  12.743  4.228   1.00 25.42 ? 118 ASN A CG  1 
ATOM   966  O OD1 . ASN A 1 119 ? -9.210  11.574  4.344   1.00 28.89 ? 118 ASN A OD1 1 
ATOM   967  N ND2 . ASN A 1 119 ? -10.803 13.071  3.875   1.00 25.16 ? 118 ASN A ND2 1 
ATOM   968  N N   . THR A 1 120 ? -6.310  12.751  5.926   1.00 21.91 ? 119 THR A N   1 
ATOM   969  C CA  . THR A 1 120 ? -5.508  11.814  6.704   1.00 22.49 ? 119 THR A CA  1 
ATOM   970  C C   . THR A 1 120 ? -6.140  10.529  7.223   1.00 21.59 ? 119 THR A C   1 
ATOM   971  O O   . THR A 1 120 ? -5.447  9.526   7.328   1.00 21.87 ? 119 THR A O   1 
ATOM   972  C CB  . THR A 1 120 ? -4.814  12.519  7.873   1.00 22.44 ? 119 THR A CB  1 
ATOM   973  O OG1 . THR A 1 120 ? -5.792  13.210  8.654   1.00 22.11 ? 119 THR A OG1 1 
ATOM   974  C CG2 . THR A 1 120 ? -3.787  13.520  7.354   1.00 22.23 ? 119 THR A CG2 1 
ATOM   975  N N   . LYS A 1 121 ? -7.431  10.529  7.549   1.00 21.63 ? 120 LYS A N   1 
ATOM   976  C CA  . LYS A 1 121 ? -8.041  9.301   8.059   1.00 23.16 ? 120 LYS A CA  1 
ATOM   977  C C   . LYS A 1 121 ? -9.149  8.704   7.199   1.00 19.65 ? 120 LYS A C   1 
ATOM   978  O O   . LYS A 1 121 ? -9.573  7.572   7.432   1.00 21.38 ? 120 LYS A O   1 
ATOM   979  C CB  . LYS A 1 121 ? -8.521  9.470   9.512   1.00 26.84 ? 120 LYS A CB  1 
ATOM   980  C CG  . LYS A 1 121 ? -9.653  10.448  9.673   1.00 31.88 ? 120 LYS A CG  1 
ATOM   981  C CD  . LYS A 1 121 ? -10.041 10.652  11.125  1.00 36.80 ? 120 LYS A CD  1 
ATOM   982  C CE  . LYS A 1 121 ? -10.920 9.544   11.652  1.00 39.29 ? 120 LYS A CE  1 
ATOM   983  N NZ  . LYS A 1 121 ? -11.552 9.988   12.940  1.00 45.40 ? 120 LYS A NZ  1 
ATOM   984  N N   . GLY A 1 122 ? -9.593  9.424   6.182   1.00 18.49 ? 121 GLY A N   1 
ATOM   985  C CA  . GLY A 1 122 ? -10.647 8.888   5.338   1.00 19.84 ? 121 GLY A CA  1 
ATOM   986  C C   . GLY A 1 122 ? -10.178 7.661   4.572   1.00 21.66 ? 121 GLY A C   1 
ATOM   987  O O   . GLY A 1 122 ? -9.001  7.564   4.224   1.00 21.17 ? 121 GLY A O   1 
ATOM   988  N N   . HIS A 1 123 ? -11.076 6.699   4.358   1.00 21.03 ? 122 HIS A N   1 
ATOM   989  C CA  . HIS A 1 123 ? -10.748 5.483   3.608   1.00 20.78 ? 122 HIS A CA  1 
ATOM   990  C C   . HIS A 1 123 ? -11.119 5.695   2.140   1.00 21.10 ? 122 HIS A C   1 
ATOM   991  O O   . HIS A 1 123 ? -12.205 6.205   1.843   1.00 21.59 ? 122 HIS A O   1 
ATOM   992  C CB  . HIS A 1 123 ? -11.561 4.278   4.093   1.00 18.51 ? 122 HIS A CB  1 
ATOM   993  C CG  . HIS A 1 123 ? -11.206 3.797   5.461   1.00 21.92 ? 122 HIS A CG  1 
ATOM   994  N ND1 . HIS A 1 123 ? -11.786 2.677   6.023   1.00 21.70 ? 122 HIS A ND1 1 
ATOM   995  C CD2 . HIS A 1 123 ? -10.361 4.291   6.398   1.00 23.27 ? 122 HIS A CD2 1 
ATOM   996  C CE1 . HIS A 1 123 ? -11.319 2.507   7.246   1.00 24.71 ? 122 HIS A CE1 1 
ATOM   997  N NE2 . HIS A 1 123 ? -10.454 3.472   7.498   1.00 23.40 ? 122 HIS A NE2 1 
ATOM   998  N N   . VAL A 1 124 ? -10.211 5.359   1.228   1.00 17.12 ? 123 VAL A N   1 
ATOM   999  C CA  . VAL A 1 124 ? -10.517 5.453   -0.193  1.00 15.61 ? 123 VAL A CA  1 
ATOM   1000 C C   . VAL A 1 124 ? -10.306 4.046   -0.728  1.00 17.14 ? 123 VAL A C   1 
ATOM   1001 O O   . VAL A 1 124 ? -9.214  3.480   -0.611  1.00 18.29 ? 123 VAL A O   1 
ATOM   1002 C CB  . VAL A 1 124 ? -9.635  6.458   -0.932  1.00 13.96 ? 123 VAL A CB  1 
ATOM   1003 C CG1 . VAL A 1 124 ? -9.877  6.346   -2.424  1.00 14.56 ? 123 VAL A CG1 1 
ATOM   1004 C CG2 . VAL A 1 124 ? -9.975  7.867   -0.479  1.00 13.97 ? 123 VAL A CG2 1 
ATOM   1005 N N   . LYS A 1 125 ? -11.379 3.448   -1.224  1.00 16.54 ? 124 LYS A N   1 
ATOM   1006 C CA  . LYS A 1 125 ? -11.320 2.090   -1.733  1.00 18.33 ? 124 LYS A CA  1 
ATOM   1007 C C   . LYS A 1 125 ? -11.348 2.042   -3.251  1.00 19.65 ? 124 LYS A C   1 
ATOM   1008 O O   . LYS A 1 125 ? -12.131 2.747   -3.888  1.00 20.64 ? 124 LYS A O   1 
ATOM   1009 C CB  . LYS A 1 125 ? -12.490 1.296   -1.172  1.00 17.69 ? 124 LYS A CB  1 
ATOM   1010 C CG  . LYS A 1 125 ? -12.467 -0.185  -1.463  1.00 21.17 ? 124 LYS A CG  1 
ATOM   1011 C CD  . LYS A 1 125 ? -13.596 -0.851  -0.698  1.00 24.38 ? 124 LYS A CD  1 
ATOM   1012 C CE  . LYS A 1 125 ? -13.443 -2.358  -0.628  1.00 29.95 ? 124 LYS A CE  1 
ATOM   1013 N NZ  . LYS A 1 125 ? -14.549 -2.960  0.178   1.00 33.31 ? 124 LYS A NZ  1 
ATOM   1014 N N   . ASN A 1 126 ? -10.460 1.241   -3.825  1.00 16.49 ? 125 ASN A N   1 
ATOM   1015 C CA  . ASN A 1 126 ? -10.405 1.069   -5.265  1.00 17.71 ? 125 ASN A CA  1 
ATOM   1016 C C   . ASN A 1 126 ? -10.556 -0.424  -5.555  1.00 17.70 ? 125 ASN A C   1 
ATOM   1017 O O   . ASN A 1 126 ? -10.006 -1.261  -4.830  1.00 16.20 ? 125 ASN A O   1 
ATOM   1018 C CB  . ASN A 1 126 ? -9.088  1.612   -5.835  1.00 16.12 ? 125 ASN A CB  1 
ATOM   1019 C CG  . ASN A 1 126 ? -9.086  3.128   -5.960  1.00 16.44 ? 125 ASN A CG  1 
ATOM   1020 O OD1 . ASN A 1 126 ? -9.966  3.705   -6.590  1.00 17.01 ? 125 ASN A OD1 1 
ATOM   1021 N ND2 . ASN A 1 126 ? -8.082  3.773   -5.384  1.00 15.09 ? 125 ASN A ND2 1 
ATOM   1022 N N   . PHE A 1 127 ? -11.376 -0.747  -6.553  1.00 15.93 ? 126 PHE A N   1 
ATOM   1023 C CA  . PHE A 1 127 ? -11.616 -2.128  -6.953  1.00 15.56 ? 126 PHE A CA  1 
ATOM   1024 C C   . PHE A 1 127 ? -10.772 -2.434  -8.172  1.00 16.45 ? 126 PHE A C   1 
ATOM   1025 O O   . PHE A 1 127 ? -10.526 -1.555  -8.992  1.00 19.01 ? 126 PHE A O   1 
ATOM   1026 C CB  . PHE A 1 127 ? -13.093 -2.342  -7.294  1.00 12.90 ? 126 PHE A CB  1 
ATOM   1027 C CG  . PHE A 1 127 ? -13.990 -2.341  -6.099  1.00 16.40 ? 126 PHE A CG  1 
ATOM   1028 C CD1 . PHE A 1 127 ? -14.140 -3.486  -5.332  1.00 17.20 ? 126 PHE A CD1 1 
ATOM   1029 C CD2 . PHE A 1 127 ? -14.670 -1.188  -5.722  1.00 20.10 ? 126 PHE A CD2 1 
ATOM   1030 C CE1 . PHE A 1 127 ? -14.953 -3.485  -4.199  1.00 17.07 ? 126 PHE A CE1 1 
ATOM   1031 C CE2 . PHE A 1 127 ? -15.488 -1.179  -4.588  1.00 19.16 ? 126 PHE A CE2 1 
ATOM   1032 C CZ  . PHE A 1 127 ? -15.626 -2.331  -3.828  1.00 18.08 ? 126 PHE A CZ  1 
ATOM   1033 N N   . PHE A 1 128 ? -10.281 -3.663  -8.270  1.00 16.94 ? 127 PHE A N   1 
ATOM   1034 C CA  . PHE A 1 128 ? -9.493  -4.051  -9.427  1.00 15.97 ? 127 PHE A CA  1 
ATOM   1035 C C   . PHE A 1 128 ? -10.409 -4.779  -10.402 1.00 15.84 ? 127 PHE A C   1 
ATOM   1036 O O   . PHE A 1 128 ? -10.886 -5.877  -10.117 1.00 17.74 ? 127 PHE A O   1 
ATOM   1037 C CB  . PHE A 1 128 ? -8.315  -4.940  -9.032  1.00 14.91 ? 127 PHE A CB  1 
ATOM   1038 C CG  . PHE A 1 128 ? -7.349  -4.280  -8.097  1.00 17.70 ? 127 PHE A CG  1 
ATOM   1039 C CD1 . PHE A 1 128 ? -6.696  -3.113  -8.464  1.00 19.04 ? 127 PHE A CD1 1 
ATOM   1040 C CD2 . PHE A 1 128 ? -7.116  -4.808  -6.830  1.00 18.49 ? 127 PHE A CD2 1 
ATOM   1041 C CE1 . PHE A 1 128 ? -5.819  -2.474  -7.573  1.00 22.49 ? 127 PHE A CE1 1 
ATOM   1042 C CE2 . PHE A 1 128 ? -6.247  -4.180  -5.939  1.00 17.12 ? 127 PHE A CE2 1 
ATOM   1043 C CZ  . PHE A 1 128 ? -5.598  -3.012  -6.311  1.00 15.80 ? 127 PHE A CZ  1 
ATOM   1044 N N   . ASN A 1 129 ? -10.702 -4.135  -11.524 1.00 16.03 ? 128 ASN A N   1 
ATOM   1045 C CA  . ASN A 1 129 ? -11.549 -4.724  -12.555 1.00 16.95 ? 128 ASN A CA  1 
ATOM   1046 C C   . ASN A 1 129 ? -10.722 -4.760  -13.830 1.00 17.41 ? 128 ASN A C   1 
ATOM   1047 O O   . ASN A 1 129 ? -10.639 -3.760  -14.543 1.00 18.97 ? 128 ASN A O   1 
ATOM   1048 C CB  . ASN A 1 129 ? -12.801 -3.874  -12.793 1.00 15.77 ? 128 ASN A CB  1 
ATOM   1049 C CG  . ASN A 1 129 ? -13.804 -3.990  -11.671 1.00 16.10 ? 128 ASN A CG  1 
ATOM   1050 O OD1 . ASN A 1 129 ? -14.363 -5.059  -11.438 1.00 15.41 ? 128 ASN A OD1 1 
ATOM   1051 N ND2 . ASN A 1 129 ? -14.039 -2.894  -10.968 1.00 15.45 ? 128 ASN A ND2 1 
ATOM   1052 N N   . PRO A 1 130 ? -10.097 -5.907  -14.137 1.00 17.70 ? 129 PRO A N   1 
ATOM   1053 C CA  . PRO A 1 130 ? -10.258 -7.205  -13.474 1.00 18.08 ? 129 PRO A CA  1 
ATOM   1054 C C   . PRO A 1 130 ? -9.333  -7.359  -12.270 1.00 17.60 ? 129 PRO A C   1 
ATOM   1055 O O   . PRO A 1 130 ? -8.422  -6.552  -12.067 1.00 17.41 ? 129 PRO A O   1 
ATOM   1056 C CB  . PRO A 1 130 ? -9.878  -8.181  -14.578 1.00 20.42 ? 129 PRO A CB  1 
ATOM   1057 C CG  . PRO A 1 130 ? -8.748  -7.472  -15.240 1.00 20.88 ? 129 PRO A CG  1 
ATOM   1058 C CD  . PRO A 1 130 ? -9.235  -6.034  -15.328 1.00 19.06 ? 129 PRO A CD  1 
ATOM   1059 N N   . PRO A 1 131 ? -9.577  -8.381  -11.438 1.00 17.88 ? 130 PRO A N   1 
ATOM   1060 C CA  . PRO A 1 131 ? -8.750  -8.616  -10.256 1.00 16.67 ? 130 PRO A CA  1 
ATOM   1061 C C   . PRO A 1 131 ? -7.311  -8.935  -10.630 1.00 16.95 ? 130 PRO A C   1 
ATOM   1062 O O   . PRO A 1 131 ? -7.009  -9.286  -11.767 1.00 18.68 ? 130 PRO A O   1 
ATOM   1063 C CB  . PRO A 1 131 ? -9.403  -9.845  -9.623  1.00 17.37 ? 130 PRO A CB  1 
ATOM   1064 C CG  . PRO A 1 131 ? -10.811 -9.765  -10.057 1.00 18.73 ? 130 PRO A CG  1 
ATOM   1065 C CD  . PRO A 1 131 ? -10.693 -9.341  -11.491 1.00 17.49 ? 130 PRO A CD  1 
ATOM   1066 N N   . ILE A 1 132 ? -6.431  -8.833  -9.648  1.00 17.62 ? 131 ILE A N   1 
ATOM   1067 C CA  . ILE A 1 132 ? -5.014  -9.131  -9.830  1.00 18.50 ? 131 ILE A CA  1 
ATOM   1068 C C   . ILE A 1 132 ? -4.806  -10.538 -9.259  1.00 19.56 ? 131 ILE A C   1 
ATOM   1069 O O   . ILE A 1 132 ? -5.361  -10.875 -8.204  1.00 17.92 ? 131 ILE A O   1 
ATOM   1070 C CB  . ILE A 1 132 ? -4.116  -8.124  -9.027  1.00 18.34 ? 131 ILE A CB  1 
ATOM   1071 C CG1 . ILE A 1 132 ? -4.205  -6.724  -9.634  1.00 16.33 ? 131 ILE A CG1 1 
ATOM   1072 C CG2 . ILE A 1 132 ? -2.661  -8.598  -8.998  1.00 20.33 ? 131 ILE A CG2 1 
ATOM   1073 C CD1 . ILE A 1 132 ? -3.513  -5.668  -8.824  1.00 12.12 ? 131 ILE A CD1 1 
ATOM   1074 N N   . ILE A 1 133 ? -4.059  -11.373 -9.966  1.00 18.91 ? 132 ILE A N   1 
ATOM   1075 C CA  . ILE A 1 133 ? -3.780  -12.715 -9.468  1.00 19.45 ? 132 ILE A CA  1 
ATOM   1076 C C   . ILE A 1 133 ? -2.279  -12.768 -9.281  1.00 18.27 ? 132 ILE A C   1 
ATOM   1077 O O   . ILE A 1 133 ? -1.537  -12.801 -10.258 1.00 20.43 ? 132 ILE A O   1 
ATOM   1078 C CB  . ILE A 1 133 ? -4.190  -13.812 -10.468 1.00 22.56 ? 132 ILE A CB  1 
ATOM   1079 C CG1 . ILE A 1 133 ? -5.677  -13.694 -10.808 1.00 23.23 ? 132 ILE A CG1 1 
ATOM   1080 C CG2 . ILE A 1 133 ? -3.889  -15.193 -9.879  1.00 22.65 ? 132 ILE A CG2 1 
ATOM   1081 C CD1 . ILE A 1 133 ? -6.572  -14.198 -9.741  1.00 24.32 ? 132 ILE A CD1 1 
ATOM   1082 N N   . SER A 1 134 ? -1.820  -12.741 -8.036  1.00 18.60 ? 133 SER A N   1 
ATOM   1083 C CA  . SER A 1 134 ? -0.385  -12.774 -7.791  1.00 20.44 ? 133 SER A CA  1 
ATOM   1084 C C   . SER A 1 134 ? -0.068  -12.959 -6.322  1.00 18.66 ? 133 SER A C   1 
ATOM   1085 O O   . SER A 1 134 ? -0.972  -13.045 -5.492  1.00 20.21 ? 133 SER A O   1 
ATOM   1086 C CB  . SER A 1 134 ? 0.289   -11.494 -8.322  1.00 22.75 ? 133 SER A CB  1 
ATOM   1087 O OG  . SER A 1 134 ? -0.126  -10.351 -7.598  1.00 29.41 ? 133 SER A OG  1 
ATOM   1088 N N   . ARG A 1 135 ? 1.224   -13.035 -6.014  1.00 17.79 ? 134 ARG A N   1 
ATOM   1089 C CA  . ARG A 1 135 ? 1.675   -13.213 -4.648  1.00 18.89 ? 134 ARG A CA  1 
ATOM   1090 C C   . ARG A 1 135 ? 2.204   -11.909 -4.031  1.00 19.56 ? 134 ARG A C   1 
ATOM   1091 O O   . ARG A 1 135 ? 2.017   -11.665 -2.842  1.00 20.67 ? 134 ARG A O   1 
ATOM   1092 C CB  . ARG A 1 135 ? 2.758   -14.290 -4.602  1.00 19.26 ? 134 ARG A CB  1 
ATOM   1093 C CG  . ARG A 1 135 ? 3.349   -14.493 -3.233  1.00 21.22 ? 134 ARG A CG  1 
ATOM   1094 C CD  . ARG A 1 135 ? 4.484   -15.485 -3.258  1.00 24.03 ? 134 ARG A CD  1 
ATOM   1095 N NE  . ARG A 1 135 ? 5.225   -15.435 -2.002  1.00 28.83 ? 134 ARG A NE  1 
ATOM   1096 C CZ  . ARG A 1 135 ? 6.380   -16.060 -1.780  1.00 33.98 ? 134 ARG A CZ  1 
ATOM   1097 N NH1 . ARG A 1 135 ? 6.932   -16.810 -2.725  1.00 34.85 ? 134 ARG A NH1 1 
ATOM   1098 N NH2 . ARG A 1 135 ? 7.019   -15.881 -0.629  1.00 35.80 ? 134 ARG A NH2 1 
ATOM   1099 N N   . PHE A 1 136 ? 2.910   -11.108 -4.827  1.00 20.27 ? 135 PHE A N   1 
ATOM   1100 C CA  . PHE A 1 136 ? 3.475   -9.848  -4.360  1.00 21.73 ? 135 PHE A CA  1 
ATOM   1101 C C   . PHE A 1 136 ? 2.740   -8.660  -4.964  1.00 23.11 ? 135 PHE A C   1 
ATOM   1102 O O   . PHE A 1 136 ? 2.437   -8.644  -6.166  1.00 23.02 ? 135 PHE A O   1 
ATOM   1103 C CB  . PHE A 1 136 ? 4.939   -9.725  -4.772  1.00 23.54 ? 135 PHE A CB  1 
ATOM   1104 C CG  . PHE A 1 136 ? 5.838   -10.750 -4.167  1.00 27.90 ? 135 PHE A CG  1 
ATOM   1105 C CD1 . PHE A 1 136 ? 5.882   -12.043 -4.673  1.00 27.15 ? 135 PHE A CD1 1 
ATOM   1106 C CD2 . PHE A 1 136 ? 6.688   -10.408 -3.119  1.00 28.28 ? 135 PHE A CD2 1 
ATOM   1107 C CE1 . PHE A 1 136 ? 6.763   -12.982 -4.148  1.00 28.38 ? 135 PHE A CE1 1 
ATOM   1108 C CE2 . PHE A 1 136 ? 7.572   -11.338 -2.588  1.00 29.02 ? 135 PHE A CE2 1 
ATOM   1109 C CZ  . PHE A 1 136 ? 7.612   -12.628 -3.103  1.00 27.06 ? 135 PHE A CZ  1 
ATOM   1110 N N   . ILE A 1 137 ? 2.524   -7.639  -4.144  1.00 22.80 ? 136 ILE A N   1 
ATOM   1111 C CA  . ILE A 1 137 ? 1.854   -6.418  -4.570  1.00 21.65 ? 136 ILE A CA  1 
ATOM   1112 C C   . ILE A 1 137 ? 2.718   -5.231  -4.156  1.00 21.50 ? 136 ILE A C   1 
ATOM   1113 O O   . ILE A 1 137 ? 3.236   -5.203  -3.035  1.00 20.80 ? 136 ILE A O   1 
ATOM   1114 C CB  . ILE A 1 137 ? 0.452   -6.282  -3.897  1.00 22.88 ? 136 ILE A CB  1 
ATOM   1115 C CG1 . ILE A 1 137 ? -0.549  -7.210  -4.577  1.00 28.84 ? 136 ILE A CG1 1 
ATOM   1116 C CG2 . ILE A 1 137 ? -0.077  -4.865  -4.021  1.00 25.26 ? 136 ILE A CG2 1 
ATOM   1117 C CD1 . ILE A 1 137 ? -0.900  -6.790  -5.991  1.00 30.41 ? 136 ILE A CD1 1 
ATOM   1118 N N   . ARG A 1 138 ? 2.911   -4.284  -5.070  1.00 17.20 ? 137 ARG A N   1 
ATOM   1119 C CA  . ARG A 1 138 ? 3.675   -3.083  -4.767  1.00 17.18 ? 137 ARG A CA  1 
ATOM   1120 C C   . ARG A 1 138 ? 2.817   -1.854  -5.030  1.00 18.12 ? 137 ARG A C   1 
ATOM   1121 O O   . ARG A 1 138 ? 2.173   -1.756  -6.077  1.00 16.47 ? 137 ARG A O   1 
ATOM   1122 C CB  . ARG A 1 138 ? 4.948   -2.993  -5.617  1.00 20.86 ? 137 ARG A CB  1 
ATOM   1123 C CG  . ARG A 1 138 ? 6.169   -3.599  -4.954  1.00 23.15 ? 137 ARG A CG  1 
ATOM   1124 C CD  . ARG A 1 138 ? 7.417   -3.385  -5.774  1.00 25.14 ? 137 ARG A CD  1 
ATOM   1125 N NE  . ARG A 1 138 ? 8.546   -4.084  -5.166  1.00 29.30 ? 137 ARG A NE  1 
ATOM   1126 C CZ  . ARG A 1 138 ? 9.801   -4.006  -5.603  1.00 32.49 ? 137 ARG A CZ  1 
ATOM   1127 N NH1 . ARG A 1 138 ? 10.090  -3.252  -6.657  1.00 32.82 ? 137 ARG A NH1 1 
ATOM   1128 N NH2 . ARG A 1 138 ? 10.763  -4.691  -4.993  1.00 30.37 ? 137 ARG A NH2 1 
ATOM   1129 N N   . VAL A 1 139 ? 2.784   -0.947  -4.060  1.00 15.86 ? 138 VAL A N   1 
ATOM   1130 C CA  . VAL A 1 139 ? 2.040   0.302   -4.175  1.00 15.37 ? 138 VAL A CA  1 
ATOM   1131 C C   . VAL A 1 139 ? 3.093   1.354   -4.469  1.00 14.03 ? 138 VAL A C   1 
ATOM   1132 O O   . VAL A 1 139 ? 4.034   1.499   -3.699  1.00 14.94 ? 138 VAL A O   1 
ATOM   1133 C CB  . VAL A 1 139 ? 1.326   0.642   -2.867  1.00 15.62 ? 138 VAL A CB  1 
ATOM   1134 C CG1 . VAL A 1 139 ? 0.711   2.038   -2.943  1.00 12.56 ? 138 VAL A CG1 1 
ATOM   1135 C CG2 . VAL A 1 139 ? 0.265   -0.424  -2.577  1.00 14.73 ? 138 VAL A CG2 1 
ATOM   1136 N N   . ILE A 1 140 ? 2.957   2.040   -5.602  1.00 13.70 ? 139 ILE A N   1 
ATOM   1137 C CA  . ILE A 1 140 ? 3.916   3.059   -6.030  1.00 15.04 ? 139 ILE A CA  1 
ATOM   1138 C C   . ILE A 1 140 ? 3.278   4.445   -5.956  1.00 14.74 ? 139 ILE A C   1 
ATOM   1139 O O   . ILE A 1 140 ? 2.446   4.801   -6.801  1.00 13.69 ? 139 ILE A O   1 
ATOM   1140 C CB  . ILE A 1 140 ? 4.352   2.842   -7.516  1.00 17.21 ? 139 ILE A CB  1 
ATOM   1141 C CG1 . ILE A 1 140 ? 4.554   1.355   -7.838  1.00 20.20 ? 139 ILE A CG1 1 
ATOM   1142 C CG2 . ILE A 1 140 ? 5.596   3.660   -7.837  1.00 16.28 ? 139 ILE A CG2 1 
ATOM   1143 C CD1 . ILE A 1 140 ? 5.692   0.680   -7.113  1.00 26.59 ? 139 ILE A CD1 1 
ATOM   1144 N N   . PRO A 1 141 ? 3.635   5.239   -4.937  1.00 15.45 ? 140 PRO A N   1 
ATOM   1145 C CA  . PRO A 1 141 ? 3.068   6.587   -4.804  1.00 16.37 ? 140 PRO A CA  1 
ATOM   1146 C C   . PRO A 1 141 ? 3.492   7.486   -5.973  1.00 17.70 ? 140 PRO A C   1 
ATOM   1147 O O   . PRO A 1 141 ? 4.672   7.511   -6.337  1.00 17.25 ? 140 PRO A O   1 
ATOM   1148 C CB  . PRO A 1 141 ? 3.679   7.078   -3.490  1.00 15.82 ? 140 PRO A CB  1 
ATOM   1149 C CG  . PRO A 1 141 ? 3.921   5.794   -2.723  1.00 15.99 ? 140 PRO A CG  1 
ATOM   1150 C CD  . PRO A 1 141 ? 4.493   4.916   -3.780  1.00 15.05 ? 140 PRO A CD  1 
ATOM   1151 N N   . LYS A 1 142 ? 2.534   8.201   -6.567  1.00 17.98 ? 141 LYS A N   1 
ATOM   1152 C CA  . LYS A 1 142 ? 2.805   9.106   -7.686  1.00 15.69 ? 141 LYS A CA  1 
ATOM   1153 C C   . LYS A 1 142 ? 2.741   10.559  -7.247  1.00 16.08 ? 141 LYS A C   1 
ATOM   1154 O O   . LYS A 1 142 ? 3.589   11.362  -7.630  1.00 18.04 ? 141 LYS A O   1 
ATOM   1155 C CB  . LYS A 1 142 ? 1.830   8.857   -8.844  1.00 17.83 ? 141 LYS A CB  1 
ATOM   1156 C CG  . LYS A 1 142 ? 2.086   7.546   -9.584  1.00 18.56 ? 141 LYS A CG  1 
ATOM   1157 C CD  . LYS A 1 142 ? 3.443   7.585   -10.269 1.00 22.03 ? 141 LYS A CD  1 
ATOM   1158 C CE  . LYS A 1 142 ? 3.827   6.240   -10.857 1.00 26.86 ? 141 LYS A CE  1 
ATOM   1159 N NZ  . LYS A 1 142 ? 5.228   6.277   -11.375 1.00 29.03 ? 141 LYS A NZ  1 
ATOM   1160 N N   . THR A 1 143 ? 1.721   10.901  -6.467  1.00 15.40 ? 142 THR A N   1 
ATOM   1161 C CA  . THR A 1 143 ? 1.547   12.259  -5.947  1.00 15.42 ? 142 THR A CA  1 
ATOM   1162 C C   . THR A 1 143 ? 1.143   12.144  -4.483  1.00 16.18 ? 142 THR A C   1 
ATOM   1163 O O   . THR A 1 143 ? 0.471   11.182  -4.079  1.00 15.25 ? 142 THR A O   1 
ATOM   1164 C CB  . THR A 1 143 ? 0.472   13.065  -6.727  1.00 17.52 ? 142 THR A CB  1 
ATOM   1165 O OG1 . THR A 1 143 ? -0.804  12.431  -6.612  1.00 17.25 ? 142 THR A OG1 1 
ATOM   1166 C CG2 . THR A 1 143 ? 0.842   13.180  -8.208  1.00 16.14 ? 142 THR A CG2 1 
ATOM   1167 N N   . TRP A 1 144 ? 1.548   13.118  -3.686  1.00 16.77 ? 143 TRP A N   1 
ATOM   1168 C CA  . TRP A 1 144 ? 1.253   13.095  -2.269  1.00 17.67 ? 143 TRP A CA  1 
ATOM   1169 C C   . TRP A 1 144 ? 1.115   14.502  -1.718  1.00 20.63 ? 143 TRP A C   1 
ATOM   1170 O O   . TRP A 1 144 ? 1.558   15.470  -2.343  1.00 19.30 ? 143 TRP A O   1 
ATOM   1171 C CB  . TRP A 1 144 ? 2.392   12.390  -1.535  1.00 18.39 ? 143 TRP A CB  1 
ATOM   1172 C CG  . TRP A 1 144 ? 3.757   12.908  -1.925  1.00 20.07 ? 143 TRP A CG  1 
ATOM   1173 C CD1 . TRP A 1 144 ? 4.419   13.968  -1.378  1.00 18.71 ? 143 TRP A CD1 1 
ATOM   1174 C CD2 . TRP A 1 144 ? 4.624   12.377  -2.939  1.00 20.17 ? 143 TRP A CD2 1 
ATOM   1175 N NE1 . TRP A 1 144 ? 5.642   14.128  -1.985  1.00 18.86 ? 143 TRP A NE1 1 
ATOM   1176 C CE2 . TRP A 1 144 ? 5.795   13.163  -2.944  1.00 19.30 ? 143 TRP A CE2 1 
ATOM   1177 C CE3 . TRP A 1 144 ? 4.524   11.309  -3.839  1.00 18.33 ? 143 TRP A CE3 1 
ATOM   1178 C CZ2 . TRP A 1 144 ? 6.862   12.916  -3.813  1.00 18.13 ? 143 TRP A CZ2 1 
ATOM   1179 C CZ3 . TRP A 1 144 ? 5.587   11.064  -4.705  1.00 20.38 ? 143 TRP A CZ3 1 
ATOM   1180 C CH2 . TRP A 1 144 ? 6.740   11.868  -4.682  1.00 20.01 ? 143 TRP A CH2 1 
ATOM   1181 N N   . ASN A 1 145 ? 0.427   14.622  -0.588  1.00 21.62 ? 144 ASN A N   1 
ATOM   1182 C CA  . ASN A 1 145 ? 0.299   15.915  0.063   1.00 22.61 ? 144 ASN A CA  1 
ATOM   1183 C C   . ASN A 1 145 ? 1.353   15.930  1.163   1.00 22.74 ? 144 ASN A C   1 
ATOM   1184 O O   . ASN A 1 145 ? 1.375   15.042  2.024   1.00 20.98 ? 144 ASN A O   1 
ATOM   1185 C CB  . ASN A 1 145 ? -1.082  16.114  0.677   1.00 22.92 ? 144 ASN A CB  1 
ATOM   1186 C CG  . ASN A 1 145 ? -1.225  17.474  1.359   1.00 23.98 ? 144 ASN A CG  1 
ATOM   1187 O OD1 . ASN A 1 145 ? -1.068  17.599  2.568   1.00 27.58 ? 144 ASN A OD1 1 
ATOM   1188 N ND2 . ASN A 1 145 ? -1.503  18.496  0.576   1.00 22.43 ? 144 ASN A ND2 1 
ATOM   1189 N N   . GLN A 1 146 ? 2.295   16.861  1.053   1.00 24.38 ? 145 GLN A N   1 
ATOM   1190 C CA  . GLN A 1 146 ? 3.355   17.024  2.038   1.00 26.93 ? 145 GLN A CA  1 
ATOM   1191 C C   . GLN A 1 146 ? 4.394   15.923  2.132   1.00 25.53 ? 145 GLN A C   1 
ATOM   1192 O O   . GLN A 1 146 ? 5.577   16.172  1.931   1.00 26.23 ? 145 GLN A O   1 
ATOM   1193 C CB  . GLN A 1 146 ? 2.762   17.248  3.422   1.00 33.78 ? 145 GLN A CB  1 
ATOM   1194 C CG  . GLN A 1 146 ? 2.975   18.635  3.948   1.00 45.42 ? 145 GLN A CG  1 
ATOM   1195 C CD  . GLN A 1 146 ? 2.937   18.653  5.448   1.00 51.77 ? 145 GLN A CD  1 
ATOM   1196 O OE1 . GLN A 1 146 ? 1.912   18.968  6.053   1.00 55.70 ? 145 GLN A OE1 1 
ATOM   1197 N NE2 . GLN A 1 146 ? 4.054   18.286  6.069   1.00 55.01 ? 145 GLN A NE2 1 
ATOM   1198 N N   . SER A 1 147 ? 3.959   14.704  2.422   1.00 24.49 ? 146 SER A N   1 
ATOM   1199 C CA  . SER A 1 147 ? 4.881   13.598  2.578   1.00 23.15 ? 146 SER A CA  1 
ATOM   1200 C C   . SER A 1 147 ? 4.205   12.250  2.253   1.00 21.73 ? 146 SER A C   1 
ATOM   1201 O O   . SER A 1 147 ? 2.978   12.116  2.349   1.00 22.14 ? 146 SER A O   1 
ATOM   1202 C CB  . SER A 1 147 ? 5.386   13.625  4.025   1.00 21.41 ? 146 SER A CB  1 
ATOM   1203 O OG  . SER A 1 147 ? 6.433   12.714  4.240   1.00 34.69 ? 146 SER A OG  1 
ATOM   1204 N N   . ILE A 1 148 ? 4.998   11.268  1.834   1.00 19.54 ? 147 ILE A N   1 
ATOM   1205 C CA  . ILE A 1 148 ? 4.470   9.944   1.516   1.00 19.95 ? 147 ILE A CA  1 
ATOM   1206 C C   . ILE A 1 148 ? 4.247   9.148   2.805   1.00 22.85 ? 147 ILE A C   1 
ATOM   1207 O O   . ILE A 1 148 ? 5.214   8.779   3.479   1.00 23.38 ? 147 ILE A O   1 
ATOM   1208 C CB  . ILE A 1 148 ? 5.459   9.141   0.640   1.00 18.75 ? 147 ILE A CB  1 
ATOM   1209 C CG1 . ILE A 1 148 ? 5.643   9.820   -0.717  1.00 16.85 ? 147 ILE A CG1 1 
ATOM   1210 C CG2 . ILE A 1 148 ? 4.974   7.703   0.464   1.00 17.46 ? 147 ILE A CG2 1 
ATOM   1211 C CD1 . ILE A 1 148 ? 6.801   9.265   -1.528  1.00 14.71 ? 147 ILE A CD1 1 
ATOM   1212 N N   . THR A 1 149 ? 2.983   8.911   3.155   1.00 23.00 ? 148 THR A N   1 
ATOM   1213 C CA  . THR A 1 149 ? 2.626   8.115   4.339   1.00 25.90 ? 148 THR A CA  1 
ATOM   1214 C C   . THR A 1 149 ? 1.430   7.280   3.941   1.00 21.14 ? 148 THR A C   1 
ATOM   1215 O O   . THR A 1 149 ? 0.546   7.761   3.229   1.00 19.41 ? 148 THR A O   1 
ATOM   1216 C CB  . THR A 1 149 ? 2.205   8.962   5.560   1.00 31.28 ? 148 THR A CB  1 
ATOM   1217 O OG1 . THR A 1 149 ? 1.114   9.822   5.201   1.00 43.62 ? 148 THR A OG1 1 
ATOM   1218 C CG2 . THR A 1 149 ? 3.351   9.797   6.061   1.00 38.30 ? 148 THR A CG2 1 
ATOM   1219 N N   . LEU A 1 150 ? 1.376   6.057   4.441   1.00 18.69 ? 149 LEU A N   1 
ATOM   1220 C CA  . LEU A 1 150 ? 0.294   5.158   4.094   1.00 17.79 ? 149 LEU A CA  1 
ATOM   1221 C C   . LEU A 1 150 ? -0.101  4.184   5.181   1.00 16.59 ? 149 LEU A C   1 
ATOM   1222 O O   . LEU A 1 150 ? 0.731   3.750   5.981   1.00 18.15 ? 149 LEU A O   1 
ATOM   1223 C CB  . LEU A 1 150 ? 0.723   4.302   2.917   1.00 20.18 ? 149 LEU A CB  1 
ATOM   1224 C CG  . LEU A 1 150 ? 0.307   4.591   1.489   1.00 26.12 ? 149 LEU A CG  1 
ATOM   1225 C CD1 . LEU A 1 150 ? 0.802   3.421   0.635   1.00 23.49 ? 149 LEU A CD1 1 
ATOM   1226 C CD2 . LEU A 1 150 ? -1.200  4.715   1.412   1.00 25.23 ? 149 LEU A CD2 1 
ATOM   1227 N N   . ARG A 1 151 ? -1.376  3.823   5.138   1.00 15.54 ? 150 ARG A N   1 
ATOM   1228 C CA  . ARG A 1 151 ? -2.014  2.821   5.987   1.00 15.96 ? 150 ARG A CA  1 
ATOM   1229 C C   . ARG A 1 151 ? -2.941  2.187   4.965   1.00 16.96 ? 150 ARG A C   1 
ATOM   1230 O O   . ARG A 1 151 ? -3.613  2.895   4.210   1.00 17.73 ? 150 ARG A O   1 
ATOM   1231 C CB  . ARG A 1 151 ? -2.815  3.439   7.135   1.00 16.28 ? 150 ARG A CB  1 
ATOM   1232 C CG  . ARG A 1 151 ? -1.960  3.812   8.341   1.00 14.00 ? 150 ARG A CG  1 
ATOM   1233 C CD  . ARG A 1 151 ? -2.819  4.301   9.484   1.00 16.51 ? 150 ARG A CD  1 
ATOM   1234 N NE  . ARG A 1 151 ? -3.413  5.592   9.176   1.00 17.24 ? 150 ARG A NE  1 
ATOM   1235 C CZ  . ARG A 1 151 ? -4.273  6.230   9.959   1.00 18.50 ? 150 ARG A CZ  1 
ATOM   1236 N NH1 . ARG A 1 151 ? -4.657  5.695   11.111  1.00 18.01 ? 150 ARG A NH1 1 
ATOM   1237 N NH2 . ARG A 1 151 ? -4.708  7.434   9.607   1.00 17.92 ? 150 ARG A NH2 1 
ATOM   1238 N N   . LEU A 1 152 ? -2.920  0.864   4.864   1.00 18.30 ? 151 LEU A N   1 
ATOM   1239 C CA  . LEU A 1 152 ? -3.750  0.198   3.870   1.00 19.08 ? 151 LEU A CA  1 
ATOM   1240 C C   . LEU A 1 152 ? -4.286  -1.174  4.273   1.00 18.77 ? 151 LEU A C   1 
ATOM   1241 O O   . LEU A 1 152 ? -3.968  -1.715  5.342   1.00 16.53 ? 151 LEU A O   1 
ATOM   1242 C CB  . LEU A 1 152 ? -2.970  0.081   2.543   1.00 17.52 ? 151 LEU A CB  1 
ATOM   1243 C CG  . LEU A 1 152 ? -1.703  -0.784  2.541   1.00 22.58 ? 151 LEU A CG  1 
ATOM   1244 C CD1 . LEU A 1 152 ? -1.975  -2.102  1.842   1.00 23.69 ? 151 LEU A CD1 1 
ATOM   1245 C CD2 . LEU A 1 152 ? -0.590  -0.060  1.836   1.00 22.74 ? 151 LEU A CD2 1 
ATOM   1246 N N   . GLU A 1 153 ? -5.163  -1.689  3.424   1.00 17.36 ? 152 GLU A N   1 
ATOM   1247 C CA  . GLU A 1 153 ? -5.749  -3.006  3.597   1.00 16.67 ? 152 GLU A CA  1 
ATOM   1248 C C   . GLU A 1 153 ? -6.009  -3.510  2.191   1.00 15.60 ? 152 GLU A C   1 
ATOM   1249 O O   . GLU A 1 153 ? -6.324  -2.723  1.297   1.00 14.23 ? 152 GLU A O   1 
ATOM   1250 C CB  . GLU A 1 153 ? -7.073  -2.948  4.372   1.00 16.18 ? 152 GLU A CB  1 
ATOM   1251 C CG  . GLU A 1 153 ? -7.780  -4.319  4.497   1.00 19.43 ? 152 GLU A CG  1 
ATOM   1252 C CD  . GLU A 1 153 ? -6.986  -5.329  5.326   1.00 21.17 ? 152 GLU A CD  1 
ATOM   1253 O OE1 . GLU A 1 153 ? -6.083  -6.002  4.777   1.00 19.91 ? 152 GLU A OE1 1 
ATOM   1254 O OE2 . GLU A 1 153 ? -7.257  -5.437  6.541   1.00 24.57 ? 152 GLU A OE2 1 
ATOM   1255 N N   . LEU A 1 154 ? -5.825  -4.810  1.991   1.00 17.48 ? 153 LEU A N   1 
ATOM   1256 C CA  . LEU A 1 154 ? -6.069  -5.443  0.698   1.00 19.12 ? 153 LEU A CA  1 
ATOM   1257 C C   . LEU A 1 154 ? -7.237  -6.409  0.892   1.00 17.58 ? 153 LEU A C   1 
ATOM   1258 O O   . LEU A 1 154 ? -7.454  -6.904  2.001   1.00 17.96 ? 153 LEU A O   1 
ATOM   1259 C CB  . LEU A 1 154 ? -4.832  -6.222  0.243   1.00 20.59 ? 153 LEU A CB  1 
ATOM   1260 C CG  . LEU A 1 154 ? -3.552  -5.432  -0.019  1.00 23.35 ? 153 LEU A CG  1 
ATOM   1261 C CD1 . LEU A 1 154 ? -2.409  -6.401  -0.231  1.00 24.55 ? 153 LEU A CD1 1 
ATOM   1262 C CD2 . LEU A 1 154 ? -3.732  -4.525  -1.218  1.00 22.17 ? 153 LEU A CD2 1 
ATOM   1263 N N   . PHE A 1 155 ? -8.001  -6.655  -0.162  1.00 18.00 ? 154 PHE A N   1 
ATOM   1264 C CA  . PHE A 1 155 ? -9.140  -7.566  -0.073  1.00 17.63 ? 154 PHE A CA  1 
ATOM   1265 C C   . PHE A 1 155 ? -9.007  -8.549  -1.207  1.00 18.63 ? 154 PHE A C   1 
ATOM   1266 O O   . PHE A 1 155 ? -8.612  -8.177  -2.312  1.00 19.29 ? 154 PHE A O   1 
ATOM   1267 C CB  . PHE A 1 155 ? -10.478 -6.816  -0.217  1.00 16.30 ? 154 PHE A CB  1 
ATOM   1268 C CG  . PHE A 1 155 ? -10.715 -5.771  0.847   1.00 18.32 ? 154 PHE A CG  1 
ATOM   1269 C CD1 . PHE A 1 155 ? -10.091 -4.523  0.770   1.00 16.62 ? 154 PHE A CD1 1 
ATOM   1270 C CD2 . PHE A 1 155 ? -11.523 -6.052  1.945   1.00 17.46 ? 154 PHE A CD2 1 
ATOM   1271 C CE1 . PHE A 1 155 ? -10.261 -3.581  1.773   1.00 17.50 ? 154 PHE A CE1 1 
ATOM   1272 C CE2 . PHE A 1 155 ? -11.700 -5.114  2.954   1.00 19.07 ? 154 PHE A CE2 1 
ATOM   1273 C CZ  . PHE A 1 155 ? -11.067 -3.878  2.870   1.00 18.71 ? 154 PHE A CZ  1 
ATOM   1274 N N   . GLY A 1 156 ? -9.349  -9.798  -0.941  1.00 20.75 ? 155 GLY A N   1 
ATOM   1275 C CA  . GLY A 1 156 ? -9.278  -10.811 -1.972  1.00 22.46 ? 155 GLY A CA  1 
ATOM   1276 C C   . GLY A 1 156 ? -9.713  -12.154 -1.435  1.00 24.03 ? 155 GLY A C   1 
ATOM   1277 O O   . GLY A 1 156 ? -10.551 -12.240 -0.522  1.00 23.42 ? 155 GLY A O   1 
ATOM   1278 N N   . CYS A 1 157 ? -9.145  -13.207 -2.009  1.00 24.66 ? 156 CYS A N   1 
ATOM   1279 C CA  . CYS A 1 157 ? -9.449  -14.567 -1.599  1.00 25.07 ? 156 CYS A CA  1 
ATOM   1280 C C   . CYS A 1 157 ? -8.404  -15.495 -2.178  1.00 24.86 ? 156 CYS A C   1 
ATOM   1281 O O   . CYS A 1 157 ? -7.548  -15.067 -2.956  1.00 23.94 ? 156 CYS A O   1 
ATOM   1282 C CB  . CYS A 1 157 ? -10.835 -14.968 -2.107  1.00 25.12 ? 156 CYS A CB  1 
ATOM   1283 S SG  . CYS A 1 157 ? -10.978 -14.931 -3.916  1.00 26.38 ? 156 CYS A SG  1 
ATOM   1284 N N   . ASP A 1 158 ? -8.448  -16.755 -1.768  1.00 26.13 ? 157 ASP A N   1 
ATOM   1285 C CA  . ASP A 1 158 ? -7.517  -17.752 -2.268  1.00 28.50 ? 157 ASP A CA  1 
ATOM   1286 C C   . ASP A 1 158 ? -7.912  -18.198 -3.681  1.00 26.72 ? 157 ASP A C   1 
ATOM   1287 O O   . ASP A 1 158 ? -9.026  -17.938 -4.136  1.00 26.02 ? 157 ASP A O   1 
ATOM   1288 C CB  . ASP A 1 158 ? -7.480  -18.966 -1.333  1.00 32.30 ? 157 ASP A CB  1 
ATOM   1289 C CG  . ASP A 1 158 ? -6.756  -18.682 -0.028  1.00 38.54 ? 157 ASP A CG  1 
ATOM   1290 O OD1 . ASP A 1 158 ? -5.691  -18.033 -0.063  1.00 40.82 ? 157 ASP A OD1 1 
ATOM   1291 O OD2 . ASP A 1 158 ? -7.244  -19.128 1.036   1.00 44.29 ? 157 ASP A OD2 1 
ATOM   1292 N N   . ILE A 1 159 ? -6.965  -18.805 -4.384  1.00 27.04 ? 158 ILE A N   1 
ATOM   1293 C CA  . ILE A 1 159 ? -7.184  -19.334 -5.726  1.00 29.33 ? 158 ILE A CA  1 
ATOM   1294 C C   . ILE A 1 159 ? -7.578  -20.799 -5.497  1.00 29.98 ? 158 ILE A C   1 
ATOM   1295 O O   . ILE A 1 159 ? -6.978  -21.477 -4.654  1.00 28.39 ? 158 ILE A O   1 
ATOM   1296 C CB  . ILE A 1 159 ? -5.875  -19.255 -6.560  1.00 29.52 ? 158 ILE A CB  1 
ATOM   1297 C CG1 . ILE A 1 159 ? -5.555  -17.799 -6.893  1.00 27.05 ? 158 ILE A CG1 1 
ATOM   1298 C CG2 . ILE A 1 159 ? -5.993  -20.069 -7.833  1.00 35.33 ? 158 ILE A CG2 1 
ATOM   1299 C CD1 . ILE A 1 159 ? -6.655  -17.107 -7.630  1.00 25.40 ? 158 ILE A CD1 1 
ATOM   1300 N N   . TYR A 1 160 ? -8.590  -21.280 -6.213  1.00 31.36 ? 159 TYR A N   1 
ATOM   1301 C CA  . TYR A 1 160 ? -9.050  -22.660 -6.029  1.00 34.71 ? 159 TYR A CA  1 
ATOM   1302 C C   . TYR A 1 160 ? -8.958  -23.551 -7.264  1.00 32.91 ? 159 TYR A C   1 
ATOM   1303 O O   . TYR A 1 160 ? -9.241  -24.759 -7.124  1.00 32.18 ? 159 TYR A O   1 
ATOM   1304 C CB  . TYR A 1 160 ? -10.486 -22.679 -5.485  1.00 39.78 ? 159 TYR A CB  1 
ATOM   1305 C CG  . TYR A 1 160 ? -10.605 -22.100 -4.089  1.00 47.69 ? 159 TYR A CG  1 
ATOM   1306 C CD1 . TYR A 1 160 ? -10.258 -22.859 -2.964  1.00 49.84 ? 159 TYR A CD1 1 
ATOM   1307 C CD2 . TYR A 1 160 ? -11.030 -20.782 -3.891  1.00 48.56 ? 159 TYR A CD2 1 
ATOM   1308 C CE1 . TYR A 1 160 ? -10.328 -22.317 -1.679  1.00 51.32 ? 159 TYR A CE1 1 
ATOM   1309 C CE2 . TYR A 1 160 ? -11.103 -20.229 -2.607  1.00 51.43 ? 159 TYR A CE2 1 
ATOM   1310 C CZ  . TYR A 1 160 ? -10.749 -21.003 -1.512  1.00 52.97 ? 159 TYR A CZ  1 
ATOM   1311 O OH  . TYR A 1 160 ? -10.803 -20.454 -0.252  1.00 55.99 ? 159 TYR A OH  1 
HETATM 1312 O O   . HOH B 2 .   ? -13.492 -6.659  -2.942  1.00 27.38 ? 160 HOH A O   1 
HETATM 1313 O O   . HOH B 2 .   ? -14.056 -5.760  -0.390  1.00 53.44 ? 161 HOH A O   1 
HETATM 1314 O O   . HOH B 2 .   ? -7.309  -7.492  8.235   1.00 23.82 ? 162 HOH A O   1 
HETATM 1315 O O   . HOH B 2 .   ? -9.663  -4.745  7.605   1.00 26.14 ? 163 HOH A O   1 
HETATM 1316 O O   . HOH B 2 .   ? 7.611   -7.551  1.348   1.00 29.20 ? 164 HOH A O   1 
HETATM 1317 O O   . HOH B 2 .   ? 15.564  3.162   4.776   1.00 33.70 ? 165 HOH A O   1 
HETATM 1318 O O   . HOH B 2 .   ? -8.445  5.639   11.637  1.00 32.80 ? 166 HOH A O   1 
HETATM 1319 O O   . HOH B 2 .   ? -3.987  0.828   16.706  1.00 40.33 ? 167 HOH A O   1 
HETATM 1320 O O   . HOH B 2 .   ? 7.405   6.787   -5.558  1.00 26.98 ? 168 HOH A O   1 
HETATM 1321 O O   . HOH B 2 .   ? -4.610  -19.185 -2.962  1.00 32.11 ? 169 HOH A O   1 
HETATM 1322 O O   . HOH B 2 .   ? -6.991  4.141   -2.335  1.00 24.26 ? 170 HOH A O   1 
HETATM 1323 O O   . HOH B 2 .   ? -6.726  9.025   4.647   1.00 18.49 ? 171 HOH A O   1 
HETATM 1324 O O   . HOH B 2 .   ? -2.430  7.925   1.871   1.00 15.84 ? 172 HOH A O   1 
HETATM 1325 O O   . HOH B 2 .   ? -7.092  15.364  7.250   1.00 36.74 ? 173 HOH A O   1 
HETATM 1326 O O   . HOH B 2 .   ? -9.307  12.922  7.837   1.00 49.76 ? 174 HOH A O   1 
HETATM 1327 O O   . HOH B 2 .   ? -1.999  11.564  -10.516 1.00 29.20 ? 175 HOH A O   1 
HETATM 1328 O O   . HOH B 2 .   ? -2.665  14.033  -7.565  1.00 30.42 ? 176 HOH A O   1 
HETATM 1329 O O   . HOH B 2 .   ? 4.301   2.464   -12.213 1.00 26.05 ? 177 HOH A O   1 
HETATM 1330 O O   . HOH B 2 .   ? -9.483  -1.543  -12.442 1.00 33.29 ? 178 HOH A O   1 
HETATM 1331 O O   . HOH B 2 .   ? -1.201  0.613   -11.877 1.00 18.52 ? 179 HOH A O   1 
HETATM 1332 O O   . HOH B 2 .   ? -9.072  10.405  1.740   1.00 21.70 ? 180 HOH A O   1 
HETATM 1333 O O   . HOH B 2 .   ? -12.542 -0.323  -11.282 1.00 28.25 ? 181 HOH A O   1 
HETATM 1334 O O   . HOH B 2 .   ? 9.187   -9.636  3.009   1.00 33.69 ? 182 HOH A O   1 
HETATM 1335 O O   . HOH B 2 .   ? 9.878   -6.176  7.814   1.00 41.41 ? 183 HOH A O   1 
HETATM 1336 O O   . HOH B 2 .   ? 10.737  -3.824  6.748   1.00 46.19 ? 184 HOH A O   1 
HETATM 1337 O O   . HOH B 2 .   ? 11.660  -2.694  4.315   1.00 34.88 ? 185 HOH A O   1 
HETATM 1338 O O   . HOH B 2 .   ? 12.817  -0.193  3.800   1.00 30.43 ? 186 HOH A O   1 
HETATM 1339 O O   . HOH B 2 .   ? 8.226   -2.004  -8.647  1.00 39.58 ? 187 HOH A O   1 
HETATM 1340 O O   . HOH B 2 .   ? -7.035  17.401  4.114   1.00 38.22 ? 188 HOH A O   1 
HETATM 1341 O O   . HOH B 2 .   ? -4.513  6.044   -15.496 1.00 39.61 ? 189 HOH A O   1 
HETATM 1342 O O   . HOH B 2 .   ? -5.576  3.735   -17.571 1.00 41.45 ? 190 HOH A O   1 
HETATM 1343 O O   . HOH B 2 .   ? -4.278  1.359   -17.523 1.00 28.24 ? 191 HOH A O   1 
HETATM 1344 O O   . HOH B 2 .   ? -13.956 -7.512  -11.225 1.00 27.13 ? 192 HOH A O   1 
HETATM 1345 O O   . HOH B 2 .   ? -3.365  -10.445 -12.665 1.00 34.44 ? 193 HOH A O   1 
HETATM 1346 O O   . HOH B 2 .   ? 2.884   17.767  -2.442  1.00 31.29 ? 194 HOH A O   1 
HETATM 1347 O O   . HOH B 2 .   ? -15.524 -8.400  -4.298  1.00 68.55 ? 195 HOH A O   1 
HETATM 1348 O O   . HOH B 2 .   ? -9.988  -7.149  9.236   1.00 42.12 ? 196 HOH A O   1 
HETATM 1349 O O   . HOH B 2 .   ? 3.009   -9.587  12.783  1.00 47.52 ? 197 HOH A O   1 
HETATM 1350 O O   . HOH B 2 .   ? 7.096   -10.681 11.388  1.00 41.53 ? 198 HOH A O   1 
HETATM 1351 O O   . HOH B 2 .   ? 6.011   16.903  -0.744  1.00 48.58 ? 199 HOH A O   1 
HETATM 1352 O O   . HOH B 2 .   ? -9.454  -26.203 -4.887  1.00 26.11 ? 200 HOH A O   1 
HETATM 1353 O O   . HOH B 2 .   ? -10.027 -17.954 0.092   1.00 42.94 ? 201 HOH A O   1 
HETATM 1354 O O   . HOH B 2 .   ? -10.311 -17.378 -6.502  1.00 36.00 ? 202 HOH A O   1 
HETATM 1355 O O   . HOH B 2 .   ? -7.678  -2.116  13.979  1.00 55.68 ? 203 HOH A O   1 
HETATM 1356 O O   . HOH B 2 .   ? 0.905   0.335   12.943  1.00 32.33 ? 204 HOH A O   1 
HETATM 1357 O O   . HOH B 2 .   ? 8.685   3.906   -7.579  1.00 43.95 ? 205 HOH A O   1 
HETATM 1358 O O   . HOH B 2 .   ? 9.427   -12.653 0.085   1.00 55.05 ? 206 HOH A O   1 
HETATM 1359 O O   . HOH B 2 .   ? 0.750   -20.006 -4.276  1.00 55.59 ? 207 HOH A O   1 
HETATM 1360 O O   . HOH B 2 .   ? -2.974  9.647   11.695  1.00 23.98 ? 208 HOH A O   1 
HETATM 1361 O O   . HOH B 2 .   ? 1.988   19.284  -0.004  1.00 57.46 ? 209 HOH A O   1 
HETATM 1362 O O   . HOH B 2 .   ? -12.660 -6.521  -8.082  1.00 23.50 ? 210 HOH A O   1 
HETATM 1363 O O   . HOH B 2 .   ? 9.753   16.533  -0.169  1.00 59.91 ? 212 HOH A O   1 
HETATM 1364 O O   . HOH B 2 .   ? -14.187 1.689   5.081   1.00 44.01 ? 213 HOH A O   1 
HETATM 1365 O O   . HOH B 2 .   ? -15.119 -2.696  3.019   1.00 73.20 ? 214 HOH A O   1 
HETATM 1366 O O   . HOH B 2 .   ? -0.633  -13.466 3.959   1.00 45.70 ? 215 HOH A O   1 
HETATM 1367 O O   . HOH B 2 .   ? 15.037  9.014   8.292   1.00 37.75 ? 216 HOH A O   1 
HETATM 1368 O O   . HOH B 2 .   ? 6.524   12.707  10.340  1.00 61.82 ? 217 HOH A O   1 
HETATM 1369 O O   . HOH B 2 .   ? 8.515   0.405   13.645  1.00 37.00 ? 218 HOH A O   1 
HETATM 1370 O O   . HOH B 2 .   ? -3.079  7.917   16.694  1.00 42.18 ? 219 HOH A O   1 
HETATM 1371 O O   . HOH B 2 .   ? 12.755  -3.386  -7.019  1.00 53.69 ? 220 HOH A O   1 
HETATM 1372 O O   . HOH B 2 .   ? -4.897  -8.348  -13.515 1.00 34.37 ? 221 HOH A O   1 
HETATM 1373 O O   . HOH B 2 .   ? -11.524 0.372   -14.627 1.00 56.60 ? 222 HOH A O   1 
HETATM 1374 O O   . HOH B 2 .   ? -11.600 11.424  -0.592  1.00 60.54 ? 223 HOH A O   1 
HETATM 1375 O O   . HOH B 2 .   ? -11.843 -3.493  6.516   1.00 45.87 ? 224 HOH A O   1 
HETATM 1376 O O   . HOH B 2 .   ? 10.883  -8.534  -3.575  1.00 58.61 ? 225 HOH A O   1 
HETATM 1377 O O   . HOH B 2 .   ? -6.351  12.841  -4.222  1.00 46.09 ? 226 HOH A O   1 
HETATM 1378 O O   . HOH B 2 .   ? -9.044  5.507   -9.081  1.00 25.77 ? 227 HOH A O   1 
HETATM 1379 O O   . HOH B 2 .   ? -10.203 10.096  -4.166  1.00 52.66 ? 228 HOH A O   1 
HETATM 1380 O O   . HOH B 2 .   ? 6.285   10.869  -8.410  1.00 22.55 ? 229 HOH A O   1 
HETATM 1381 O O   . HOH B 2 .   ? -13.492 -1.671  5.338   1.00 64.42 ? 230 HOH A O   1 
HETATM 1382 O O   . HOH B 2 .   ? 15.177  7.610   -2.291  1.00 60.18 ? 231 HOH A O   1 
HETATM 1383 O O   . HOH B 2 .   ? -2.786  -5.709  -15.570 1.00 35.46 ? 232 HOH A O   1 
HETATM 1384 O O   . HOH B 2 .   ? -11.856 9.924   2.057   1.00 55.70 ? 233 HOH A O   1 
HETATM 1385 O O   . HOH B 2 .   ? -14.076 4.916   -0.965  1.00 47.96 ? 234 HOH A O   1 
HETATM 1386 O O   . HOH B 2 .   ? 10.234  2.777   16.419  1.00 53.69 ? 235 HOH A O   1 
HETATM 1387 O O   . HOH B 2 .   ? 7.817   16.243  -2.563  1.00 49.87 ? 236 HOH A O   1 
HETATM 1388 O O   . HOH B 2 .   ? -3.450  -13.078 3.402   1.00 39.30 ? 237 HOH A O   1 
HETATM 1389 O O   . HOH B 2 .   ? -0.384  18.753  -2.212  1.00 40.97 ? 238 HOH A O   1 
HETATM 1390 O O   . HOH B 2 .   ? -3.523  18.613  -6.906  1.00 35.16 ? 239 HOH A O   1 
HETATM 1391 O O   . HOH B 2 .   ? -13.115 1.292   -7.716  1.00 32.71 ? 240 HOH A O   1 
HETATM 1392 O O   . HOH B 2 .   ? -12.249 5.274   -5.215  1.00 37.56 ? 241 HOH A O   1 
HETATM 1393 O O   . HOH B 2 .   ? -12.384 3.717   -11.806 1.00 54.56 ? 242 HOH A O   1 
HETATM 1394 O O   . HOH B 2 .   ? -2.821  11.307  -13.189 1.00 44.14 ? 243 HOH A O   1 
HETATM 1395 O O   . HOH B 2 .   ? -0.180  -16.035 9.660   1.00 62.20 ? 244 HOH A O   1 
HETATM 1396 O O   . HOH B 2 .   ? 3.244   7.401   -14.843 1.00 66.12 ? 245 HOH A O   1 
HETATM 1397 O O   . HOH B 2 .   ? -13.266 -17.019 -6.927  1.00 50.89 ? 246 HOH A O   1 
HETATM 1398 O O   . HOH B 2 .   ? 0.166   6.752   -16.274 1.00 47.85 ? 247 HOH A O   1 
HETATM 1399 O O   . HOH B 2 .   ? -8.247  -11.243 -13.436 1.00 52.30 ? 248 HOH A O   1 
HETATM 1400 O O   . HOH B 2 .   ? -7.129  -23.065 -2.026  1.00 53.27 ? 249 HOH A O   1 
HETATM 1401 O O   . HOH B 2 .   ? 8.942   10.793  13.637  1.00 48.41 ? 250 HOH A O   1 
# 
